data_5YIQ
# 
_entry.id   5YIQ 
# 
_audit_conform.dict_name       mmcif_pdbx.dic 
_audit_conform.dict_version    5.380 
_audit_conform.dict_location   http://mmcif.pdb.org/dictionaries/ascii/mmcif_pdbx.dic 
# 
loop_
_database_2.database_id 
_database_2.database_code 
_database_2.pdbx_database_accession 
_database_2.pdbx_DOI 
PDB   5YIQ         pdb_00005yiq 10.2210/pdb5yiq/pdb 
WWPDB D_1300005359 ?            ?                   
# 
_pdbx_database_status.status_code                     REL 
_pdbx_database_status.status_code_sf                  REL 
_pdbx_database_status.status_code_mr                  ? 
_pdbx_database_status.entry_id                        5YIQ 
_pdbx_database_status.recvd_initial_deposition_date   2017-10-06 
_pdbx_database_status.SG_entry                        N 
_pdbx_database_status.deposit_site                    PDBJ 
_pdbx_database_status.process_site                    PDBJ 
_pdbx_database_status.status_code_cs                  ? 
_pdbx_database_status.methods_development_category    ? 
_pdbx_database_status.pdb_format_compatible           Y 
_pdbx_database_status.status_code_nmr_data            ? 
# 
loop_
_audit_author.name 
_audit_author.pdbx_ordinal 
_audit_author.identifier_ORCID 
'Li, J.'    1 0000-0002-8921-1626 
'Zhu, R.'   2 ?                   
'Chen, K.'  3 0000-0003-0321-0604 
'Zheng, H.' 4 ?                   
'Yuan, C.'  5 ?                   
'Zhang, H.' 6 ?                   
'Wang, C.'  7 ?                   
'Zhang, M.' 8 0000-0001-9404-0190 
# 
_citation.abstract                  ? 
_citation.abstract_id_CAS           ? 
_citation.book_id_ISBN              ? 
_citation.book_publisher            ? 
_citation.book_publisher_city       ? 
_citation.book_title                ? 
_citation.coordinate_linkage        ? 
_citation.country                   US 
_citation.database_id_Medline       ? 
_citation.details                   ? 
_citation.id                        primary 
_citation.journal_abbrev            'Nat. Chem. Biol.' 
_citation.journal_id_ASTM           ? 
_citation.journal_id_CSD            ? 
_citation.journal_id_ISSN           1552-4469 
_citation.journal_full              ? 
_citation.journal_issue             ? 
_citation.journal_volume            14 
_citation.language                  ? 
_citation.page_first                778 
_citation.page_last                 787 
_citation.title                     'Potent and specific Atg8-targeting autophagy inhibitory peptides from giant ankyrins.' 
_citation.year                      2018 
_citation.database_id_CSD           ? 
_citation.pdbx_database_id_DOI      10.1038/s41589-018-0082-8 
_citation.pdbx_database_id_PubMed   29867141 
_citation.unpublished_flag          ? 
# 
loop_
_citation_author.citation_id 
_citation_author.name 
_citation_author.ordinal 
_citation_author.identifier_ORCID 
primary 'Li, J.'    1 0000-0002-8921-1626 
primary 'Zhu, R.'   2 0000-0002-5991-1365 
primary 'Chen, K.'  3 ?                   
primary 'Zheng, H.' 4 ?                   
primary 'Zhao, H.'  5 ?                   
primary 'Yuan, C.'  6 ?                   
primary 'Zhang, H.' 7 ?                   
primary 'Wang, C.'  8 ?                   
primary 'Zhang, M.' 9 0000-0001-9404-0190 
# 
_cell.angle_alpha                  90.000 
_cell.angle_alpha_esd              ? 
_cell.angle_beta                   90.000 
_cell.angle_beta_esd               ? 
_cell.angle_gamma                  120.000 
_cell.angle_gamma_esd              ? 
_cell.entry_id                     5YIQ 
_cell.details                      ? 
_cell.formula_units_Z              ? 
_cell.length_a                     64.553 
_cell.length_a_esd                 ? 
_cell.length_b                     64.553 
_cell.length_b_esd                 ? 
_cell.length_c                     155.461 
_cell.length_c_esd                 ? 
_cell.volume                       ? 
_cell.volume_esd                   ? 
_cell.Z_PDB                        12 
_cell.reciprocal_angle_alpha       ? 
_cell.reciprocal_angle_beta        ? 
_cell.reciprocal_angle_gamma       ? 
_cell.reciprocal_angle_alpha_esd   ? 
_cell.reciprocal_angle_beta_esd    ? 
_cell.reciprocal_angle_gamma_esd   ? 
_cell.reciprocal_length_a          ? 
_cell.reciprocal_length_b          ? 
_cell.reciprocal_length_c          ? 
_cell.reciprocal_length_a_esd      ? 
_cell.reciprocal_length_b_esd      ? 
_cell.reciprocal_length_c_esd      ? 
_cell.pdbx_unique_axis             ? 
# 
_symmetry.entry_id                         5YIQ 
_symmetry.cell_setting                     ? 
_symmetry.Int_Tables_number                179 
_symmetry.space_group_name_Hall            ? 
_symmetry.space_group_name_H-M             'P 65 2 2' 
_symmetry.pdbx_full_space_group_name_H-M   ? 
# 
loop_
_entity.id 
_entity.type 
_entity.src_method 
_entity.pdbx_description 
_entity.formula_weight 
_entity.pdbx_number_of_molecules 
_entity.pdbx_ec 
_entity.pdbx_mutation 
_entity.pdbx_fragment 
_entity.details 
1 polymer     man 'Microtubule-associated proteins 1A/1B light chain 3B' 14637.859 1 ? ? ?                        ? 
2 polymer     man Ankyrin-3                                              2919.998  1 ? ? 'UNP RESIDUES 1985-2010' ? 
3 non-polymer syn 'ZINC ION'                                             65.409    4 ? ? ?                        ? 
4 water       nat water                                                  18.015    9 ? ? ?                        ? 
# 
loop_
_entity_name_com.entity_id 
_entity_name_com.name 
1 
;Autophagy-related protein LC3 B,Autophagy-related ubiquitin-like modifier LC3 B,MAP1 light chain 3-like protein 2,MAP1A/MAP1B light chain 3 B,MAP1A/MAP1B LC3 B,Microtubule-associated protein 1 light chain 3 beta
;
2 ANK-3,Ankyrin-G 
# 
loop_
_entity_poly.entity_id 
_entity_poly.type 
_entity_poly.nstd_linkage 
_entity_poly.nstd_monomer 
_entity_poly.pdbx_seq_one_letter_code 
_entity_poly.pdbx_seq_one_letter_code_can 
_entity_poly.pdbx_strand_id 
_entity_poly.pdbx_target_identifier 
1 'polypeptide(L)' no no 
;MPSEKTFKQRRSFEQRVEDVRLIREQHPTKIPVIIERYKGEKQLPVLDKTKFLVPDHVNMSELIKIIRRRLQLNANQAFF
LLVNGHSMVSVSTPISEVYESERDEDGFLYMVYASQETFGTAMAV
;
;MPSEKTFKQRRSFEQRVEDVRLIREQHPTKIPVIIERYKGEKQLPVLDKTKFLVPDHVNMSELIKIIRRRLQLNANQAFF
LLVNGHSMVSVSTPISEVYESERDEDGFLYMVYASQETFGTAMAV
;
A ? 
2 'polypeptide(L)' no no PEDDWTEFSSEEIREARQAAASHAPS PEDDWTEFSSEEIREARQAAASHAPS D ? 
# 
loop_
_entity_poly_seq.entity_id 
_entity_poly_seq.num 
_entity_poly_seq.mon_id 
_entity_poly_seq.hetero 
1 1   MET n 
1 2   PRO n 
1 3   SER n 
1 4   GLU n 
1 5   LYS n 
1 6   THR n 
1 7   PHE n 
1 8   LYS n 
1 9   GLN n 
1 10  ARG n 
1 11  ARG n 
1 12  SER n 
1 13  PHE n 
1 14  GLU n 
1 15  GLN n 
1 16  ARG n 
1 17  VAL n 
1 18  GLU n 
1 19  ASP n 
1 20  VAL n 
1 21  ARG n 
1 22  LEU n 
1 23  ILE n 
1 24  ARG n 
1 25  GLU n 
1 26  GLN n 
1 27  HIS n 
1 28  PRO n 
1 29  THR n 
1 30  LYS n 
1 31  ILE n 
1 32  PRO n 
1 33  VAL n 
1 34  ILE n 
1 35  ILE n 
1 36  GLU n 
1 37  ARG n 
1 38  TYR n 
1 39  LYS n 
1 40  GLY n 
1 41  GLU n 
1 42  LYS n 
1 43  GLN n 
1 44  LEU n 
1 45  PRO n 
1 46  VAL n 
1 47  LEU n 
1 48  ASP n 
1 49  LYS n 
1 50  THR n 
1 51  LYS n 
1 52  PHE n 
1 53  LEU n 
1 54  VAL n 
1 55  PRO n 
1 56  ASP n 
1 57  HIS n 
1 58  VAL n 
1 59  ASN n 
1 60  MET n 
1 61  SER n 
1 62  GLU n 
1 63  LEU n 
1 64  ILE n 
1 65  LYS n 
1 66  ILE n 
1 67  ILE n 
1 68  ARG n 
1 69  ARG n 
1 70  ARG n 
1 71  LEU n 
1 72  GLN n 
1 73  LEU n 
1 74  ASN n 
1 75  ALA n 
1 76  ASN n 
1 77  GLN n 
1 78  ALA n 
1 79  PHE n 
1 80  PHE n 
1 81  LEU n 
1 82  LEU n 
1 83  VAL n 
1 84  ASN n 
1 85  GLY n 
1 86  HIS n 
1 87  SER n 
1 88  MET n 
1 89  VAL n 
1 90  SER n 
1 91  VAL n 
1 92  SER n 
1 93  THR n 
1 94  PRO n 
1 95  ILE n 
1 96  SER n 
1 97  GLU n 
1 98  VAL n 
1 99  TYR n 
1 100 GLU n 
1 101 SER n 
1 102 GLU n 
1 103 ARG n 
1 104 ASP n 
1 105 GLU n 
1 106 ASP n 
1 107 GLY n 
1 108 PHE n 
1 109 LEU n 
1 110 TYR n 
1 111 MET n 
1 112 VAL n 
1 113 TYR n 
1 114 ALA n 
1 115 SER n 
1 116 GLN n 
1 117 GLU n 
1 118 THR n 
1 119 PHE n 
1 120 GLY n 
1 121 THR n 
1 122 ALA n 
1 123 MET n 
1 124 ALA n 
1 125 VAL n 
2 1   PRO n 
2 2   GLU n 
2 3   ASP n 
2 4   ASP n 
2 5   TRP n 
2 6   THR n 
2 7   GLU n 
2 8   PHE n 
2 9   SER n 
2 10  SER n 
2 11  GLU n 
2 12  GLU n 
2 13  ILE n 
2 14  ARG n 
2 15  GLU n 
2 16  ALA n 
2 17  ARG n 
2 18  GLN n 
2 19  ALA n 
2 20  ALA n 
2 21  ALA n 
2 22  SER n 
2 23  HIS n 
2 24  ALA n 
2 25  PRO n 
2 26  SER n 
# 
loop_
_entity_src_gen.entity_id 
_entity_src_gen.pdbx_src_id 
_entity_src_gen.pdbx_alt_source_flag 
_entity_src_gen.pdbx_seq_type 
_entity_src_gen.pdbx_beg_seq_num 
_entity_src_gen.pdbx_end_seq_num 
_entity_src_gen.gene_src_common_name 
_entity_src_gen.gene_src_genus 
_entity_src_gen.pdbx_gene_src_gene 
_entity_src_gen.gene_src_species 
_entity_src_gen.gene_src_strain 
_entity_src_gen.gene_src_tissue 
_entity_src_gen.gene_src_tissue_fraction 
_entity_src_gen.gene_src_details 
_entity_src_gen.pdbx_gene_src_fragment 
_entity_src_gen.pdbx_gene_src_scientific_name 
_entity_src_gen.pdbx_gene_src_ncbi_taxonomy_id 
_entity_src_gen.pdbx_gene_src_variant 
_entity_src_gen.pdbx_gene_src_cell_line 
_entity_src_gen.pdbx_gene_src_atcc 
_entity_src_gen.pdbx_gene_src_organ 
_entity_src_gen.pdbx_gene_src_organelle 
_entity_src_gen.pdbx_gene_src_cell 
_entity_src_gen.pdbx_gene_src_cellular_location 
_entity_src_gen.host_org_common_name 
_entity_src_gen.pdbx_host_org_scientific_name 
_entity_src_gen.pdbx_host_org_ncbi_taxonomy_id 
_entity_src_gen.host_org_genus 
_entity_src_gen.pdbx_host_org_gene 
_entity_src_gen.pdbx_host_org_organ 
_entity_src_gen.host_org_species 
_entity_src_gen.pdbx_host_org_tissue 
_entity_src_gen.pdbx_host_org_tissue_fraction 
_entity_src_gen.pdbx_host_org_strain 
_entity_src_gen.pdbx_host_org_variant 
_entity_src_gen.pdbx_host_org_cell_line 
_entity_src_gen.pdbx_host_org_atcc 
_entity_src_gen.pdbx_host_org_culture_collection 
_entity_src_gen.pdbx_host_org_cell 
_entity_src_gen.pdbx_host_org_organelle 
_entity_src_gen.pdbx_host_org_cellular_location 
_entity_src_gen.pdbx_host_org_vector_type 
_entity_src_gen.pdbx_host_org_vector 
_entity_src_gen.host_org_details 
_entity_src_gen.expression_system_id 
_entity_src_gen.plasmid_name 
_entity_src_gen.plasmid_details 
_entity_src_gen.pdbx_description 
1 1 sample 'Biological sequence' 1 125 Mouse ? 'Map1lc3b, Map1alc3, Map1lc3' ? ? ? ? ? ? 'Mus musculus'      10090 ? ? ? ? ? ? ? ? 
'Escherichia coli' 562 ? ? ? ? ? ? ? ? ? ? ? ? ? ? ? ? ? ? ? ? ? 
2 1 sample 'Biological sequence' 1 26  Rat   ? Ank3                          ? ? ? ? ? ? 'Rattus norvegicus' 10116 ? ? ? ? ? ? ? ? 
'Escherichia coli' 562 ? ? ? ? ? ? ? ? ? ? ? ? ? ? ? ? ? ? ? ? ? 
# 
loop_
_struct_ref.id 
_struct_ref.db_name 
_struct_ref.db_code 
_struct_ref.pdbx_db_accession 
_struct_ref.pdbx_db_isoform 
_struct_ref.entity_id 
_struct_ref.pdbx_seq_one_letter_code 
_struct_ref.pdbx_align_begin 
1 UNP MLP3B_MOUSE Q9CQV6 ? 1 
;MPSEKTFKQRRSFEQRVEDVRLIREQHPTKIPVIIERYKGEKQLPVLDKTKFLVPDHVNMSELIKIIRRRLQLNANQAFF
LLVNGHSMVSVSTPISEVYESERDEDGFLYMVYASQETFGTAMAV
;
1    
2 UNP ANK3_RAT    O70511 ? 2 PEDDWTEFSSEEIREARQAAASHAPS 1985 
# 
loop_
_struct_ref_seq.align_id 
_struct_ref_seq.ref_id 
_struct_ref_seq.pdbx_PDB_id_code 
_struct_ref_seq.pdbx_strand_id 
_struct_ref_seq.seq_align_beg 
_struct_ref_seq.pdbx_seq_align_beg_ins_code 
_struct_ref_seq.seq_align_end 
_struct_ref_seq.pdbx_seq_align_end_ins_code 
_struct_ref_seq.pdbx_db_accession 
_struct_ref_seq.db_align_beg 
_struct_ref_seq.pdbx_db_align_beg_ins_code 
_struct_ref_seq.db_align_end 
_struct_ref_seq.pdbx_db_align_end_ins_code 
_struct_ref_seq.pdbx_auth_seq_align_beg 
_struct_ref_seq.pdbx_auth_seq_align_end 
1 1 5YIQ A 1 ? 125 ? Q9CQV6 1    ? 125  ? 1   125 
2 2 5YIQ D 1 ? 26  ? O70511 1985 ? 2010 ? 120 145 
# 
loop_
_chem_comp.id 
_chem_comp.type 
_chem_comp.mon_nstd_flag 
_chem_comp.name 
_chem_comp.pdbx_synonyms 
_chem_comp.formula 
_chem_comp.formula_weight 
ALA 'L-peptide linking' y ALANINE         ? 'C3 H7 N O2'     89.093  
ARG 'L-peptide linking' y ARGININE        ? 'C6 H15 N4 O2 1' 175.209 
ASN 'L-peptide linking' y ASPARAGINE      ? 'C4 H8 N2 O3'    132.118 
ASP 'L-peptide linking' y 'ASPARTIC ACID' ? 'C4 H7 N O4'     133.103 
GLN 'L-peptide linking' y GLUTAMINE       ? 'C5 H10 N2 O3'   146.144 
GLU 'L-peptide linking' y 'GLUTAMIC ACID' ? 'C5 H9 N O4'     147.129 
GLY 'peptide linking'   y GLYCINE         ? 'C2 H5 N O2'     75.067  
HIS 'L-peptide linking' y HISTIDINE       ? 'C6 H10 N3 O2 1' 156.162 
HOH non-polymer         . WATER           ? 'H2 O'           18.015  
ILE 'L-peptide linking' y ISOLEUCINE      ? 'C6 H13 N O2'    131.173 
LEU 'L-peptide linking' y LEUCINE         ? 'C6 H13 N O2'    131.173 
LYS 'L-peptide linking' y LYSINE          ? 'C6 H15 N2 O2 1' 147.195 
MET 'L-peptide linking' y METHIONINE      ? 'C5 H11 N O2 S'  149.211 
PHE 'L-peptide linking' y PHENYLALANINE   ? 'C9 H11 N O2'    165.189 
PRO 'L-peptide linking' y PROLINE         ? 'C5 H9 N O2'     115.130 
SER 'L-peptide linking' y SERINE          ? 'C3 H7 N O3'     105.093 
THR 'L-peptide linking' y THREONINE       ? 'C4 H9 N O3'     119.119 
TRP 'L-peptide linking' y TRYPTOPHAN      ? 'C11 H12 N2 O2'  204.225 
TYR 'L-peptide linking' y TYROSINE        ? 'C9 H11 N O3'    181.189 
VAL 'L-peptide linking' y VALINE          ? 'C5 H11 N O2'    117.146 
ZN  non-polymer         . 'ZINC ION'      ? 'Zn 2'           65.409  
# 
_exptl.absorpt_coefficient_mu     ? 
_exptl.absorpt_correction_T_max   ? 
_exptl.absorpt_correction_T_min   ? 
_exptl.absorpt_correction_type    ? 
_exptl.absorpt_process_details    ? 
_exptl.entry_id                   5YIQ 
_exptl.crystals_number            1 
_exptl.details                    ? 
_exptl.method                     'X-RAY DIFFRACTION' 
_exptl.method_details             ? 
# 
_exptl_crystal.colour                      ? 
_exptl_crystal.density_diffrn              ? 
_exptl_crystal.density_Matthews            2.65 
_exptl_crystal.density_method              ? 
_exptl_crystal.density_percent_sol         53.62 
_exptl_crystal.description                 ? 
_exptl_crystal.F_000                       ? 
_exptl_crystal.id                          1 
_exptl_crystal.preparation                 ? 
_exptl_crystal.size_max                    ? 
_exptl_crystal.size_mid                    ? 
_exptl_crystal.size_min                    ? 
_exptl_crystal.size_rad                    ? 
_exptl_crystal.colour_lustre               ? 
_exptl_crystal.colour_modifier             ? 
_exptl_crystal.colour_primary              ? 
_exptl_crystal.density_meas                ? 
_exptl_crystal.density_meas_esd            ? 
_exptl_crystal.density_meas_gt             ? 
_exptl_crystal.density_meas_lt             ? 
_exptl_crystal.density_meas_temp           ? 
_exptl_crystal.density_meas_temp_esd       ? 
_exptl_crystal.density_meas_temp_gt        ? 
_exptl_crystal.density_meas_temp_lt        ? 
_exptl_crystal.pdbx_crystal_image_url      ? 
_exptl_crystal.pdbx_crystal_image_format   ? 
_exptl_crystal.pdbx_mosaicity              ? 
_exptl_crystal.pdbx_mosaicity_esd          ? 
# 
_exptl_crystal_grow.apparatus       ? 
_exptl_crystal_grow.atmosphere      ? 
_exptl_crystal_grow.crystal_id      1 
_exptl_crystal_grow.details         ? 
_exptl_crystal_grow.method          'VAPOR DIFFUSION' 
_exptl_crystal_grow.method_ref      ? 
_exptl_crystal_grow.pH              6.5 
_exptl_crystal_grow.pressure        ? 
_exptl_crystal_grow.pressure_esd    ? 
_exptl_crystal_grow.seeding         ? 
_exptl_crystal_grow.seeding_ref     ? 
_exptl_crystal_grow.temp            289 
_exptl_crystal_grow.temp_details    ? 
_exptl_crystal_grow.temp_esd        ? 
_exptl_crystal_grow.time            ? 
_exptl_crystal_grow.pdbx_details    '10% v/v 2-propanol, 0.2 M zinc acetate, 0.1 M MES buffer (pH 6.5)' 
_exptl_crystal_grow.pdbx_pH_range   ? 
# 
_diffrn.ambient_environment    ? 
_diffrn.ambient_temp           100 
_diffrn.ambient_temp_details   ? 
_diffrn.ambient_temp_esd       ? 
_diffrn.crystal_id             1 
_diffrn.crystal_support        ? 
_diffrn.crystal_treatment      ? 
_diffrn.details                ? 
_diffrn.id                     1 
_diffrn.ambient_pressure       ? 
_diffrn.ambient_pressure_esd   ? 
_diffrn.ambient_pressure_gt    ? 
_diffrn.ambient_pressure_lt    ? 
_diffrn.ambient_temp_gt        ? 
_diffrn.ambient_temp_lt        ? 
# 
_diffrn_detector.details                      ? 
_diffrn_detector.detector                     CCD 
_diffrn_detector.diffrn_id                    1 
_diffrn_detector.type                         'ADSC QUANTUM 315r' 
_diffrn_detector.area_resol_mean              ? 
_diffrn_detector.dtime                        ? 
_diffrn_detector.pdbx_frames_total            ? 
_diffrn_detector.pdbx_collection_time_total   ? 
_diffrn_detector.pdbx_collection_date         2015-11-12 
# 
_diffrn_radiation.collimation                      ? 
_diffrn_radiation.diffrn_id                        1 
_diffrn_radiation.filter_edge                      ? 
_diffrn_radiation.inhomogeneity                    ? 
_diffrn_radiation.monochromator                    ? 
_diffrn_radiation.polarisn_norm                    ? 
_diffrn_radiation.polarisn_ratio                   ? 
_diffrn_radiation.probe                            ? 
_diffrn_radiation.type                             ? 
_diffrn_radiation.xray_symbol                      ? 
_diffrn_radiation.wavelength_id                    1 
_diffrn_radiation.pdbx_monochromatic_or_laue_m_l   M 
_diffrn_radiation.pdbx_wavelength_list             ? 
_diffrn_radiation.pdbx_wavelength                  ? 
_diffrn_radiation.pdbx_diffrn_protocol             'SINGLE WAVELENGTH' 
_diffrn_radiation.pdbx_analyzer                    ? 
_diffrn_radiation.pdbx_scattering_type             x-ray 
# 
_diffrn_radiation_wavelength.id           1 
_diffrn_radiation_wavelength.wavelength   0.9793 
_diffrn_radiation_wavelength.wt           1.0 
# 
_diffrn_source.current                     ? 
_diffrn_source.details                     ? 
_diffrn_source.diffrn_id                   1 
_diffrn_source.power                       ? 
_diffrn_source.size                        ? 
_diffrn_source.source                      SYNCHROTRON 
_diffrn_source.target                      ? 
_diffrn_source.type                        'SSRF BEAMLINE BL17U1' 
_diffrn_source.voltage                     ? 
_diffrn_source.take-off_angle              ? 
_diffrn_source.pdbx_wavelength_list        0.9793 
_diffrn_source.pdbx_wavelength             ? 
_diffrn_source.pdbx_synchrotron_beamline   BL17U1 
_diffrn_source.pdbx_synchrotron_site       SSRF 
# 
_reflns.B_iso_Wilson_estimate            ? 
_reflns.entry_id                         5YIQ 
_reflns.data_reduction_details           ? 
_reflns.data_reduction_method            ? 
_reflns.d_resolution_high                2.600 
_reflns.d_resolution_low                 50.000 
_reflns.details                          ? 
_reflns.limit_h_max                      ? 
_reflns.limit_h_min                      ? 
_reflns.limit_k_max                      ? 
_reflns.limit_k_min                      ? 
_reflns.limit_l_max                      ? 
_reflns.limit_l_min                      ? 
_reflns.number_all                       ? 
_reflns.number_obs                       6417 
_reflns.observed_criterion               ? 
_reflns.observed_criterion_F_max         ? 
_reflns.observed_criterion_F_min         ? 
_reflns.observed_criterion_I_max         ? 
_reflns.observed_criterion_I_min         ? 
_reflns.observed_criterion_sigma_F       ? 
_reflns.observed_criterion_sigma_I       ? 
_reflns.percent_possible_obs             99.700 
_reflns.R_free_details                   ? 
_reflns.Rmerge_F_all                     ? 
_reflns.Rmerge_F_obs                     ? 
_reflns.Friedel_coverage                 ? 
_reflns.number_gt                        ? 
_reflns.threshold_expression             ? 
_reflns.pdbx_redundancy                  5.300 
_reflns.pdbx_Rmerge_I_obs                0.134 
_reflns.pdbx_Rmerge_I_all                ? 
_reflns.pdbx_Rsym_value                  ? 
_reflns.pdbx_netI_over_av_sigmaI         ? 
_reflns.pdbx_netI_over_sigmaI            7.400 
_reflns.pdbx_res_netI_over_av_sigmaI_2   ? 
_reflns.pdbx_res_netI_over_sigmaI_2      ? 
_reflns.pdbx_chi_squared                 1.959 
_reflns.pdbx_scaling_rejects             ? 
_reflns.pdbx_d_res_high_opt              ? 
_reflns.pdbx_d_res_low_opt               ? 
_reflns.pdbx_d_res_opt_method            ? 
_reflns.phase_calculation_details        ? 
_reflns.pdbx_Rrim_I_all                  0.149 
_reflns.pdbx_Rpim_I_all                  0.064 
_reflns.pdbx_d_opt                       ? 
_reflns.pdbx_number_measured_all         ? 
_reflns.pdbx_diffrn_id                   1 
_reflns.pdbx_ordinal                     1 
_reflns.pdbx_CC_half                     ? 
_reflns.pdbx_R_split                     ? 
# 
loop_
_reflns_shell.d_res_high 
_reflns_shell.d_res_low 
_reflns_shell.meanI_over_sigI_all 
_reflns_shell.meanI_over_sigI_obs 
_reflns_shell.number_measured_all 
_reflns_shell.number_measured_obs 
_reflns_shell.number_possible 
_reflns_shell.number_unique_all 
_reflns_shell.number_unique_obs 
_reflns_shell.percent_possible_all 
_reflns_shell.percent_possible_obs 
_reflns_shell.Rmerge_F_all 
_reflns_shell.Rmerge_F_obs 
_reflns_shell.Rmerge_I_all 
_reflns_shell.Rmerge_I_obs 
_reflns_shell.meanI_over_sigI_gt 
_reflns_shell.meanI_over_uI_all 
_reflns_shell.meanI_over_uI_gt 
_reflns_shell.number_measured_gt 
_reflns_shell.number_unique_gt 
_reflns_shell.percent_possible_gt 
_reflns_shell.Rmerge_F_gt 
_reflns_shell.Rmerge_I_gt 
_reflns_shell.pdbx_redundancy 
_reflns_shell.pdbx_Rsym_value 
_reflns_shell.pdbx_chi_squared 
_reflns_shell.pdbx_netI_over_sigmaI_all 
_reflns_shell.pdbx_netI_over_sigmaI_obs 
_reflns_shell.pdbx_Rrim_I_all 
_reflns_shell.pdbx_Rpim_I_all 
_reflns_shell.pdbx_rejects 
_reflns_shell.pdbx_ordinal 
_reflns_shell.pdbx_diffrn_id 
_reflns_shell.pdbx_CC_half 
_reflns_shell.pdbx_R_split 
2.600 2.640  ? 1.9 ? ? ? ? 310 100.000 ? ? ? ? 1.210 ? ? ? ? ? ? ? ? 5.600 ? 1.344 ? ? 1.338 0.563 ? 1  1 0.547 ? 
2.640 2.690  ? ?   ? ? ? ? 319 100.000 ? ? ? ? 1.000 ? ? ? ? ? ? ? ? 5.300 ? 1.517 ? ? 1.108 0.471 ? 2  1 0.706 ? 
2.690 2.740  ? ?   ? ? ? ? 295 100.000 ? ? ? ? 1.078 ? ? ? ? ? ? ? ? 5.600 ? 1.452 ? ? 1.189 0.496 ? 3  1 0.667 ? 
2.740 2.800  ? ?   ? ? ? ? 317 100.000 ? ? ? ? 0.769 ? ? ? ? ? ? ? ? 5.400 ? 1.418 ? ? 0.853 0.362 ? 4  1 0.780 ? 
2.800 2.860  ? ?   ? ? ? ? 302 100.000 ? ? ? ? 0.725 ? ? ? ? ? ? ? ? 5.600 ? 1.561 ? ? 0.802 0.338 ? 5  1 0.817 ? 
2.860 2.930  ? ?   ? ? ? ? 322 100.000 ? ? ? ? 0.644 ? ? ? ? ? ? ? ? 5.400 ? 1.474 ? ? 0.714 0.303 ? 6  1 0.858 ? 
2.930 3.000  ? ?   ? ? ? ? 304 99.700  ? ? ? ? 0.476 ? ? ? ? ? ? ? ? 5.500 ? 1.584 ? ? 0.526 0.222 ? 7  1 0.924 ? 
3.000 3.080  ? ?   ? ? ? ? 313 100.000 ? ? ? ? 0.414 ? ? ? ? ? ? ? ? 5.500 ? 1.527 ? ? 0.458 0.193 ? 8  1 0.929 ? 
3.080 3.170  ? ?   ? ? ? ? 311 100.000 ? ? ? ? 0.320 ? ? ? ? ? ? ? ? 5.400 ? 1.577 ? ? 0.355 0.150 ? 9  1 0.957 ? 
3.170 3.280  ? ?   ? ? ? ? 308 100.000 ? ? ? ? 0.295 ? ? ? ? ? ? ? ? 5.400 ? 1.870 ? ? 0.326 0.139 ? 10 1 0.952 ? 
3.280 3.390  ? ?   ? ? ? ? 314 100.000 ? ? ? ? 0.210 ? ? ? ? ? ? ? ? 5.400 ? 1.912 ? ? 0.233 0.099 ? 11 1 0.982 ? 
3.390 3.530  ? ?   ? ? ? ? 316 100.000 ? ? ? ? 0.182 ? ? ? ? ? ? ? ? 5.400 ? 2.098 ? ? 0.202 0.087 ? 12 1 0.979 ? 
3.530 3.690  ? ?   ? ? ? ? 317 100.000 ? ? ? ? 0.144 ? ? ? ? ? ? ? ? 5.200 ? 2.358 ? ? 0.160 0.068 ? 13 1 0.988 ? 
3.690 3.880  ? ?   ? ? ? ? 321 100.000 ? ? ? ? 0.131 ? ? ? ? ? ? ? ? 5.200 ? 2.340 ? ? 0.146 0.063 ? 14 1 0.985 ? 
3.880 4.130  ? ?   ? ? ? ? 324 99.700  ? ? ? ? 0.095 ? ? ? ? ? ? ? ? 5.100 ? 2.480 ? ? 0.105 0.045 ? 15 1 0.993 ? 
4.130 4.450  ? ?   ? ? ? ? 323 99.700  ? ? ? ? 0.077 ? ? ? ? ? ? ? ? 5.100 ? 2.488 ? ? 0.086 0.037 ? 16 1 0.993 ? 
4.450 4.890  ? ?   ? ? ? ? 330 100.000 ? ? ? ? 0.064 ? ? ? ? ? ? ? ? 4.900 ? 2.511 ? ? 0.071 0.031 ? 17 1 0.995 ? 
4.890 5.600  ? ?   ? ? ? ? 339 99.700  ? ? ? ? 0.071 ? ? ? ? ? ? ? ? 5.100 ? 2.398 ? ? 0.078 0.033 ? 18 1 0.996 ? 
5.600 7.050  ? ?   ? ? ? ? 347 100.000 ? ? ? ? 0.078 ? ? ? ? ? ? ? ? 5.000 ? 2.685 ? ? 0.087 0.038 ? 19 1 0.994 ? 
7.050 50.000 ? ?   ? ? ? ? 385 96.000  ? ? ? ? 0.048 ? ? ? ? ? ? ? ? 4.300 ? 2.776 ? ? 0.055 0.025 ? 20 1 0.998 ? 
# 
_refine.aniso_B[1][1]                            0.6100 
_refine.aniso_B[1][2]                            0.3000 
_refine.aniso_B[1][3]                            0.0000 
_refine.aniso_B[2][2]                            0.6100 
_refine.aniso_B[2][3]                            -0.0000 
_refine.aniso_B[3][3]                            -1.9700 
_refine.B_iso_max                                148.880 
_refine.B_iso_mean                               53.8550 
_refine.B_iso_min                                28.600 
_refine.correlation_coeff_Fo_to_Fc               0.9460 
_refine.correlation_coeff_Fo_to_Fc_free          0.9250 
_refine.details                                  
'HYDROGENS HAVE BEEN ADDED IN THE RIDING POSITIONS U VALUES      : REFINED INDIVIDUALLY' 
_refine.diff_density_max                         ? 
_refine.diff_density_max_esd                     ? 
_refine.diff_density_min                         ? 
_refine.diff_density_min_esd                     ? 
_refine.diff_density_rms                         ? 
_refine.diff_density_rms_esd                     ? 
_refine.entry_id                                 5YIQ 
_refine.pdbx_refine_id                           'X-RAY DIFFRACTION' 
_refine.ls_abs_structure_details                 ? 
_refine.ls_abs_structure_Flack                   ? 
_refine.ls_abs_structure_Flack_esd               ? 
_refine.ls_abs_structure_Rogers                  ? 
_refine.ls_abs_structure_Rogers_esd              ? 
_refine.ls_d_res_high                            2.6000 
_refine.ls_d_res_low                             50 
_refine.ls_extinction_coef                       ? 
_refine.ls_extinction_coef_esd                   ? 
_refine.ls_extinction_expression                 ? 
_refine.ls_extinction_method                     ? 
_refine.ls_goodness_of_fit_all                   ? 
_refine.ls_goodness_of_fit_all_esd               ? 
_refine.ls_goodness_of_fit_obs                   ? 
_refine.ls_goodness_of_fit_obs_esd               ? 
_refine.ls_hydrogen_treatment                    ? 
_refine.ls_matrix_type                           ? 
_refine.ls_number_constraints                    ? 
_refine.ls_number_parameters                     ? 
_refine.ls_number_reflns_all                     ? 
_refine.ls_number_reflns_obs                     6052 
_refine.ls_number_reflns_R_free                  314 
_refine.ls_number_reflns_R_work                  ? 
_refine.ls_number_restraints                     ? 
_refine.ls_percent_reflns_obs                    99.2200 
_refine.ls_percent_reflns_R_free                 4.9000 
_refine.ls_R_factor_all                          ? 
_refine.ls_R_factor_obs                          0.2194 
_refine.ls_R_factor_R_free                       0.2589 
_refine.ls_R_factor_R_free_error                 ? 
_refine.ls_R_factor_R_free_error_details         ? 
_refine.ls_R_factor_R_work                       0.2174 
_refine.ls_R_Fsqd_factor_obs                     ? 
_refine.ls_R_I_factor_obs                        ? 
_refine.ls_redundancy_reflns_all                 ? 
_refine.ls_redundancy_reflns_obs                 ? 
_refine.ls_restrained_S_all                      ? 
_refine.ls_restrained_S_obs                      ? 
_refine.ls_shift_over_esd_max                    ? 
_refine.ls_shift_over_esd_mean                   ? 
_refine.ls_structure_factor_coef                 ? 
_refine.ls_weighting_details                     ? 
_refine.ls_weighting_scheme                      ? 
_refine.ls_wR_factor_all                         ? 
_refine.ls_wR_factor_obs                         ? 
_refine.ls_wR_factor_R_free                      ? 
_refine.ls_wR_factor_R_work                      ? 
_refine.occupancy_max                            ? 
_refine.occupancy_min                            ? 
_refine.solvent_model_details                    ? 
_refine.solvent_model_param_bsol                 ? 
_refine.solvent_model_param_ksol                 ? 
_refine.ls_R_factor_gt                           ? 
_refine.ls_goodness_of_fit_gt                    ? 
_refine.ls_goodness_of_fit_ref                   ? 
_refine.ls_shift_over_su_max                     ? 
_refine.ls_shift_over_su_max_lt                  ? 
_refine.ls_shift_over_su_mean                    ? 
_refine.ls_shift_over_su_mean_lt                 ? 
_refine.pdbx_ls_sigma_I                          ? 
_refine.pdbx_ls_sigma_F                          0.000 
_refine.pdbx_ls_sigma_Fsqd                       ? 
_refine.pdbx_data_cutoff_high_absF               ? 
_refine.pdbx_data_cutoff_high_rms_absF           ? 
_refine.pdbx_data_cutoff_low_absF                ? 
_refine.pdbx_isotropic_thermal_model             ? 
_refine.pdbx_ls_cross_valid_method               THROUGHOUT 
_refine.pdbx_method_to_determine_struct          'MOLECULAR REPLACEMENT' 
_refine.pdbx_starting_model                      1UGM 
_refine.pdbx_stereochemistry_target_values       ? 
_refine.pdbx_R_Free_selection_details            RANDOM 
_refine.pdbx_stereochem_target_val_spec_case     ? 
_refine.pdbx_overall_ESU_R                       0.4430 
_refine.pdbx_overall_ESU_R_Free                  0.2880 
_refine.pdbx_solvent_vdw_probe_radii             1.2000 
_refine.pdbx_solvent_ion_probe_radii             0.8000 
_refine.pdbx_solvent_shrinkage_radii             0.8000 
_refine.pdbx_real_space_R                        ? 
_refine.pdbx_density_correlation                 ? 
_refine.pdbx_pd_number_of_powder_patterns        ? 
_refine.pdbx_pd_number_of_points                 ? 
_refine.pdbx_pd_meas_number_of_points            ? 
_refine.pdbx_pd_proc_ls_prof_R_factor            ? 
_refine.pdbx_pd_proc_ls_prof_wR_factor           ? 
_refine.pdbx_pd_Marquardt_correlation_coeff      ? 
_refine.pdbx_pd_Fsqrd_R_factor                   ? 
_refine.pdbx_pd_ls_matrix_band_width             ? 
_refine.pdbx_overall_phase_error                 ? 
_refine.pdbx_overall_SU_R_free_Cruickshank_DPI   ? 
_refine.pdbx_overall_SU_R_free_Blow_DPI          ? 
_refine.pdbx_overall_SU_R_Blow_DPI               ? 
_refine.pdbx_TLS_residual_ADP_flag               ? 
_refine.pdbx_diffrn_id                           1 
_refine.overall_SU_B                             12.7670 
_refine.overall_SU_ML                            0.2500 
_refine.overall_SU_R_Cruickshank_DPI             ? 
_refine.overall_SU_R_free                        ? 
_refine.overall_FOM_free_R_set                   ? 
_refine.overall_FOM_work_R_set                   ? 
_refine.pdbx_average_fsc_overall                 ? 
_refine.pdbx_average_fsc_work                    ? 
_refine.pdbx_average_fsc_free                    ? 
# 
_refine_hist.cycle_id                         final 
_refine_hist.pdbx_refine_id                   'X-RAY DIFFRACTION' 
_refine_hist.d_res_high                       2.6000 
_refine_hist.d_res_low                        50 
_refine_hist.pdbx_number_atoms_ligand         4 
_refine_hist.number_atoms_solvent             9 
_refine_hist.number_atoms_total               1063 
_refine_hist.pdbx_number_residues_total       131 
_refine_hist.pdbx_B_iso_mean_ligand           84.06 
_refine_hist.pdbx_B_iso_mean_solvent          45.08 
_refine_hist.pdbx_number_atoms_protein        1050 
_refine_hist.pdbx_number_atoms_nucleic_acid   0 
# 
loop_
_refine_ls_restr.pdbx_refine_id 
_refine_ls_restr.criterion 
_refine_ls_restr.dev_ideal 
_refine_ls_restr.dev_ideal_target 
_refine_ls_restr.number 
_refine_ls_restr.rejects 
_refine_ls_restr.type 
_refine_ls_restr.weight 
_refine_ls_restr.pdbx_restraint_function 
'X-RAY DIFFRACTION' ? 0.008  0.019  1070 ? r_bond_refined_d       ? ? 
'X-RAY DIFFRACTION' ? 0.001  0.020  980  ? r_bond_other_d         ? ? 
'X-RAY DIFFRACTION' ? 1.265  1.951  1447 ? r_angle_refined_deg    ? ? 
'X-RAY DIFFRACTION' ? 0.950  3.000  2253 ? r_angle_other_deg      ? ? 
'X-RAY DIFFRACTION' ? 5.608  5.000  129  ? r_dihedral_angle_1_deg ? ? 
'X-RAY DIFFRACTION' ? 36.059 23.208 53   ? r_dihedral_angle_2_deg ? ? 
'X-RAY DIFFRACTION' ? 17.765 15.000 184  ? r_dihedral_angle_3_deg ? ? 
'X-RAY DIFFRACTION' ? 18.192 15.000 10   ? r_dihedral_angle_4_deg ? ? 
'X-RAY DIFFRACTION' ? 0.075  0.200  164  ? r_chiral_restr         ? ? 
'X-RAY DIFFRACTION' ? 0.004  0.021  1182 ? r_gen_planes_refined   ? ? 
'X-RAY DIFFRACTION' ? 0.001  0.020  232  ? r_gen_planes_other     ? ? 
# 
_refine_ls_shell.pdbx_refine_id                   'X-RAY DIFFRACTION' 
_refine_ls_shell.d_res_high                       2.6000 
_refine_ls_shell.d_res_low                        2.6680 
_refine_ls_shell.number_reflns_all                438 
_refine_ls_shell.number_reflns_obs                ? 
_refine_ls_shell.number_reflns_R_free             17 
_refine_ls_shell.number_reflns_R_work             421 
_refine_ls_shell.percent_reflns_obs               94.6000 
_refine_ls_shell.percent_reflns_R_free            ? 
_refine_ls_shell.R_factor_all                     ? 
_refine_ls_shell.R_factor_obs                     ? 
_refine_ls_shell.R_factor_R_free                  0.4420 
_refine_ls_shell.R_factor_R_free_error            0.0000 
_refine_ls_shell.R_factor_R_work                  0.3290 
_refine_ls_shell.redundancy_reflns_all            ? 
_refine_ls_shell.redundancy_reflns_obs            ? 
_refine_ls_shell.wR_factor_all                    ? 
_refine_ls_shell.wR_factor_obs                    ? 
_refine_ls_shell.wR_factor_R_free                 ? 
_refine_ls_shell.wR_factor_R_work                 ? 
_refine_ls_shell.pdbx_total_number_of_bins_used   20 
_refine_ls_shell.pdbx_phase_error                 ? 
_refine_ls_shell.pdbx_fsc_work                    ? 
_refine_ls_shell.pdbx_fsc_free                    ? 
# 
_struct.entry_id                     5YIQ 
_struct.title                        'Crystal structure of AnkG LIR/LC3B complex' 
_struct.pdbx_model_details           ? 
_struct.pdbx_formula_weight          ? 
_struct.pdbx_formula_weight_method   ? 
_struct.pdbx_model_type_details      ? 
_struct.pdbx_CASP_flag               N 
# 
_struct_keywords.entry_id        5YIQ 
_struct_keywords.text            'Autophagy, PROTEIN BINDING' 
_struct_keywords.pdbx_keywords   'PROTEIN BINDING' 
# 
loop_
_struct_asym.id 
_struct_asym.pdbx_blank_PDB_chainid_flag 
_struct_asym.pdbx_modified 
_struct_asym.entity_id 
_struct_asym.details 
A N N 1 ? 
B N N 2 ? 
C N N 3 ? 
D N N 3 ? 
E N N 3 ? 
F N N 3 ? 
G N N 4 ? 
# 
loop_
_struct_conf.conf_type_id 
_struct_conf.id 
_struct_conf.pdbx_PDB_helix_id 
_struct_conf.beg_label_comp_id 
_struct_conf.beg_label_asym_id 
_struct_conf.beg_label_seq_id 
_struct_conf.pdbx_beg_PDB_ins_code 
_struct_conf.end_label_comp_id 
_struct_conf.end_label_asym_id 
_struct_conf.end_label_seq_id 
_struct_conf.pdbx_end_PDB_ins_code 
_struct_conf.beg_auth_comp_id 
_struct_conf.beg_auth_asym_id 
_struct_conf.beg_auth_seq_id 
_struct_conf.end_auth_comp_id 
_struct_conf.end_auth_asym_id 
_struct_conf.end_auth_seq_id 
_struct_conf.pdbx_PDB_helix_class 
_struct_conf.details 
_struct_conf.pdbx_PDB_helix_length 
HELX_P HELX_P1 AA1 THR A 6  ? ARG A 11  ? THR A 6   ARG A 11  1 ? 6  
HELX_P HELX_P2 AA2 SER A 12 ? HIS A 27  ? SER A 12  HIS A 27  1 ? 16 
HELX_P HELX_P3 AA3 ASN A 59 ? GLN A 72  ? ASN A 59  GLN A 72  1 ? 14 
HELX_P HELX_P4 AA4 PRO A 94 ? ARG A 103 ? PRO A 94  ARG A 103 1 ? 10 
HELX_P HELX_P5 AA5 SER B 9  ? ARG B 17  ? SER D 128 ARG D 136 1 ? 9  
# 
_struct_conf_type.id          HELX_P 
_struct_conf_type.criteria    ? 
_struct_conf_type.reference   ? 
# 
loop_
_struct_conn.id 
_struct_conn.conn_type_id 
_struct_conn.pdbx_leaving_atom_flag 
_struct_conn.pdbx_PDB_id 
_struct_conn.ptnr1_label_asym_id 
_struct_conn.ptnr1_label_comp_id 
_struct_conn.ptnr1_label_seq_id 
_struct_conn.ptnr1_label_atom_id 
_struct_conn.pdbx_ptnr1_label_alt_id 
_struct_conn.pdbx_ptnr1_PDB_ins_code 
_struct_conn.pdbx_ptnr1_standard_comp_id 
_struct_conn.ptnr1_symmetry 
_struct_conn.ptnr2_label_asym_id 
_struct_conn.ptnr2_label_comp_id 
_struct_conn.ptnr2_label_seq_id 
_struct_conn.ptnr2_label_atom_id 
_struct_conn.pdbx_ptnr2_label_alt_id 
_struct_conn.pdbx_ptnr2_PDB_ins_code 
_struct_conn.ptnr1_auth_asym_id 
_struct_conn.ptnr1_auth_comp_id 
_struct_conn.ptnr1_auth_seq_id 
_struct_conn.ptnr2_auth_asym_id 
_struct_conn.ptnr2_auth_comp_id 
_struct_conn.ptnr2_auth_seq_id 
_struct_conn.ptnr2_symmetry 
_struct_conn.pdbx_ptnr3_label_atom_id 
_struct_conn.pdbx_ptnr3_label_seq_id 
_struct_conn.pdbx_ptnr3_label_comp_id 
_struct_conn.pdbx_ptnr3_label_asym_id 
_struct_conn.pdbx_ptnr3_label_alt_id 
_struct_conn.pdbx_ptnr3_PDB_ins_code 
_struct_conn.details 
_struct_conn.pdbx_dist_value 
_struct_conn.pdbx_value_order 
_struct_conn.pdbx_role 
metalc1  metalc ? ? A HIS 27  NE2 ? ? ? 1_555 C ZN  . ZN  ? ? A HIS 27  A ZN  201 6_554  ? ? ? ? ? ? ? 2.092 ? ? 
metalc2  metalc ? ? A ASP 56  OD1 ? ? ? 1_555 E ZN  . ZN  ? ? A ASP 56  A ZN  203 12_554 ? ? ? ? ? ? ? 1.978 ? ? 
metalc3  metalc ? ? A HIS 57  ND1 ? ? ? 1_555 E ZN  . ZN  ? ? A HIS 57  A ZN  203 12_554 ? ? ? ? ? ? ? 2.131 ? ? 
metalc4  metalc ? ? A HIS 86  NE2 ? ? ? 1_555 C ZN  . ZN  ? ? A HIS 86  A ZN  201 1_555  ? ? ? ? ? ? ? 1.889 ? ? 
metalc5  metalc ? ? A GLU 97  OE1 ? ? ? 1_555 E ZN  . ZN  ? ? A GLU 97  A ZN  203 1_555  ? ? ? ? ? ? ? 2.396 ? ? 
metalc6  metalc ? ? A GLU 97  OE2 ? ? ? 1_555 E ZN  . ZN  ? ? A GLU 97  A ZN  203 1_555  ? ? ? ? ? ? ? 2.289 ? ? 
metalc7  metalc ? ? A GLU 100 OE2 ? ? ? 1_555 E ZN  . ZN  ? ? A GLU 100 A ZN  203 1_555  ? ? ? ? ? ? ? 1.848 ? ? 
metalc8  metalc ? ? A GLU 102 OE2 ? ? ? 1_555 C ZN  . ZN  ? ? A GLU 102 A ZN  201 1_555  ? ? ? ? ? ? ? 2.138 ? ? 
metalc9  metalc ? ? A GLU 105 OE1 ? ? ? 1_555 D ZN  . ZN  ? ? A GLU 105 A ZN  202 5_555  ? ? ? ? ? ? ? 2.044 ? ? 
metalc10 metalc ? ? C ZN  .   ZN  ? ? ? 6_554 B GLU 7 OE1 ? ? A ZN  201 D GLU 126 1_555  ? ? ? ? ? ? ? 2.673 ? ? 
metalc11 metalc ? ? C ZN  .   ZN  ? ? ? 6_554 B GLU 7 OE2 ? ? A ZN  201 D GLU 126 1_555  ? ? ? ? ? ? ? 2.210 ? ? 
metalc12 metalc ? ? D ZN  .   ZN  ? ? ? 1_555 G HOH . O   ? ? A ZN  202 A HOH 301 1_555  ? ? ? ? ? ? ? 1.993 ? ? 
metalc13 metalc ? ? D ZN  .   ZN  ? ? ? 1_555 G HOH . O   ? ? A ZN  202 A HOH 306 6_554  ? ? ? ? ? ? ? 2.237 ? ? 
metalc14 metalc ? ? B GLU 11  OE1 ? ? ? 1_555 F ZN  . ZN  ? ? D GLU 130 D ZN  201 1_555  ? ? ? ? ? ? ? 2.454 ? ? 
# 
_struct_conn_type.id          metalc 
_struct_conn_type.criteria    ? 
_struct_conn_type.reference   ? 
# 
_struct_sheet.id               AA1 
_struct_sheet.type             ? 
_struct_sheet.number_strands   5 
_struct_sheet.details          ? 
# 
loop_
_struct_sheet_order.sheet_id 
_struct_sheet_order.range_id_1 
_struct_sheet_order.range_id_2 
_struct_sheet_order.offset 
_struct_sheet_order.sense 
AA1 1 2 ? anti-parallel 
AA1 2 3 ? parallel      
AA1 3 4 ? anti-parallel 
AA1 4 5 ? parallel      
# 
loop_
_struct_sheet_range.sheet_id 
_struct_sheet_range.id 
_struct_sheet_range.beg_label_comp_id 
_struct_sheet_range.beg_label_asym_id 
_struct_sheet_range.beg_label_seq_id 
_struct_sheet_range.pdbx_beg_PDB_ins_code 
_struct_sheet_range.end_label_comp_id 
_struct_sheet_range.end_label_asym_id 
_struct_sheet_range.end_label_seq_id 
_struct_sheet_range.pdbx_end_PDB_ins_code 
_struct_sheet_range.beg_auth_comp_id 
_struct_sheet_range.beg_auth_asym_id 
_struct_sheet_range.beg_auth_seq_id 
_struct_sheet_range.end_auth_comp_id 
_struct_sheet_range.end_auth_asym_id 
_struct_sheet_range.end_auth_seq_id 
AA1 1 PHE A 80  ? VAL A 83  ? PHE A 80  VAL A 83  
AA1 2 LEU A 109 ? ALA A 114 ? LEU A 109 ALA A 114 
AA1 3 ILE A 31  ? ARG A 37  ? ILE A 31  ARG A 37  
AA1 4 LYS A 51  ? VAL A 54  ? LYS A 51  VAL A 54  
AA1 5 TRP B 5   ? GLU B 7   ? TRP D 124 GLU D 126 
# 
loop_
_pdbx_struct_sheet_hbond.sheet_id 
_pdbx_struct_sheet_hbond.range_id_1 
_pdbx_struct_sheet_hbond.range_id_2 
_pdbx_struct_sheet_hbond.range_1_label_atom_id 
_pdbx_struct_sheet_hbond.range_1_label_comp_id 
_pdbx_struct_sheet_hbond.range_1_label_asym_id 
_pdbx_struct_sheet_hbond.range_1_label_seq_id 
_pdbx_struct_sheet_hbond.range_1_PDB_ins_code 
_pdbx_struct_sheet_hbond.range_1_auth_atom_id 
_pdbx_struct_sheet_hbond.range_1_auth_comp_id 
_pdbx_struct_sheet_hbond.range_1_auth_asym_id 
_pdbx_struct_sheet_hbond.range_1_auth_seq_id 
_pdbx_struct_sheet_hbond.range_2_label_atom_id 
_pdbx_struct_sheet_hbond.range_2_label_comp_id 
_pdbx_struct_sheet_hbond.range_2_label_asym_id 
_pdbx_struct_sheet_hbond.range_2_label_seq_id 
_pdbx_struct_sheet_hbond.range_2_PDB_ins_code 
_pdbx_struct_sheet_hbond.range_2_auth_atom_id 
_pdbx_struct_sheet_hbond.range_2_auth_comp_id 
_pdbx_struct_sheet_hbond.range_2_auth_asym_id 
_pdbx_struct_sheet_hbond.range_2_auth_seq_id 
AA1 1 2 N PHE A 80  ? N PHE A 80  O ALA A 114 ? O ALA A 114 
AA1 2 3 O LEU A 109 ? O LEU A 109 N ILE A 34  ? N ILE A 34  
AA1 3 4 N ILE A 31  ? N ILE A 31  O VAL A 54  ? O VAL A 54  
AA1 4 5 N LYS A 51  ? N LYS A 51  O THR B 6   ? O THR D 125 
# 
loop_
_struct_site.id 
_struct_site.pdbx_evidence_code 
_struct_site.pdbx_auth_asym_id 
_struct_site.pdbx_auth_comp_id 
_struct_site.pdbx_auth_seq_id 
_struct_site.pdbx_auth_ins_code 
_struct_site.pdbx_num_residues 
_struct_site.details 
AC1 Software A ZN 201 ? 4 'binding site for residue ZN A 201' 
AC2 Software A ZN 202 ? 6 'binding site for residue ZN A 202' 
AC3 Software A ZN 203 ? 4 'binding site for residue ZN A 203' 
AC4 Software D ZN 201 ? 2 'binding site for residue ZN D 201' 
# 
loop_
_struct_site_gen.id 
_struct_site_gen.site_id 
_struct_site_gen.pdbx_num_res 
_struct_site_gen.label_comp_id 
_struct_site_gen.label_asym_id 
_struct_site_gen.label_seq_id 
_struct_site_gen.pdbx_auth_ins_code 
_struct_site_gen.auth_comp_id 
_struct_site_gen.auth_asym_id 
_struct_site_gen.auth_seq_id 
_struct_site_gen.label_atom_id 
_struct_site_gen.label_alt_id 
_struct_site_gen.symmetry 
_struct_site_gen.details 
1  AC1 4 HIS A 27  ? HIS A 27  . ? 5_555  ? 
2  AC1 4 HIS A 86  ? HIS A 86  . ? 1_555  ? 
3  AC1 4 GLU A 102 ? GLU A 102 . ? 1_555  ? 
4  AC1 4 GLU B 7   ? GLU D 126 . ? 5_555  ? 
5  AC2 6 GLN A 26  ? GLN A 26  . ? 1_555  ? 
6  AC2 6 ASP A 104 ? ASP A 104 . ? 6_554  ? 
7  AC2 6 GLU A 105 ? GLU A 105 . ? 6_554  ? 
8  AC2 6 HOH G .   ? HOH A 301 . ? 1_555  ? 
9  AC2 6 HOH G .   ? HOH A 304 . ? 6_554  ? 
10 AC2 6 HOH G .   ? HOH A 306 . ? 6_554  ? 
11 AC3 4 ASP A 56  ? ASP A 56  . ? 12_554 ? 
12 AC3 4 HIS A 57  ? HIS A 57  . ? 12_554 ? 
13 AC3 4 GLU A 97  ? GLU A 97  . ? 1_555  ? 
14 AC3 4 GLU A 100 ? GLU A 100 . ? 1_555  ? 
15 AC4 2 GLU B 11  ? GLU D 130 . ? 1_555  ? 
16 AC4 2 GLU B 15  ? GLU D 134 . ? 1_555  ? 
# 
_atom_sites.entry_id                    5YIQ 
_atom_sites.fract_transf_matrix[1][1]   -0.01279933 
_atom_sites.fract_transf_matrix[1][2]   0.01229754 
_atom_sites.fract_transf_matrix[1][3]   -0.00221671 
_atom_sites.fract_transf_matrix[2][1]   -0.01516486 
_atom_sites.fract_transf_matrix[2][2]   -0.00429826 
_atom_sites.fract_transf_matrix[2][3]   -0.00845770 
_atom_sites.fract_transf_matrix[3][1]   -0.00263537 
_atom_sites.fract_transf_matrix[3][2]   -0.00173244 
_atom_sites.fract_transf_matrix[3][3]   0.00560572 
_atom_sites.fract_transf_vector[1]      -0.041508 
_atom_sites.fract_transf_vector[2]      -0.264504 
_atom_sites.fract_transf_vector[3]      -0.072683 
# 
loop_
_atom_type.symbol 
C  
N  
O  
S  
ZN 
# 
loop_
_atom_site.group_PDB 
_atom_site.id 
_atom_site.type_symbol 
_atom_site.label_atom_id 
_atom_site.label_alt_id 
_atom_site.label_comp_id 
_atom_site.label_asym_id 
_atom_site.label_entity_id 
_atom_site.label_seq_id 
_atom_site.pdbx_PDB_ins_code 
_atom_site.Cartn_x 
_atom_site.Cartn_y 
_atom_site.Cartn_z 
_atom_site.occupancy 
_atom_site.B_iso_or_equiv 
_atom_site.pdbx_formal_charge 
_atom_site.auth_seq_id 
_atom_site.auth_comp_id 
_atom_site.auth_asym_id 
_atom_site.auth_atom_id 
_atom_site.pdbx_PDB_model_num 
ATOM   1    N  N   . LYS A 1 5   ? -3.593  14.736  9.757   1.00 84.60  ? 5   LYS A N   1 
ATOM   2    C  CA  . LYS A 1 5   ? -4.845  14.089  9.243   1.00 86.31  ? 5   LYS A CA  1 
ATOM   3    C  C   . LYS A 1 5   ? -4.542  12.906  8.295   1.00 86.53  ? 5   LYS A C   1 
ATOM   4    O  O   . LYS A 1 5   ? -3.801  13.063  7.319   1.00 84.63  ? 5   LYS A O   1 
ATOM   5    C  CB  . LYS A 1 5   ? -5.738  15.123  8.541   1.00 81.05  ? 5   LYS A CB  1 
ATOM   6    N  N   . THR A 1 6   ? -5.109  11.733  8.593   1.00 84.62  ? 6   THR A N   1 
ATOM   7    C  CA  . THR A 1 6   ? -4.943  10.536  7.743   1.00 81.72  ? 6   THR A CA  1 
ATOM   8    C  C   . THR A 1 6   ? -5.881  10.575  6.535   1.00 79.24  ? 6   THR A C   1 
ATOM   9    O  O   . THR A 1 6   ? -6.758  11.443  6.437   1.00 79.04  ? 6   THR A O   1 
ATOM   10   C  CB  . THR A 1 6   ? -5.227  9.225   8.515   1.00 80.52  ? 6   THR A CB  1 
ATOM   11   O  OG1 . THR A 1 6   ? -6.595  9.204   8.954   1.00 77.16  ? 6   THR A OG1 1 
ATOM   12   C  CG2 . THR A 1 6   ? -4.286  9.080   9.704   1.00 78.75  ? 6   THR A CG2 1 
ATOM   13   N  N   . PHE A 1 7   ? -5.698  9.614   5.630   1.00 71.70  ? 7   PHE A N   1 
ATOM   14   C  CA  . PHE A 1 7   ? -6.550  9.485   4.450   1.00 66.54  ? 7   PHE A CA  1 
ATOM   15   C  C   . PHE A 1 7   ? -8.034  9.374   4.805   1.00 65.74  ? 7   PHE A C   1 
ATOM   16   O  O   . PHE A 1 7   ? -8.863  10.054  4.199   1.00 70.61  ? 7   PHE A O   1 
ATOM   17   C  CB  . PHE A 1 7   ? -6.117  8.287   3.601   1.00 62.27  ? 7   PHE A CB  1 
ATOM   18   C  CG  . PHE A 1 7   ? -6.874  8.159   2.312   1.00 58.33  ? 7   PHE A CG  1 
ATOM   19   C  CD1 . PHE A 1 7   ? -6.602  9.013   1.248   1.00 57.82  ? 7   PHE A CD1 1 
ATOM   20   C  CD2 . PHE A 1 7   ? -7.867  7.194   2.159   1.00 56.44  ? 7   PHE A CD2 1 
ATOM   21   C  CE1 . PHE A 1 7   ? -7.302  8.910   0.057   1.00 57.77  ? 7   PHE A CE1 1 
ATOM   22   C  CE2 . PHE A 1 7   ? -8.568  7.081   0.967   1.00 56.09  ? 7   PHE A CE2 1 
ATOM   23   C  CZ  . PHE A 1 7   ? -8.289  7.941   -0.083  1.00 57.35  ? 7   PHE A CZ  1 
ATOM   24   N  N   . LYS A 1 8   ? -8.367  8.535   5.783   1.00 65.61  ? 8   LYS A N   1 
ATOM   25   C  CA  . LYS A 1 8   ? -9.768  8.368   6.195   1.00 67.98  ? 8   LYS A CA  1 
ATOM   26   C  C   . LYS A 1 8   ? -10.401 9.652   6.743   1.00 71.13  ? 8   LYS A C   1 
ATOM   27   O  O   . LYS A 1 8   ? -11.602 9.868   6.581   1.00 69.90  ? 8   LYS A O   1 
ATOM   28   C  CB  . LYS A 1 8   ? -9.925  7.233   7.216   1.00 67.33  ? 8   LYS A CB  1 
ATOM   29   C  CG  . LYS A 1 8   ? -9.951  5.843   6.596   1.00 69.36  ? 8   LYS A CG  1 
ATOM   30   C  CD  . LYS A 1 8   ? -10.815 4.891   7.407   1.00 70.19  ? 8   LYS A CD  1 
ATOM   31   C  CE  . LYS A 1 8   ? -10.832 3.494   6.803   1.00 71.69  ? 8   LYS A CE  1 
ATOM   32   N  NZ  . LYS A 1 8   ? -11.385 2.472   7.741   1.00 73.64  ? 8   LYS A NZ  1 
ATOM   33   N  N   . GLN A 1 9   ? -9.590  10.491  7.388   1.00 75.82  ? 9   GLN A N   1 
ATOM   34   C  CA  . GLN A 1 9   ? -10.064 11.767  7.934   1.00 78.35  ? 9   GLN A CA  1 
ATOM   35   C  C   . GLN A 1 9   ? -10.235 12.815  6.840   1.00 78.98  ? 9   GLN A C   1 
ATOM   36   O  O   . GLN A 1 9   ? -11.230 13.541  6.833   1.00 80.58  ? 9   GLN A O   1 
ATOM   37   C  CB  . GLN A 1 9   ? -9.121  12.265  9.032   1.00 81.65  ? 9   GLN A CB  1 
ATOM   38   C  CG  . GLN A 1 9   ? -9.222  11.426  10.306  1.00 82.98  ? 9   GLN A CG  1 
ATOM   39   C  CD  . GLN A 1 9   ? -7.997  11.495  11.204  1.00 82.19  ? 9   GLN A CD  1 
ATOM   40   O  OE1 . GLN A 1 9   ? -6.925  11.961  10.804  1.00 81.18  ? 9   GLN A OE1 1 
ATOM   41   N  NE2 . GLN A 1 9   ? -8.151  11.008  12.429  1.00 79.80  ? 9   GLN A NE2 1 
ATOM   42   N  N   . ARG A 1 10  ? -9.275  12.886  5.918   1.00 76.20  ? 10  ARG A N   1 
ATOM   43   C  CA  . ARG A 1 10  ? -9.396  13.760  4.751   1.00 75.56  ? 10  ARG A CA  1 
ATOM   44   C  C   . ARG A 1 10  ? -10.662 13.464  3.931   1.00 76.88  ? 10  ARG A C   1 
ATOM   45   O  O   . ARG A 1 10  ? -11.594 14.267  3.932   1.00 81.97  ? 10  ARG A O   1 
ATOM   46   C  CB  . ARG A 1 10  ? -8.141  13.686  3.876   1.00 74.72  ? 10  ARG A CB  1 
ATOM   47   C  CG  . ARG A 1 10  ? -6.957  14.379  4.516   1.00 77.41  ? 10  ARG A CG  1 
ATOM   48   C  CD  . ARG A 1 10  ? -5.766  14.518  3.586   1.00 80.96  ? 10  ARG A CD  1 
ATOM   49   N  NE  . ARG A 1 10  ? -4.858  13.369  3.660   1.00 82.12  ? 10  ARG A NE  1 
ATOM   50   C  CZ  . ARG A 1 10  ? -4.675  12.442  2.714   1.00 85.58  ? 10  ARG A CZ  1 
ATOM   51   N  NH1 . ARG A 1 10  ? -5.336  12.475  1.550   1.00 88.24  ? 10  ARG A NH1 1 
ATOM   52   N  NH2 . ARG A 1 10  ? -3.804  11.456  2.934   1.00 85.96  ? 10  ARG A NH2 1 
ATOM   53   N  N   . ARG A 1 11  ? -10.715 12.308  3.275   1.00 75.35  ? 11  ARG A N   1 
ATOM   54   C  CA  . ARG A 1 11  ? -11.841 11.981  2.390   1.00 74.63  ? 11  ARG A CA  1 
ATOM   55   C  C   . ARG A 1 11  ? -12.978 11.273  3.132   1.00 67.79  ? 11  ARG A C   1 
ATOM   56   O  O   . ARG A 1 11  ? -12.730 10.396  3.959   1.00 67.99  ? 11  ARG A O   1 
ATOM   57   C  CB  . ARG A 1 11  ? -11.353 11.130  1.210   1.00 79.27  ? 11  ARG A CB  1 
ATOM   58   C  CG  . ARG A 1 11  ? -10.475 11.891  0.219   1.00 83.32  ? 11  ARG A CG  1 
ATOM   59   C  CD  . ARG A 1 11  ? -11.299 12.764  -0.729  1.00 87.71  ? 11  ARG A CD  1 
ATOM   60   N  NE  . ARG A 1 11  ? -11.618 12.091  -1.997  1.00 93.14  ? 11  ARG A NE  1 
ATOM   61   C  CZ  . ARG A 1 11  ? -12.649 12.382  -2.800  1.00 95.24  ? 11  ARG A CZ  1 
ATOM   62   N  NH1 . ARG A 1 11  ? -13.527 13.346  -2.503  1.00 97.50  ? 11  ARG A NH1 1 
ATOM   63   N  NH2 . ARG A 1 11  ? -12.817 11.686  -3.924  1.00 92.51  ? 11  ARG A NH2 1 
ATOM   64   N  N   . SER A 1 12  ? -14.222 11.638  2.817   1.00 62.78  ? 12  SER A N   1 
ATOM   65   C  CA  . SER A 1 12  ? -15.398 10.990  3.419   1.00 62.00  ? 12  SER A CA  1 
ATOM   66   C  C   . SER A 1 12  ? -15.561 9.534   2.954   1.00 61.10  ? 12  SER A C   1 
ATOM   67   O  O   . SER A 1 12  ? -14.872 9.081   2.040   1.00 62.85  ? 12  SER A O   1 
ATOM   68   C  CB  . SER A 1 12  ? -16.682 11.771  3.112   1.00 60.35  ? 12  SER A CB  1 
ATOM   69   O  OG  . SER A 1 12  ? -17.147 11.542  1.791   1.00 61.43  ? 12  SER A OG  1 
ATOM   70   N  N   . PHE A 1 13  ? -16.484 8.814   3.586   1.00 57.08  ? 13  PHE A N   1 
ATOM   71   C  CA  . PHE A 1 13  ? -16.758 7.432   3.225   1.00 55.42  ? 13  PHE A CA  1 
ATOM   72   C  C   . PHE A 1 13  ? -17.350 7.362   1.823   1.00 57.16  ? 13  PHE A C   1 
ATOM   73   O  O   . PHE A 1 13  ? -16.889 6.564   1.006   1.00 56.41  ? 13  PHE A O   1 
ATOM   74   C  CB  . PHE A 1 13  ? -17.702 6.770   4.234   1.00 54.19  ? 13  PHE A CB  1 
ATOM   75   C  CG  . PHE A 1 13  ? -17.977 5.320   3.944   1.00 53.25  ? 13  PHE A CG  1 
ATOM   76   C  CD1 . PHE A 1 13  ? -17.046 4.341   4.288   1.00 53.36  ? 13  PHE A CD1 1 
ATOM   77   C  CD2 . PHE A 1 13  ? -19.155 4.932   3.311   1.00 52.29  ? 13  PHE A CD2 1 
ATOM   78   C  CE1 . PHE A 1 13  ? -17.294 3.005   4.011   1.00 52.92  ? 13  PHE A CE1 1 
ATOM   79   C  CE2 . PHE A 1 13  ? -19.407 3.593   3.029   1.00 51.25  ? 13  PHE A CE2 1 
ATOM   80   C  CZ  . PHE A 1 13  ? -18.475 2.629   3.380   1.00 51.01  ? 13  PHE A CZ  1 
ATOM   81   N  N   . GLU A 1 14  ? -18.359 8.203   1.564   1.00 60.35  ? 14  GLU A N   1 
ATOM   82   C  CA  . GLU A 1 14  ? -19.015 8.317   0.241   1.00 59.66  ? 14  GLU A CA  1 
ATOM   83   C  C   . GLU A 1 14  ? -18.024 8.598   -0.897  1.00 60.07  ? 14  GLU A C   1 
ATOM   84   O  O   . GLU A 1 14  ? -18.129 8.017   -1.989  1.00 61.68  ? 14  GLU A O   1 
ATOM   85   C  CB  . GLU A 1 14  ? -20.087 9.418   0.258   1.00 57.35  ? 14  GLU A CB  1 
ATOM   86   N  N   . GLN A 1 15  ? -17.072 9.489   -0.628  1.00 57.56  ? 15  GLN A N   1 
ATOM   87   C  CA  . GLN A 1 15  ? -16.049 9.875   -1.602  1.00 55.34  ? 15  GLN A CA  1 
ATOM   88   C  C   . GLN A 1 15  ? -15.036 8.756   -1.868  1.00 53.95  ? 15  GLN A C   1 
ATOM   89   O  O   . GLN A 1 15  ? -14.571 8.591   -2.996  1.00 53.14  ? 15  GLN A O   1 
ATOM   90   C  CB  . GLN A 1 15  ? -15.327 11.140  -1.122  1.00 53.67  ? 15  GLN A CB  1 
ATOM   91   N  N   . ARG A 1 16  ? -14.697 8.001   -0.827  1.00 53.38  ? 16  ARG A N   1 
ATOM   92   C  CA  . ARG A 1 16  ? -13.735 6.901   -0.946  1.00 53.61  ? 16  ARG A CA  1 
ATOM   93   C  C   . ARG A 1 16  ? -14.298 5.716   -1.709  1.00 52.69  ? 16  ARG A C   1 
ATOM   94   O  O   . ARG A 1 16  ? -13.594 5.106   -2.503  1.00 53.69  ? 16  ARG A O   1 
ATOM   95   C  CB  . ARG A 1 16  ? -13.237 6.453   0.430   1.00 54.27  ? 16  ARG A CB  1 
ATOM   96   C  CG  . ARG A 1 16  ? -12.174 7.384   0.986   1.00 55.57  ? 16  ARG A CG  1 
ATOM   97   C  CD  . ARG A 1 16  ? -11.708 6.979   2.374   1.00 57.06  ? 16  ARG A CD  1 
ATOM   98   N  NE  . ARG A 1 16  ? -12.556 7.510   3.444   1.00 56.42  ? 16  ARG A NE  1 
ATOM   99   C  CZ  . ARG A 1 16  ? -13.199 6.796   4.373   1.00 58.57  ? 16  ARG A CZ  1 
ATOM   100  N  NH1 . ARG A 1 16  ? -13.141 5.464   4.424   1.00 57.46  ? 16  ARG A NH1 1 
ATOM   101  N  NH2 . ARG A 1 16  ? -13.916 7.446   5.283   1.00 62.61  ? 16  ARG A NH2 1 
ATOM   102  N  N   . VAL A 1 17  ? -15.558 5.391   -1.458  1.00 52.26  ? 17  VAL A N   1 
ATOM   103  C  CA  . VAL A 1 17  ? -16.241 4.352   -2.214  1.00 53.87  ? 17  VAL A CA  1 
ATOM   104  C  C   . VAL A 1 17  ? -16.355 4.729   -3.696  1.00 56.06  ? 17  VAL A C   1 
ATOM   105  O  O   . VAL A 1 17  ? -16.169 3.873   -4.561  1.00 57.53  ? 17  VAL A O   1 
ATOM   106  C  CB  . VAL A 1 17  ? -17.630 4.046   -1.620  1.00 55.56  ? 17  VAL A CB  1 
ATOM   107  C  CG1 . VAL A 1 17  ? -18.446 3.144   -2.546  1.00 56.41  ? 17  VAL A CG1 1 
ATOM   108  C  CG2 . VAL A 1 17  ? -17.478 3.397   -0.247  1.00 56.16  ? 17  VAL A CG2 1 
ATOM   109  N  N   . GLU A 1 18  ? -16.663 5.992   -3.981  1.00 59.54  ? 18  GLU A N   1 
ATOM   110  C  CA  . GLU A 1 18  ? -16.684 6.489   -5.367  1.00 64.76  ? 18  GLU A CA  1 
ATOM   111  C  C   . GLU A 1 18  ? -15.322 6.382   -6.070  1.00 60.49  ? 18  GLU A C   1 
ATOM   112  O  O   . GLU A 1 18  ? -15.259 5.941   -7.220  1.00 56.57  ? 18  GLU A O   1 
ATOM   113  C  CB  . GLU A 1 18  ? -17.220 7.931   -5.443  1.00 73.44  ? 18  GLU A CB  1 
ATOM   114  C  CG  . GLU A 1 18  ? -18.614 8.032   -6.048  1.00 82.19  ? 18  GLU A CG  1 
ATOM   115  C  CD  . GLU A 1 18  ? -18.604 7.901   -7.568  1.00 92.27  ? 18  GLU A CD  1 
ATOM   116  O  OE1 . GLU A 1 18  ? -18.755 6.769   -8.087  1.00 101.24 ? 18  GLU A OE1 1 
ATOM   117  O  OE2 . GLU A 1 18  ? -18.430 8.933   -8.253  1.00 98.56  ? 18  GLU A OE2 1 
ATOM   118  N  N   . ASP A 1 19  ? -14.255 6.782   -5.371  1.00 57.63  ? 19  ASP A N   1 
ATOM   119  C  CA  . ASP A 1 19  ? -12.868 6.629   -5.848  1.00 57.35  ? 19  ASP A CA  1 
ATOM   120  C  C   . ASP A 1 19  ? -12.592 5.224   -6.346  1.00 50.97  ? 19  ASP A C   1 
ATOM   121  O  O   . ASP A 1 19  ? -12.149 5.028   -7.470  1.00 48.74  ? 19  ASP A O   1 
ATOM   122  C  CB  . ASP A 1 19  ? -11.850 6.944   -4.734  1.00 63.04  ? 19  ASP A CB  1 
ATOM   123  C  CG  . ASP A 1 19  ? -11.500 8.424   -4.637  1.00 72.77  ? 19  ASP A CG  1 
ATOM   124  O  OD1 . ASP A 1 19  ? -12.347 9.279   -4.986  1.00 82.58  ? 19  ASP A OD1 1 
ATOM   125  O  OD2 . ASP A 1 19  ? -10.368 8.736   -4.190  1.00 77.21  ? 19  ASP A OD2 1 
ATOM   126  N  N   . VAL A 1 20  ? -12.879 4.257   -5.488  1.00 49.02  ? 20  VAL A N   1 
ATOM   127  C  CA  . VAL A 1 20  ? -12.657 2.851   -5.781  1.00 46.41  ? 20  VAL A CA  1 
ATOM   128  C  C   . VAL A 1 20  ? -13.518 2.419   -6.953  1.00 45.70  ? 20  VAL A C   1 
ATOM   129  O  O   . VAL A 1 20  ? -13.025 1.754   -7.848  1.00 47.55  ? 20  VAL A O   1 
ATOM   130  C  CB  . VAL A 1 20  ? -12.940 1.963   -4.544  1.00 46.73  ? 20  VAL A CB  1 
ATOM   131  C  CG1 . VAL A 1 20  ? -12.860 0.480   -4.892  1.00 46.33  ? 20  VAL A CG1 1 
ATOM   132  C  CG2 . VAL A 1 20  ? -11.947 2.286   -3.428  1.00 47.62  ? 20  VAL A CG2 1 
ATOM   133  N  N   . ARG A 1 21  ? -14.795 2.795   -6.949  1.00 46.89  ? 21  ARG A N   1 
ATOM   134  C  CA  . ARG A 1 21  ? -15.690 2.480   -8.061  1.00 49.45  ? 21  ARG A CA  1 
ATOM   135  C  C   . ARG A 1 21  ? -15.112 3.002   -9.380  1.00 51.39  ? 21  ARG A C   1 
ATOM   136  O  O   . ARG A 1 21  ? -14.986 2.237   -10.345 1.00 50.81  ? 21  ARG A O   1 
ATOM   137  C  CB  . ARG A 1 21  ? -17.100 3.048   -7.840  1.00 50.24  ? 21  ARG A CB  1 
ATOM   138  N  N   . LEU A 1 22  ? -14.733 4.283   -9.406  1.00 50.74  ? 22  LEU A N   1 
ATOM   139  C  CA  . LEU A 1 22  ? -14.163 4.904   -10.616 1.00 52.58  ? 22  LEU A CA  1 
ATOM   140  C  C   . LEU A 1 22  ? -12.887 4.209   -11.110 1.00 52.12  ? 22  LEU A C   1 
ATOM   141  O  O   . LEU A 1 22  ? -12.758 3.900   -12.299 1.00 53.75  ? 22  LEU A O   1 
ATOM   142  C  CB  . LEU A 1 22  ? -13.876 6.402   -10.401 1.00 55.14  ? 22  LEU A CB  1 
ATOM   143  C  CG  . LEU A 1 22  ? -15.072 7.370   -10.293 1.00 58.33  ? 22  LEU A CG  1 
ATOM   144  C  CD1 . LEU A 1 22  ? -14.579 8.772   -9.948  1.00 58.46  ? 22  LEU A CD1 1 
ATOM   145  C  CD2 . LEU A 1 22  ? -15.923 7.405   -11.561 1.00 57.78  ? 22  LEU A CD2 1 
ATOM   146  N  N   . ILE A 1 23  ? -11.964 3.947   -10.192 1.00 50.45  ? 23  ILE A N   1 
ATOM   147  C  CA  . ILE A 1 23  ? -10.662 3.415   -10.553 1.00 50.98  ? 23  ILE A CA  1 
ATOM   148  C  C   . ILE A 1 23  ? -10.729 1.963   -11.047 1.00 52.30  ? 23  ILE A C   1 
ATOM   149  O  O   . ILE A 1 23  ? -9.918  1.555   -11.879 1.00 51.61  ? 23  ILE A O   1 
ATOM   150  C  CB  . ILE A 1 23  ? -9.643  3.589   -9.394  1.00 50.62  ? 23  ILE A CB  1 
ATOM   151  C  CG1 . ILE A 1 23  ? -8.206  3.522   -9.911  1.00 50.97  ? 23  ILE A CG1 1 
ATOM   152  C  CG2 . ILE A 1 23  ? -9.830  2.546   -8.308  1.00 51.18  ? 23  ILE A CG2 1 
ATOM   153  C  CD1 . ILE A 1 23  ? -7.823  4.638   -10.866 1.00 49.70  ? 23  ILE A CD1 1 
ATOM   154  N  N   . ARG A 1 24  ? -11.690 1.196   -10.546 1.00 54.63  ? 24  ARG A N   1 
ATOM   155  C  CA  . ARG A 1 24  ? -11.888 -0.178  -11.013 1.00 56.89  ? 24  ARG A CA  1 
ATOM   156  C  C   . ARG A 1 24  ? -12.762 -0.286  -12.271 1.00 56.39  ? 24  ARG A C   1 
ATOM   157  O  O   . ARG A 1 24  ? -12.765 -1.333  -12.901 1.00 56.41  ? 24  ARG A O   1 
ATOM   158  C  CB  . ARG A 1 24  ? -12.390 -1.084  -9.875  1.00 58.92  ? 24  ARG A CB  1 
ATOM   159  C  CG  . ARG A 1 24  ? -11.262 -1.536  -8.948  1.00 59.03  ? 24  ARG A CG  1 
ATOM   160  C  CD  . ARG A 1 24  ? -11.717 -2.529  -7.894  1.00 62.68  ? 24  ARG A CD  1 
ATOM   161  N  NE  . ARG A 1 24  ? -11.615 -3.943  -8.292  1.00 64.09  ? 24  ARG A NE  1 
ATOM   162  C  CZ  . ARG A 1 24  ? -10.517 -4.706  -8.224  1.00 61.99  ? 24  ARG A CZ  1 
ATOM   163  N  NH1 . ARG A 1 24  ? -9.350  -4.220  -7.804  1.00 62.11  ? 24  ARG A NH1 1 
ATOM   164  N  NH2 . ARG A 1 24  ? -10.583 -5.981  -8.593  1.00 62.05  ? 24  ARG A NH2 1 
ATOM   165  N  N   . GLU A 1 25  ? -13.482 0.777   -12.644 1.00 57.64  ? 25  GLU A N   1 
ATOM   166  C  CA  . GLU A 1 25  ? -14.048 0.883   -14.000 1.00 58.41  ? 25  GLU A CA  1 
ATOM   167  C  C   . GLU A 1 25  ? -12.919 0.933   -15.031 1.00 59.77  ? 25  GLU A C   1 
ATOM   168  O  O   . GLU A 1 25  ? -13.031 0.333   -16.091 1.00 65.11  ? 25  GLU A O   1 
ATOM   169  C  CB  . GLU A 1 25  ? -14.933 2.126   -14.163 1.00 55.17  ? 25  GLU A CB  1 
ATOM   170  N  N   . GLN A 1 26  ? -11.838 1.638   -14.699 1.00 59.08  ? 26  GLN A N   1 
ATOM   171  C  CA  . GLN A 1 26  ? -10.680 1.783   -15.580 1.00 59.70  ? 26  GLN A CA  1 
ATOM   172  C  C   . GLN A 1 26  ? -9.717  0.584   -15.508 1.00 58.55  ? 26  GLN A C   1 
ATOM   173  O  O   . GLN A 1 26  ? -9.225  0.125   -16.543 1.00 59.27  ? 26  GLN A O   1 
ATOM   174  C  CB  . GLN A 1 26  ? -9.903  3.067   -15.241 1.00 63.60  ? 26  GLN A CB  1 
ATOM   175  C  CG  . GLN A 1 26  ? -10.715 4.357   -15.228 1.00 66.79  ? 26  GLN A CG  1 
ATOM   176  C  CD  . GLN A 1 26  ? -11.300 4.719   -16.578 1.00 73.82  ? 26  GLN A CD  1 
ATOM   177  O  OE1 . GLN A 1 26  ? -10.933 4.155   -17.605 1.00 82.09  ? 26  GLN A OE1 1 
ATOM   178  N  NE2 . GLN A 1 26  ? -12.206 5.686   -16.582 1.00 83.06  ? 26  GLN A NE2 1 
ATOM   179  N  N   . HIS A 1 27  ? -9.447  0.091   -14.297 1.00 55.20  ? 27  HIS A N   1 
ATOM   180  C  CA  . HIS A 1 27  ? -8.461  -0.982  -14.064 1.00 54.29  ? 27  HIS A CA  1 
ATOM   181  C  C   . HIS A 1 27  ? -9.073  -2.098  -13.199 1.00 56.10  ? 27  HIS A C   1 
ATOM   182  O  O   . HIS A 1 27  ? -8.798  -2.188  -11.986 1.00 52.59  ? 27  HIS A O   1 
ATOM   183  C  CB  . HIS A 1 27  ? -7.208  -0.418  -13.392 1.00 52.54  ? 27  HIS A CB  1 
ATOM   184  C  CG  . HIS A 1 27  ? -6.473  0.581   -14.224 1.00 50.31  ? 27  HIS A CG  1 
ATOM   185  N  ND1 . HIS A 1 27  ? -5.615  0.218   -15.235 1.00 50.82  ? 27  HIS A ND1 1 
ATOM   186  C  CD2 . HIS A 1 27  ? -6.468  1.932   -14.193 1.00 50.66  ? 27  HIS A CD2 1 
ATOM   187  C  CE1 . HIS A 1 27  ? -5.115  1.302   -15.795 1.00 48.59  ? 27  HIS A CE1 1 
ATOM   188  N  NE2 . HIS A 1 27  ? -5.616  2.357   -15.181 1.00 48.67  ? 27  HIS A NE2 1 
ATOM   189  N  N   . PRO A 1 28  ? -9.897  -2.964  -13.825 1.00 57.14  ? 28  PRO A N   1 
ATOM   190  C  CA  . PRO A 1 28  ? -10.672 -3.991  -13.112 1.00 54.11  ? 28  PRO A CA  1 
ATOM   191  C  C   . PRO A 1 28  ? -9.902  -5.051  -12.336 1.00 51.09  ? 28  PRO A C   1 
ATOM   192  O  O   . PRO A 1 28  ? -10.511 -5.734  -11.531 1.00 52.29  ? 28  PRO A O   1 
ATOM   193  C  CB  . PRO A 1 28  ? -11.451 -4.683  -14.236 1.00 55.90  ? 28  PRO A CB  1 
ATOM   194  C  CG  . PRO A 1 28  ? -11.529 -3.676  -15.325 1.00 56.52  ? 28  PRO A CG  1 
ATOM   195  C  CD  . PRO A 1 28  ? -10.217 -2.966  -15.267 1.00 56.66  ? 28  PRO A CD  1 
ATOM   196  N  N   . THR A 1 29  ? -8.607  -5.216  -12.590 1.00 49.78  ? 29  THR A N   1 
ATOM   197  C  CA  . THR A 1 29  ? -7.803  -6.205  -11.871 1.00 51.31  ? 29  THR A CA  1 
ATOM   198  C  C   . THR A 1 29  ? -6.759  -5.610  -10.920 1.00 54.64  ? 29  THR A C   1 
ATOM   199  O  O   . THR A 1 29  ? -6.096  -6.365  -10.206 1.00 57.59  ? 29  THR A O   1 
ATOM   200  C  CB  . THR A 1 29  ? -7.074  -7.127  -12.863 1.00 53.61  ? 29  THR A CB  1 
ATOM   201  O  OG1 . THR A 1 29  ? -6.110  -6.376  -13.620 1.00 53.41  ? 29  THR A OG1 1 
ATOM   202  C  CG2 . THR A 1 29  ? -8.080  -7.774  -13.816 1.00 54.81  ? 29  THR A CG2 1 
ATOM   203  N  N   . LYS A 1 30  ? -6.599  -4.282  -10.904 1.00 52.39  ? 30  LYS A N   1 
ATOM   204  C  CA  . LYS A 1 30  ? -5.568  -3.644  -10.083 1.00 49.85  ? 30  LYS A CA  1 
ATOM   205  C  C   . LYS A 1 30  ? -6.103  -3.296  -8.705  1.00 45.99  ? 30  LYS A C   1 
ATOM   206  O  O   . LYS A 1 30  ? -7.279  -2.968  -8.552  1.00 44.44  ? 30  LYS A O   1 
ATOM   207  C  CB  . LYS A 1 30  ? -5.031  -2.394  -10.765 1.00 53.03  ? 30  LYS A CB  1 
ATOM   208  C  CG  . LYS A 1 30  ? -4.210  -2.696  -12.006 1.00 57.29  ? 30  LYS A CG  1 
ATOM   209  C  CD  . LYS A 1 30  ? -3.382  -1.494  -12.422 1.00 59.78  ? 30  LYS A CD  1 
ATOM   210  C  CE  . LYS A 1 30  ? -2.636  -1.763  -13.714 1.00 62.66  ? 30  LYS A CE  1 
ATOM   211  N  NZ  . LYS A 1 30  ? -2.047  -0.506  -14.239 1.00 65.53  ? 30  LYS A NZ  1 
ATOM   212  N  N   . ILE A 1 31  ? -5.217  -3.344  -7.715  1.00 41.03  ? 31  ILE A N   1 
ATOM   213  C  CA  . ILE A 1 31  ? -5.600  -3.206  -6.317  1.00 40.68  ? 31  ILE A CA  1 
ATOM   214  C  C   . ILE A 1 31  ? -5.350  -1.786  -5.782  1.00 39.93  ? 31  ILE A C   1 
ATOM   215  O  O   . ILE A 1 31  ? -4.196  -1.334  -5.763  1.00 38.38  ? 31  ILE A O   1 
ATOM   216  C  CB  . ILE A 1 31  ? -4.813  -4.196  -5.442  1.00 40.77  ? 31  ILE A CB  1 
ATOM   217  C  CG1 . ILE A 1 31  ? -4.884  -5.616  -6.020  1.00 40.20  ? 31  ILE A CG1 1 
ATOM   218  C  CG2 . ILE A 1 31  ? -5.326  -4.150  -4.012  1.00 41.88  ? 31  ILE A CG2 1 
ATOM   219  C  CD1 . ILE A 1 31  ? -6.275  -6.102  -6.350  1.00 40.08  ? 31  ILE A CD1 1 
ATOM   220  N  N   . PRO A 1 32  ? -6.423  -1.088  -5.336  1.00 37.05  ? 32  PRO A N   1 
ATOM   221  C  CA  . PRO A 1 32  ? -6.284  0.218   -4.706  1.00 37.51  ? 32  PRO A CA  1 
ATOM   222  C  C   . PRO A 1 32  ? -5.816  0.106   -3.267  1.00 37.84  ? 32  PRO A C   1 
ATOM   223  O  O   . PRO A 1 32  ? -6.581  -0.325  -2.408  1.00 39.47  ? 32  PRO A O   1 
ATOM   224  C  CB  . PRO A 1 32  ? -7.698  0.797   -4.762  1.00 36.41  ? 32  PRO A CB  1 
ATOM   225  C  CG  . PRO A 1 32  ? -8.585  -0.374  -4.764  1.00 37.21  ? 32  PRO A CG  1 
ATOM   226  C  CD  . PRO A 1 32  ? -7.837  -1.490  -5.432  1.00 37.65  ? 32  PRO A CD  1 
ATOM   227  N  N   . VAL A 1 33  ? -4.578  0.516   -3.022  1.00 37.87  ? 33  VAL A N   1 
ATOM   228  C  CA  . VAL A 1 33  ? -3.935  0.370   -1.732  1.00 41.02  ? 33  VAL A CA  1 
ATOM   229  C  C   . VAL A 1 33  ? -3.617  1.755   -1.177  1.00 42.38  ? 33  VAL A C   1 
ATOM   230  O  O   . VAL A 1 33  ? -3.067  2.603   -1.884  1.00 42.64  ? 33  VAL A O   1 
ATOM   231  C  CB  . VAL A 1 33  ? -2.630  -0.458  -1.859  1.00 43.60  ? 33  VAL A CB  1 
ATOM   232  C  CG1 . VAL A 1 33  ? -1.941  -0.651  -0.507  1.00 44.28  ? 33  VAL A CG1 1 
ATOM   233  C  CG2 . VAL A 1 33  ? -2.925  -1.814  -2.488  1.00 43.44  ? 33  VAL A CG2 1 
ATOM   234  N  N   . ILE A 1 34  ? -3.974  1.972   0.086   1.00 41.97  ? 34  ILE A N   1 
ATOM   235  C  CA  . ILE A 1 34  ? -3.592  3.167   0.818   1.00 42.38  ? 34  ILE A CA  1 
ATOM   236  C  C   . ILE A 1 34  ? -2.396  2.793   1.670   1.00 42.33  ? 34  ILE A C   1 
ATOM   237  O  O   . ILE A 1 34  ? -2.507  1.907   2.509   1.00 41.54  ? 34  ILE A O   1 
ATOM   238  C  CB  . ILE A 1 34  ? -4.723  3.648   1.745   1.00 43.31  ? 34  ILE A CB  1 
ATOM   239  C  CG1 . ILE A 1 34  ? -5.981  4.010   0.938   1.00 43.55  ? 34  ILE A CG1 1 
ATOM   240  C  CG2 . ILE A 1 34  ? -4.262  4.824   2.602   1.00 43.81  ? 34  ILE A CG2 1 
ATOM   241  C  CD1 . ILE A 1 34  ? -5.864  5.241   0.055   1.00 42.96  ? 34  ILE A CD1 1 
ATOM   242  N  N   . ILE A 1 35  ? -1.264  3.461   1.451   1.00 44.04  ? 35  ILE A N   1 
ATOM   243  C  CA  . ILE A 1 35  ? -0.055  3.227   2.239   1.00 47.15  ? 35  ILE A CA  1 
ATOM   244  C  C   . ILE A 1 35  ? 0.369   4.500   2.975   1.00 49.33  ? 35  ILE A C   1 
ATOM   245  O  O   . ILE A 1 35  ? 0.674   5.527   2.358   1.00 49.39  ? 35  ILE A O   1 
ATOM   246  C  CB  . ILE A 1 35  ? 1.123   2.700   1.393   1.00 47.52  ? 35  ILE A CB  1 
ATOM   247  C  CG1 . ILE A 1 35  ? 0.663   1.561   0.476   1.00 48.31  ? 35  ILE A CG1 1 
ATOM   248  C  CG2 . ILE A 1 35  ? 2.254   2.215   2.310   1.00 46.79  ? 35  ILE A CG2 1 
ATOM   249  C  CD1 . ILE A 1 35  ? 1.765   0.947   -0.365  1.00 48.34  ? 35  ILE A CD1 1 
ATOM   250  N  N   . GLU A 1 36  ? 0.401   4.389   4.299   1.00 51.52  ? 36  GLU A N   1 
ATOM   251  C  CA  . GLU A 1 36  ? 0.732   5.481   5.203   1.00 54.18  ? 36  GLU A CA  1 
ATOM   252  C  C   . GLU A 1 36  ? 1.771   5.000   6.213   1.00 53.59  ? 36  GLU A C   1 
ATOM   253  O  O   . GLU A 1 36  ? 1.971   3.805   6.380   1.00 52.87  ? 36  GLU A O   1 
ATOM   254  C  CB  . GLU A 1 36  ? -0.536  5.956   5.917   1.00 55.87  ? 36  GLU A CB  1 
ATOM   255  C  CG  . GLU A 1 36  ? -1.585  6.516   4.963   1.00 59.16  ? 36  GLU A CG  1 
ATOM   256  C  CD  . GLU A 1 36  ? -2.829  7.041   5.666   1.00 61.84  ? 36  GLU A CD  1 
ATOM   257  O  OE1 . GLU A 1 36  ? -3.613  6.228   6.208   1.00 61.25  ? 36  GLU A OE1 1 
ATOM   258  O  OE2 . GLU A 1 36  ? -3.039  8.275   5.652   1.00 67.60  ? 36  GLU A OE2 1 
ATOM   259  N  N   . ARG A 1 37  ? 2.448   5.933   6.868   1.00 52.08  ? 37  ARG A N   1 
ATOM   260  C  CA  . ARG A 1 37  ? 3.409   5.581   7.900   1.00 50.57  ? 37  ARG A CA  1 
ATOM   261  C  C   . ARG A 1 37  ? 2.676   5.411   9.217   1.00 49.37  ? 37  ARG A C   1 
ATOM   262  O  O   . ARG A 1 37  ? 1.749   6.154   9.507   1.00 47.79  ? 37  ARG A O   1 
ATOM   263  C  CB  . ARG A 1 37  ? 4.476   6.663   8.035   1.00 51.60  ? 37  ARG A CB  1 
ATOM   264  C  CG  . ARG A 1 37  ? 5.609   6.242   8.953   1.00 53.02  ? 37  ARG A CG  1 
ATOM   265  C  CD  . ARG A 1 37  ? 6.692   7.285   9.068   1.00 51.87  ? 37  ARG A CD  1 
ATOM   266  N  NE  . ARG A 1 37  ? 6.224   8.478   9.758   1.00 52.34  ? 37  ARG A NE  1 
ATOM   267  C  CZ  . ARG A 1 37  ? 6.998   9.515   10.065  1.00 52.79  ? 37  ARG A CZ  1 
ATOM   268  N  NH1 . ARG A 1 37  ? 8.298   9.515   9.768   1.00 53.62  ? 37  ARG A NH1 1 
ATOM   269  N  NH2 . ARG A 1 37  ? 6.475   10.557  10.692  1.00 52.79  ? 37  ARG A NH2 1 
ATOM   270  N  N   . TYR A 1 38  ? 3.096   4.436   10.015  1.00 52.03  ? 38  TYR A N   1 
ATOM   271  C  CA  . TYR A 1 38  ? 2.563   4.266   11.375  1.00 56.08  ? 38  TYR A CA  1 
ATOM   272  C  C   . TYR A 1 38  ? 2.773   5.551   12.199  1.00 54.07  ? 38  TYR A C   1 
ATOM   273  O  O   . TYR A 1 38  ? 3.844   6.141   12.148  1.00 51.38  ? 38  TYR A O   1 
ATOM   274  C  CB  . TYR A 1 38  ? 3.224   3.048   12.046  1.00 60.27  ? 38  TYR A CB  1 
ATOM   275  C  CG  . TYR A 1 38  ? 2.882   2.865   13.505  1.00 65.41  ? 38  TYR A CG  1 
ATOM   276  C  CD1 . TYR A 1 38  ? 1.552   2.830   13.929  1.00 68.56  ? 38  TYR A CD1 1 
ATOM   277  C  CD2 . TYR A 1 38  ? 3.889   2.722   14.467  1.00 69.52  ? 38  TYR A CD2 1 
ATOM   278  C  CE1 . TYR A 1 38  ? 1.231   2.667   15.267  1.00 73.68  ? 38  TYR A CE1 1 
ATOM   279  C  CE2 . TYR A 1 38  ? 3.579   2.561   15.811  1.00 73.45  ? 38  TYR A CE2 1 
ATOM   280  C  CZ  . TYR A 1 38  ? 2.250   2.532   16.204  1.00 77.39  ? 38  TYR A CZ  1 
ATOM   281  O  OH  . TYR A 1 38  ? 1.933   2.372   17.528  1.00 87.27  ? 38  TYR A OH  1 
ATOM   282  N  N   . LYS A 1 39  ? 1.747   5.980   12.936  1.00 58.15  ? 39  LYS A N   1 
ATOM   283  C  CA  . LYS A 1 39  ? 1.779   7.266   13.672  1.00 60.60  ? 39  LYS A CA  1 
ATOM   284  C  C   . LYS A 1 39  ? 3.019   7.444   14.571  1.00 59.08  ? 39  LYS A C   1 
ATOM   285  O  O   . LYS A 1 39  ? 3.544   8.553   14.679  1.00 57.85  ? 39  LYS A O   1 
ATOM   286  C  CB  . LYS A 1 39  ? 0.483   7.489   14.488  1.00 62.25  ? 39  LYS A CB  1 
ATOM   287  C  CG  . LYS A 1 39  ? 0.298   6.574   15.704  1.00 66.59  ? 39  LYS A CG  1 
ATOM   288  C  CD  . LYS A 1 39  ? -1.112  6.656   16.291  1.00 67.51  ? 39  LYS A CD  1 
ATOM   289  N  N   . GLY A 1 40  ? 3.486   6.352   15.181  1.00 55.45  ? 40  GLY A N   1 
ATOM   290  C  CA  . GLY A 1 40  ? 4.637   6.379   16.082  1.00 55.01  ? 40  GLY A CA  1 
ATOM   291  C  C   . GLY A 1 40  ? 6.022   6.267   15.462  1.00 55.32  ? 40  GLY A C   1 
ATOM   292  O  O   . GLY A 1 40  ? 7.023   6.420   16.159  1.00 54.61  ? 40  GLY A O   1 
ATOM   293  N  N   . GLU A 1 41  ? 6.097   6.010   14.160  1.00 56.23  ? 41  GLU A N   1 
ATOM   294  C  CA  . GLU A 1 41  ? 7.380   5.780   13.493  1.00 56.71  ? 41  GLU A CA  1 
ATOM   295  C  C   . GLU A 1 41  ? 8.123   7.091   13.272  1.00 54.64  ? 41  GLU A C   1 
ATOM   296  O  O   . GLU A 1 41  ? 7.562   8.035   12.720  1.00 53.63  ? 41  GLU A O   1 
ATOM   297  C  CB  . GLU A 1 41  ? 7.152   5.085   12.148  1.00 59.30  ? 41  GLU A CB  1 
ATOM   298  C  CG  . GLU A 1 41  ? 8.405   4.786   11.327  1.00 58.08  ? 41  GLU A CG  1 
ATOM   299  C  CD  . GLU A 1 41  ? 9.348   3.798   11.983  1.00 57.89  ? 41  GLU A CD  1 
ATOM   300  O  OE1 . GLU A 1 41  ? 8.919   2.989   12.835  1.00 58.62  ? 41  GLU A OE1 1 
ATOM   301  O  OE2 . GLU A 1 41  ? 10.534  3.815   11.618  1.00 59.09  ? 41  GLU A OE2 1 
ATOM   302  N  N   . LYS A 1 42  ? 9.383   7.136   13.701  1.00 54.25  ? 42  LYS A N   1 
ATOM   303  C  CA  . LYS A 1 42  ? 10.231  8.317   13.516  1.00 52.62  ? 42  LYS A CA  1 
ATOM   304  C  C   . LYS A 1 42  ? 11.344  8.087   12.460  1.00 50.82  ? 42  LYS A C   1 
ATOM   305  O  O   . LYS A 1 42  ? 11.697  9.034   11.753  1.00 53.99  ? 42  LYS A O   1 
ATOM   306  C  CB  . LYS A 1 42  ? 10.836  8.782   14.864  1.00 54.47  ? 42  LYS A CB  1 
ATOM   307  C  CG  . LYS A 1 42  ? 9.892   8.835   16.082  1.00 56.25  ? 42  LYS A CG  1 
ATOM   308  C  CD  . LYS A 1 42  ? 9.154   10.165  16.247  1.00 56.56  ? 42  LYS A CD  1 
ATOM   309  N  N   . GLN A 1 43  ? 11.875  6.860   12.338  1.00 46.15  ? 43  GLN A N   1 
ATOM   310  C  CA  . GLN A 1 43  ? 13.052  6.585   11.475  1.00 45.74  ? 43  GLN A CA  1 
ATOM   311  C  C   . GLN A 1 43  ? 12.761  6.642   9.991   1.00 45.71  ? 43  GLN A C   1 
ATOM   312  O  O   . GLN A 1 43  ? 13.524  7.242   9.238   1.00 45.20  ? 43  GLN A O   1 
ATOM   313  C  CB  . GLN A 1 43  ? 13.689  5.217   11.788  1.00 45.45  ? 43  GLN A CB  1 
ATOM   314  C  CG  . GLN A 1 43  ? 14.867  4.828   10.882  1.00 45.84  ? 43  GLN A CG  1 
ATOM   315  C  CD  . GLN A 1 43  ? 15.415  3.439   11.181  1.00 46.35  ? 43  GLN A CD  1 
ATOM   316  O  OE1 . GLN A 1 43  ? 15.258  2.504   10.386  1.00 45.71  ? 43  GLN A OE1 1 
ATOM   317  N  NE2 . GLN A 1 43  ? 16.065  3.297   12.332  1.00 48.05  ? 43  GLN A NE2 1 
ATOM   318  N  N   . LEU A 1 44  ? 11.692  5.966   9.571   1.00 45.63  ? 44  LEU A N   1 
ATOM   319  C  CA  . LEU A 1 44  ? 11.329  5.890   8.154   1.00 43.81  ? 44  LEU A CA  1 
ATOM   320  C  C   . LEU A 1 44  ? 10.630  7.162   7.709   1.00 42.81  ? 44  LEU A C   1 
ATOM   321  O  O   . LEU A 1 44  ? 9.888   7.761   8.492   1.00 41.22  ? 44  LEU A O   1 
ATOM   322  C  CB  . LEU A 1 44  ? 10.424  4.689   7.868   1.00 44.27  ? 44  LEU A CB  1 
ATOM   323  C  CG  . LEU A 1 44  ? 10.998  3.306   8.175   1.00 44.30  ? 44  LEU A CG  1 
ATOM   324  C  CD1 . LEU A 1 44  ? 9.942   2.247   7.920   1.00 43.91  ? 44  LEU A CD1 1 
ATOM   325  C  CD2 . LEU A 1 44  ? 12.256  3.030   7.363   1.00 44.77  ? 44  LEU A CD2 1 
ATOM   326  N  N   . PRO A 1 45  ? 10.861  7.578   6.448   1.00 42.95  ? 45  PRO A N   1 
ATOM   327  C  CA  . PRO A 1 45  ? 10.263  8.800   5.929   1.00 43.48  ? 45  PRO A CA  1 
ATOM   328  C  C   . PRO A 1 45  ? 8.826   8.601   5.476   1.00 45.36  ? 45  PRO A C   1 
ATOM   329  O  O   . PRO A 1 45  ? 8.435   7.498   5.115   1.00 45.90  ? 45  PRO A O   1 
ATOM   330  C  CB  . PRO A 1 45  ? 11.155  9.139   4.740   1.00 43.45  ? 45  PRO A CB  1 
ATOM   331  C  CG  . PRO A 1 45  ? 11.629  7.820   4.250   1.00 42.08  ? 45  PRO A CG  1 
ATOM   332  C  CD  . PRO A 1 45  ? 11.766  6.955   5.463   1.00 41.79  ? 45  PRO A CD  1 
ATOM   333  N  N   . VAL A 1 46  ? 8.054   9.680   5.508   1.00 49.48  ? 46  VAL A N   1 
ATOM   334  C  CA  . VAL A 1 46  ? 6.698   9.687   4.986   1.00 50.54  ? 46  VAL A CA  1 
ATOM   335  C  C   . VAL A 1 46  ? 6.812   9.575   3.471   1.00 55.10  ? 46  VAL A C   1 
ATOM   336  O  O   . VAL A 1 46  ? 7.703   10.175  2.867   1.00 53.38  ? 46  VAL A O   1 
ATOM   337  C  CB  . VAL A 1 46  ? 5.941   10.978  5.382   1.00 51.00  ? 46  VAL A CB  1 
ATOM   338  C  CG1 . VAL A 1 46  ? 4.591   11.079  4.673   1.00 52.60  ? 46  VAL A CG1 1 
ATOM   339  C  CG2 . VAL A 1 46  ? 5.753   11.032  6.890   1.00 51.44  ? 46  VAL A CG2 1 
ATOM   340  N  N   . LEU A 1 47  ? 5.921   8.787   2.872   1.00 61.71  ? 47  LEU A N   1 
ATOM   341  C  CA  . LEU A 1 47  ? 5.906   8.601   1.426   1.00 62.41  ? 47  LEU A CA  1 
ATOM   342  C  C   . LEU A 1 47  ? 5.357   9.840   0.738   1.00 59.84  ? 47  LEU A C   1 
ATOM   343  O  O   . LEU A 1 47  ? 4.409   10.454  1.221   1.00 58.09  ? 47  LEU A O   1 
ATOM   344  C  CB  . LEU A 1 47  ? 5.082   7.370   1.018   1.00 67.10  ? 47  LEU A CB  1 
ATOM   345  C  CG  . LEU A 1 47  ? 5.871   6.096   0.689   1.00 69.55  ? 47  LEU A CG  1 
ATOM   346  C  CD1 . LEU A 1 47  ? 4.913   4.917   0.612   1.00 69.54  ? 47  LEU A CD1 1 
ATOM   347  C  CD2 . LEU A 1 47  ? 6.660   6.229   -0.614  1.00 70.02  ? 47  LEU A CD2 1 
ATOM   348  N  N   . ASP A 1 48  ? 5.981   10.195  -0.382  1.00 62.59  ? 48  ASP A N   1 
ATOM   349  C  CA  . ASP A 1 48  ? 5.517   11.291  -1.246  1.00 65.63  ? 48  ASP A CA  1 
ATOM   350  C  C   . ASP A 1 48  ? 4.031   11.173  -1.618  1.00 64.21  ? 48  ASP A C   1 
ATOM   351  O  O   . ASP A 1 48  ? 3.297   12.154  -1.538  1.00 62.22  ? 48  ASP A O   1 
ATOM   352  C  CB  . ASP A 1 48  ? 6.401   11.425  -2.512  1.00 70.38  ? 48  ASP A CB  1 
ATOM   353  C  CG  . ASP A 1 48  ? 6.585   10.095  -3.294  1.00 77.37  ? 48  ASP A CG  1 
ATOM   354  O  OD1 . ASP A 1 48  ? 6.285   8.990   -2.778  1.00 79.90  ? 48  ASP A OD1 1 
ATOM   355  O  OD2 . ASP A 1 48  ? 7.064   10.165  -4.445  1.00 82.77  ? 48  ASP A OD2 1 
ATOM   356  N  N   . LYS A 1 49  ? 3.594   9.966   -1.982  1.00 65.72  ? 49  LYS A N   1 
ATOM   357  C  CA  . LYS A 1 49  ? 2.208   9.703   -2.405  1.00 61.80  ? 49  LYS A CA  1 
ATOM   358  C  C   . LYS A 1 49  ? 1.525   8.718   -1.422  1.00 58.11  ? 49  LYS A C   1 
ATOM   359  O  O   . LYS A 1 49  ? 2.204   7.934   -0.757  1.00 55.25  ? 49  LYS A O   1 
ATOM   360  C  CB  . LYS A 1 49  ? 2.205   9.151   -3.847  1.00 62.52  ? 49  LYS A CB  1 
ATOM   361  C  CG  . LYS A 1 49  ? 3.073   9.900   -4.874  1.00 62.83  ? 49  LYS A CG  1 
ATOM   362  C  CD  . LYS A 1 49  ? 2.409   11.166  -5.421  1.00 62.65  ? 49  LYS A CD  1 
ATOM   363  N  N   . THR A 1 50  ? 0.193   8.780   -1.326  1.00 56.60  ? 50  THR A N   1 
ATOM   364  C  CA  . THR A 1 50  ? -0.609  7.885   -0.455  1.00 58.14  ? 50  THR A CA  1 
ATOM   365  C  C   . THR A 1 50  ? -1.374  6.783   -1.212  1.00 56.79  ? 50  THR A C   1 
ATOM   366  O  O   . THR A 1 50  ? -1.404  5.635   -0.767  1.00 56.58  ? 50  THR A O   1 
ATOM   367  C  CB  . THR A 1 50  ? -1.671  8.667   0.361   1.00 60.17  ? 50  THR A CB  1 
ATOM   368  O  OG1 . THR A 1 50  ? -1.147  9.925   0.785   1.00 63.80  ? 50  THR A OG1 1 
ATOM   369  C  CG2 . THR A 1 50  ? -2.097  7.883   1.595   1.00 62.33  ? 50  THR A CG2 1 
ATOM   370  N  N   . LYS A 1 51  ? -2.028  7.157   -2.313  1.00 54.23  ? 51  LYS A N   1 
ATOM   371  C  CA  . LYS A 1 51  ? -2.872  6.249   -3.097  1.00 52.47  ? 51  LYS A CA  1 
ATOM   372  C  C   . LYS A 1 51  ? -2.038  5.487   -4.109  1.00 51.00  ? 51  LYS A C   1 
ATOM   373  O  O   . LYS A 1 51  ? -1.415  6.104   -4.966  1.00 54.94  ? 51  LYS A O   1 
ATOM   374  C  CB  . LYS A 1 51  ? -3.945  7.029   -3.867  1.00 53.01  ? 51  LYS A CB  1 
ATOM   375  C  CG  . LYS A 1 51  ? -5.312  7.066   -3.219  1.00 54.68  ? 51  LYS A CG  1 
ATOM   376  C  CD  . LYS A 1 51  ? -6.398  7.453   -4.223  1.00 56.93  ? 51  LYS A CD  1 
ATOM   377  C  CE  . LYS A 1 51  ? -7.048  8.787   -3.921  1.00 58.99  ? 51  LYS A CE  1 
ATOM   378  N  NZ  . LYS A 1 51  ? -7.820  9.252   -5.106  1.00 60.05  ? 51  LYS A NZ  1 
ATOM   379  N  N   . PHE A 1 52  ? -2.038  4.159   -4.031  1.00 48.94  ? 52  PHE A N   1 
ATOM   380  C  CA  . PHE A 1 52  ? -1.348  3.324   -5.022  1.00 48.67  ? 52  PHE A CA  1 
ATOM   381  C  C   . PHE A 1 52  ? -2.307  2.348   -5.693  1.00 46.80  ? 52  PHE A C   1 
ATOM   382  O  O   . PHE A 1 52  ? -3.221  1.830   -5.056  1.00 45.28  ? 52  PHE A O   1 
ATOM   383  C  CB  . PHE A 1 52  ? -0.205  2.541   -4.385  1.00 48.83  ? 52  PHE A CB  1 
ATOM   384  C  CG  . PHE A 1 52  ? 0.830   3.403   -3.737  1.00 49.13  ? 52  PHE A CG  1 
ATOM   385  C  CD1 . PHE A 1 52  ? 0.670   3.835   -2.426  1.00 49.28  ? 52  PHE A CD1 1 
ATOM   386  C  CD2 . PHE A 1 52  ? 1.961   3.789   -4.435  1.00 49.90  ? 52  PHE A CD2 1 
ATOM   387  C  CE1 . PHE A 1 52  ? 1.623   4.641   -1.825  1.00 48.92  ? 52  PHE A CE1 1 
ATOM   388  C  CE2 . PHE A 1 52  ? 2.920   4.589   -3.843  1.00 49.35  ? 52  PHE A CE2 1 
ATOM   389  C  CZ  . PHE A 1 52  ? 2.750   5.018   -2.536  1.00 49.74  ? 52  PHE A CZ  1 
ATOM   390  N  N   . LEU A 1 53  ? -2.094  2.127   -6.987  1.00 46.53  ? 53  LEU A N   1 
ATOM   391  C  CA  . LEU A 1 53  ? -2.718  1.027   -7.722  1.00 47.24  ? 53  LEU A CA  1 
ATOM   392  C  C   . LEU A 1 53  ? -1.635  0.019   -8.015  1.00 45.92  ? 53  LEU A C   1 
ATOM   393  O  O   . LEU A 1 53  ? -0.616  0.365   -8.613  1.00 43.14  ? 53  LEU A O   1 
ATOM   394  C  CB  . LEU A 1 53  ? -3.291  1.497   -9.046  1.00 48.27  ? 53  LEU A CB  1 
ATOM   395  C  CG  . LEU A 1 53  ? -4.756  1.876   -9.144  1.00 49.37  ? 53  LEU A CG  1 
ATOM   396  C  CD1 . LEU A 1 53  ? -5.025  2.242   -10.599 1.00 51.22  ? 53  LEU A CD1 1 
ATOM   397  C  CD2 . LEU A 1 53  ? -5.662  0.746   -8.681  1.00 50.95  ? 53  LEU A CD2 1 
ATOM   398  N  N   . VAL A 1 54  ? -1.852  -1.225  -7.604  1.00 47.25  ? 54  VAL A N   1 
ATOM   399  C  CA  . VAL A 1 54  ? -0.838  -2.257  -7.786  1.00 48.09  ? 54  VAL A CA  1 
ATOM   400  C  C   . VAL A 1 54  ? -1.465  -3.454  -8.515  1.00 47.85  ? 54  VAL A C   1 
ATOM   401  O  O   . VAL A 1 54  ? -2.643  -3.767  -8.313  1.00 46.43  ? 54  VAL A O   1 
ATOM   402  C  CB  . VAL A 1 54  ? -0.120  -2.633  -6.456  1.00 49.21  ? 54  VAL A CB  1 
ATOM   403  C  CG1 . VAL A 1 54  ? -0.498  -1.690  -5.315  1.00 48.64  ? 54  VAL A CG1 1 
ATOM   404  C  CG2 . VAL A 1 54  ? -0.355  -4.071  -6.035  1.00 48.69  ? 54  VAL A CG2 1 
ATOM   405  N  N   . PRO A 1 55  ? -0.683  -4.118  -9.381  1.00 48.22  ? 55  PRO A N   1 
ATOM   406  C  CA  . PRO A 1 55  ? -1.265  -5.252  -10.094 1.00 48.74  ? 55  PRO A CA  1 
ATOM   407  C  C   . PRO A 1 55  ? -1.590  -6.434  -9.183  1.00 47.23  ? 55  PRO A C   1 
ATOM   408  O  O   . PRO A 1 55  ? -0.922  -6.644  -8.167  1.00 45.63  ? 55  PRO A O   1 
ATOM   409  C  CB  . PRO A 1 55  ? -0.174  -5.623  -11.108 1.00 49.03  ? 55  PRO A CB  1 
ATOM   410  C  CG  . PRO A 1 55  ? 0.670   -4.402  -11.228 1.00 47.13  ? 55  PRO A CG  1 
ATOM   411  C  CD  . PRO A 1 55  ? 0.677   -3.820  -9.858  1.00 46.76  ? 55  PRO A CD  1 
ATOM   412  N  N   . ASP A 1 56  ? -2.607  -7.200  -9.570  1.00 47.57  ? 56  ASP A N   1 
ATOM   413  C  CA  . ASP A 1 56  ? -3.055  -8.360  -8.793  1.00 48.13  ? 56  ASP A CA  1 
ATOM   414  C  C   . ASP A 1 56  ? -1.959  -9.355  -8.441  1.00 45.83  ? 56  ASP A C   1 
ATOM   415  O  O   . ASP A 1 56  ? -2.005  -9.962  -7.380  1.00 42.22  ? 56  ASP A O   1 
ATOM   416  C  CB  . ASP A 1 56  ? -4.218  -9.106  -9.502  1.00 51.80  ? 56  ASP A CB  1 
ATOM   417  C  CG  . ASP A 1 56  ? -3.848  -9.675  -10.885 1.00 54.73  ? 56  ASP A CG  1 
ATOM   418  O  OD1 . ASP A 1 56  ? -2.729  -9.451  -11.383 1.00 54.82  ? 56  ASP A OD1 1 
ATOM   419  O  OD2 . ASP A 1 56  ? -4.708  -10.360 -11.486 1.00 60.65  ? 56  ASP A OD2 1 
ATOM   420  N  N   . HIS A 1 57  ? -0.980  -9.506  -9.334  1.00 46.75  ? 57  HIS A N   1 
ATOM   421  C  CA  . HIS A 1 57  ? -0.019  -10.609 -9.252  1.00 51.32  ? 57  HIS A CA  1 
ATOM   422  C  C   . HIS A 1 57  ? 1.227   -10.282 -8.441  1.00 51.78  ? 57  HIS A C   1 
ATOM   423  O  O   . HIS A 1 57  ? 2.052   -11.174 -8.205  1.00 51.39  ? 57  HIS A O   1 
ATOM   424  C  CB  . HIS A 1 57  ? 0.350   -11.152 -10.653 1.00 52.96  ? 57  HIS A CB  1 
ATOM   425  C  CG  . HIS A 1 57  ? 0.859   -10.118 -11.615 1.00 56.02  ? 57  HIS A CG  1 
ATOM   426  N  ND1 . HIS A 1 57  ? 0.062   -9.554  -12.590 1.00 57.81  ? 57  HIS A ND1 1 
ATOM   427  C  CD2 . HIS A 1 57  ? 2.086   -9.567  -11.771 1.00 58.70  ? 57  HIS A CD2 1 
ATOM   428  C  CE1 . HIS A 1 57  ? 0.772   -8.687  -13.292 1.00 58.43  ? 57  HIS A CE1 1 
ATOM   429  N  NE2 . HIS A 1 57  ? 2.005   -8.681  -12.819 1.00 59.63  ? 57  HIS A NE2 1 
ATOM   430  N  N   . VAL A 1 58  ? 1.353   -9.024  -8.010  1.00 50.95  ? 58  VAL A N   1 
ATOM   431  C  CA  . VAL A 1 58  ? 2.479   -8.586  -7.187  1.00 51.69  ? 58  VAL A CA  1 
ATOM   432  C  C   . VAL A 1 58  ? 2.301   -9.144  -5.780  1.00 50.63  ? 58  VAL A C   1 
ATOM   433  O  O   . VAL A 1 58  ? 1.227   -8.993  -5.205  1.00 53.80  ? 58  VAL A O   1 
ATOM   434  C  CB  . VAL A 1 58  ? 2.563   -7.035  -7.142  1.00 55.22  ? 58  VAL A CB  1 
ATOM   435  C  CG1 . VAL A 1 58  ? 3.535   -6.542  -6.068  1.00 55.68  ? 58  VAL A CG1 1 
ATOM   436  C  CG2 . VAL A 1 58  ? 2.961   -6.492  -8.508  1.00 55.68  ? 58  VAL A CG2 1 
ATOM   437  N  N   . ASN A 1 59  ? 3.335   -9.784  -5.231  1.00 48.81  ? 59  ASN A N   1 
ATOM   438  C  CA  . ASN A 1 59  ? 3.287   -10.266 -3.837  1.00 49.07  ? 59  ASN A CA  1 
ATOM   439  C  C   . ASN A 1 59  ? 3.888   -9.250  -2.862  1.00 47.15  ? 59  ASN A C   1 
ATOM   440  O  O   . ASN A 1 59  ? 4.436   -8.227  -3.266  1.00 43.60  ? 59  ASN A O   1 
ATOM   441  C  CB  . ASN A 1 59  ? 3.880   -11.686 -3.681  1.00 49.58  ? 59  ASN A CB  1 
ATOM   442  C  CG  . ASN A 1 59  ? 5.380   -11.750 -3.919  1.00 52.38  ? 59  ASN A CG  1 
ATOM   443  O  OD1 . ASN A 1 59  ? 6.089   -10.752 -3.848  1.00 57.30  ? 59  ASN A OD1 1 
ATOM   444  N  ND2 . ASN A 1 59  ? 5.870   -12.948 -4.195  1.00 54.02  ? 59  ASN A ND2 1 
ATOM   445  N  N   . MET A 1 60  ? 3.761   -9.542  -1.575  1.00 48.80  ? 60  MET A N   1 
ATOM   446  C  CA  . MET A 1 60  ? 4.091   -8.587  -0.521  1.00 52.30  ? 60  MET A CA  1 
ATOM   447  C  C   . MET A 1 60  ? 5.573   -8.243  -0.412  1.00 52.19  ? 60  MET A C   1 
ATOM   448  O  O   . MET A 1 60  ? 5.910   -7.089  -0.138  1.00 48.36  ? 60  MET A O   1 
ATOM   449  C  CB  . MET A 1 60  ? 3.561   -9.097  0.809   1.00 55.00  ? 60  MET A CB  1 
ATOM   450  C  CG  . MET A 1 60  ? 2.050   -9.014  0.880   1.00 57.79  ? 60  MET A CG  1 
ATOM   451  S  SD  . MET A 1 60  ? 1.539   -7.344  1.314   1.00 61.77  ? 60  MET A SD  1 
ATOM   452  C  CE  . MET A 1 60  ? 0.255   -7.065  0.104   1.00 64.31  ? 60  MET A CE  1 
ATOM   453  N  N   . SER A 1 61  ? 6.448   -9.225  -0.640  1.00 53.41  ? 61  SER A N   1 
ATOM   454  C  CA  . SER A 1 61  ? 7.892   -8.963  -0.699  1.00 54.47  ? 61  SER A CA  1 
ATOM   455  C  C   . SER A 1 61  ? 8.227   -8.062  -1.874  1.00 54.00  ? 61  SER A C   1 
ATOM   456  O  O   . SER A 1 61  ? 9.099   -7.209  -1.769  1.00 58.84  ? 61  SER A O   1 
ATOM   457  C  CB  . SER A 1 61  ? 8.702   -10.252 -0.807  1.00 54.56  ? 61  SER A CB  1 
ATOM   458  O  OG  . SER A 1 61  ? 8.310   -10.983 -1.944  1.00 57.17  ? 61  SER A OG  1 
ATOM   459  N  N   . GLU A 1 62  ? 7.541   -8.262  -2.994  1.00 52.62  ? 62  GLU A N   1 
ATOM   460  C  CA  . GLU A 1 62  ? 7.714   -7.386  -4.147  1.00 54.42  ? 62  GLU A CA  1 
ATOM   461  C  C   . GLU A 1 62  ? 7.206   -5.979  -3.832  1.00 50.77  ? 62  GLU A C   1 
ATOM   462  O  O   . GLU A 1 62  ? 7.848   -4.994  -4.186  1.00 46.83  ? 62  GLU A O   1 
ATOM   463  C  CB  . GLU A 1 62  ? 7.044   -7.975  -5.390  1.00 58.93  ? 62  GLU A CB  1 
ATOM   464  C  CG  . GLU A 1 62  ? 7.807   -9.177  -5.951  1.00 64.26  ? 62  GLU A CG  1 
ATOM   465  C  CD  . GLU A 1 62  ? 6.997   -10.070 -6.893  1.00 70.18  ? 62  GLU A CD  1 
ATOM   466  O  OE1 . GLU A 1 62  ? 5.795   -9.805  -7.133  1.00 73.93  ? 62  GLU A OE1 1 
ATOM   467  O  OE2 . GLU A 1 62  ? 7.577   -11.058 -7.405  1.00 74.91  ? 62  GLU A OE2 1 
ATOM   468  N  N   . LEU A 1 63  ? 6.073   -5.890  -3.143  1.00 49.40  ? 63  LEU A N   1 
ATOM   469  C  CA  . LEU A 1 63  ? 5.544   -4.597  -2.740  1.00 50.01  ? 63  LEU A CA  1 
ATOM   470  C  C   . LEU A 1 63  ? 6.493   -3.886  -1.781  1.00 52.68  ? 63  LEU A C   1 
ATOM   471  O  O   . LEU A 1 63  ? 6.733   -2.683  -1.950  1.00 51.05  ? 63  LEU A O   1 
ATOM   472  C  CB  . LEU A 1 63  ? 4.161   -4.725  -2.102  1.00 50.87  ? 63  LEU A CB  1 
ATOM   473  C  CG  . LEU A 1 63  ? 3.481   -3.422  -1.638  1.00 50.55  ? 63  LEU A CG  1 
ATOM   474  C  CD1 . LEU A 1 63  ? 3.254   -2.475  -2.808  1.00 50.68  ? 63  LEU A CD1 1 
ATOM   475  C  CD2 . LEU A 1 63  ? 2.162   -3.713  -0.932  1.00 49.90  ? 63  LEU A CD2 1 
ATOM   476  N  N   . ILE A 1 64  ? 7.027   -4.605  -0.785  1.00 52.54  ? 64  ILE A N   1 
ATOM   477  C  CA  . ILE A 1 64  ? 7.937   -3.963  0.169   1.00 55.94  ? 64  ILE A CA  1 
ATOM   478  C  C   . ILE A 1 64  ? 9.246   -3.566  -0.521  1.00 54.23  ? 64  ILE A C   1 
ATOM   479  O  O   . ILE A 1 64  ? 9.803   -2.511  -0.223  1.00 53.73  ? 64  ILE A O   1 
ATOM   480  C  CB  . ILE A 1 64  ? 8.199   -4.770  1.480   1.00 59.00  ? 64  ILE A CB  1 
ATOM   481  C  CG1 . ILE A 1 64  ? 9.062   -6.017  1.257   1.00 65.71  ? 64  ILE A CG1 1 
ATOM   482  C  CG2 . ILE A 1 64  ? 6.899   -5.094  2.206   1.00 59.25  ? 64  ILE A CG2 1 
ATOM   483  C  CD1 . ILE A 1 64  ? 10.524  -5.836  1.631   1.00 70.70  ? 64  ILE A CD1 1 
ATOM   484  N  N   . LYS A 1 65  ? 9.716   -4.388  -1.457  1.00 52.95  ? 65  LYS A N   1 
ATOM   485  C  CA  . LYS A 1 65  ? 10.933  -4.064  -2.197  1.00 51.36  ? 65  LYS A CA  1 
ATOM   486  C  C   . LYS A 1 65  ? 10.734  -2.823  -3.068  1.00 49.91  ? 65  LYS A C   1 
ATOM   487  O  O   . LYS A 1 65  ? 11.660  -2.020  -3.214  1.00 48.96  ? 65  LYS A O   1 
ATOM   488  C  CB  . LYS A 1 65  ? 11.461  -5.270  -3.003  1.00 51.29  ? 65  LYS A CB  1 
ATOM   489  C  CG  . LYS A 1 65  ? 12.267  -6.261  -2.161  1.00 51.40  ? 65  LYS A CG  1 
ATOM   490  C  CD  . LYS A 1 65  ? 12.902  -7.361  -2.998  1.00 51.01  ? 65  LYS A CD  1 
ATOM   491  N  N   . ILE A 1 66  ? 9.532   -2.642  -3.616  1.00 50.90  ? 66  ILE A N   1 
ATOM   492  C  CA  . ILE A 1 66  ? 9.225   -1.426  -4.383  1.00 53.28  ? 66  ILE A CA  1 
ATOM   493  C  C   . ILE A 1 66  ? 9.347   -0.196  -3.495  1.00 54.54  ? 66  ILE A C   1 
ATOM   494  O  O   . ILE A 1 66  ? 10.072  0.735   -3.835  1.00 59.54  ? 66  ILE A O   1 
ATOM   495  C  CB  . ILE A 1 66  ? 7.830   -1.473  -5.046  1.00 52.70  ? 66  ILE A CB  1 
ATOM   496  C  CG1 . ILE A 1 66  ? 7.883   -2.384  -6.273  1.00 55.64  ? 66  ILE A CG1 1 
ATOM   497  C  CG2 . ILE A 1 66  ? 7.354   -0.082  -5.475  1.00 50.89  ? 66  ILE A CG2 1 
ATOM   498  C  CD1 . ILE A 1 66  ? 6.518   -2.837  -6.756  1.00 57.87  ? 66  ILE A CD1 1 
ATOM   499  N  N   . ILE A 1 67  ? 8.654   -0.224  -2.362  1.00 53.62  ? 67  ILE A N   1 
ATOM   500  C  CA  . ILE A 1 67  ? 8.606   0.909   -1.438  1.00 53.09  ? 67  ILE A CA  1 
ATOM   501  C  C   . ILE A 1 67  ? 9.986   1.213   -0.837  1.00 53.90  ? 67  ILE A C   1 
ATOM   502  O  O   . ILE A 1 67  ? 10.345  2.377   -0.675  1.00 52.61  ? 67  ILE A O   1 
ATOM   503  C  CB  . ILE A 1 67  ? 7.559   0.674   -0.334  1.00 53.28  ? 67  ILE A CB  1 
ATOM   504  C  CG1 . ILE A 1 67  ? 6.159   0.608   -0.962  1.00 56.06  ? 67  ILE A CG1 1 
ATOM   505  C  CG2 . ILE A 1 67  ? 7.605   1.775   0.720   1.00 52.22  ? 67  ILE A CG2 1 
ATOM   506  C  CD1 . ILE A 1 67  ? 5.163   -0.185  -0.146  1.00 58.93  ? 67  ILE A CD1 1 
ATOM   507  N  N   . ARG A 1 68  ? 10.756  0.172   -0.526  1.00 53.39  ? 68  ARG A N   1 
ATOM   508  C  CA  . ARG A 1 68  ? 12.150  0.349   -0.120  1.00 52.93  ? 68  ARG A CA  1 
ATOM   509  C  C   . ARG A 1 68  ? 12.979  1.094   -1.175  1.00 55.05  ? 68  ARG A C   1 
ATOM   510  O  O   . ARG A 1 68  ? 13.701  2.036   -0.842  1.00 56.96  ? 68  ARG A O   1 
ATOM   511  C  CB  . ARG A 1 68  ? 12.803  -0.993  0.156   1.00 52.67  ? 68  ARG A CB  1 
ATOM   512  C  CG  . ARG A 1 68  ? 12.452  -1.601  1.488   1.00 52.63  ? 68  ARG A CG  1 
ATOM   513  C  CD  . ARG A 1 68  ? 13.119  -2.961  1.603   1.00 55.31  ? 68  ARG A CD  1 
ATOM   514  N  NE  . ARG A 1 68  ? 13.614  -3.212  2.949   1.00 56.42  ? 68  ARG A NE  1 
ATOM   515  C  CZ  . ARG A 1 68  ? 14.785  -2.799  3.434   1.00 55.82  ? 68  ARG A CZ  1 
ATOM   516  N  NH1 . ARG A 1 68  ? 15.643  -2.088  2.704   1.00 58.61  ? 68  ARG A NH1 1 
ATOM   517  N  NH2 . ARG A 1 68  ? 15.097  -3.104  4.680   1.00 55.84  ? 68  ARG A NH2 1 
ATOM   518  N  N   . ARG A 1 69  ? 12.880  0.665   -2.435  1.00 55.51  ? 69  ARG A N   1 
ATOM   519  C  CA  . ARG A 1 69  ? 13.584  1.338   -3.531  1.00 54.21  ? 69  ARG A CA  1 
ATOM   520  C  C   . ARG A 1 69  ? 13.099  2.784   -3.719  1.00 54.12  ? 69  ARG A C   1 
ATOM   521  O  O   . ARG A 1 69  ? 13.904  3.662   -4.033  1.00 56.61  ? 69  ARG A O   1 
ATOM   522  C  CB  . ARG A 1 69  ? 13.472  0.552   -4.841  1.00 51.54  ? 69  ARG A CB  1 
ATOM   523  N  N   . ARG A 1 70  ? 11.810  3.046   -3.497  1.00 52.92  ? 70  ARG A N   1 
ATOM   524  C  CA  . ARG A 1 70  ? 11.291  4.420   -3.613  1.00 55.44  ? 70  ARG A CA  1 
ATOM   525  C  C   . ARG A 1 70  ? 11.920  5.289   -2.522  1.00 54.26  ? 70  ARG A C   1 
ATOM   526  O  O   . ARG A 1 70  ? 12.370  6.396   -2.793  1.00 57.40  ? 70  ARG A O   1 
ATOM   527  C  CB  . ARG A 1 70  ? 9.757   4.501   -3.517  1.00 57.10  ? 70  ARG A CB  1 
ATOM   528  C  CG  . ARG A 1 70  ? 8.967   3.592   -4.458  1.00 61.29  ? 70  ARG A CG  1 
ATOM   529  C  CD  . ARG A 1 70  ? 8.377   4.246   -5.700  1.00 62.42  ? 70  ARG A CD  1 
ATOM   530  N  NE  . ARG A 1 70  ? 7.474   5.355   -5.433  1.00 65.59  ? 70  ARG A NE  1 
ATOM   531  C  CZ  . ARG A 1 70  ? 6.676   5.920   -6.339  1.00 65.92  ? 70  ARG A CZ  1 
ATOM   532  N  NH1 . ARG A 1 70  ? 6.621   5.471   -7.597  1.00 61.08  ? 70  ARG A NH1 1 
ATOM   533  N  NH2 . ARG A 1 70  ? 5.907   6.945   -5.970  1.00 69.55  ? 70  ARG A NH2 1 
ATOM   534  N  N   . LEU A 1 71  ? 11.969  4.754   -1.305  1.00 53.41  ? 71  LEU A N   1 
ATOM   535  C  CA  . LEU A 1 71  ? 12.541  5.446   -0.148  1.00 53.86  ? 71  LEU A CA  1 
ATOM   536  C  C   . LEU A 1 71  ? 14.067  5.329   0.029   1.00 54.41  ? 71  LEU A C   1 
ATOM   537  O  O   . LEU A 1 71  ? 14.609  5.881   0.980   1.00 53.82  ? 71  LEU A O   1 
ATOM   538  C  CB  . LEU A 1 71  ? 11.862  4.933   1.120   1.00 53.36  ? 71  LEU A CB  1 
ATOM   539  C  CG  . LEU A 1 71  ? 10.349  5.061   1.226   1.00 53.85  ? 71  LEU A CG  1 
ATOM   540  C  CD1 . LEU A 1 71  ? 9.927   4.625   2.619   1.00 54.00  ? 71  LEU A CD1 1 
ATOM   541  C  CD2 . LEU A 1 71  ? 9.875   6.473   0.931   1.00 55.50  ? 71  LEU A CD2 1 
ATOM   542  N  N   . GLN A 1 72  ? 14.752  4.615   -0.863  1.00 56.69  ? 72  GLN A N   1 
ATOM   543  C  CA  . GLN A 1 72  ? 16.219  4.449   -0.816  1.00 57.73  ? 72  GLN A CA  1 
ATOM   544  C  C   . GLN A 1 72  ? 16.726  4.089   0.571   1.00 56.56  ? 72  GLN A C   1 
ATOM   545  O  O   . GLN A 1 72  ? 17.719  4.624   1.040   1.00 60.71  ? 72  GLN A O   1 
ATOM   546  C  CB  . GLN A 1 72  ? 16.930  5.701   -1.337  1.00 59.56  ? 72  GLN A CB  1 
ATOM   547  C  CG  . GLN A 1 72  ? 16.348  6.236   -2.632  1.00 62.19  ? 72  GLN A CG  1 
ATOM   548  C  CD  . GLN A 1 72  ? 17.239  7.258   -3.294  1.00 64.70  ? 72  GLN A CD  1 
ATOM   549  O  OE1 . GLN A 1 72  ? 17.746  7.025   -4.387  1.00 69.24  ? 72  GLN A OE1 1 
ATOM   550  N  NE2 . GLN A 1 72  ? 17.439  8.395   -2.636  1.00 64.31  ? 72  GLN A NE2 1 
ATOM   551  N  N   . LEU A 1 73  ? 16.022  3.174   1.222   1.00 56.85  ? 73  LEU A N   1 
ATOM   552  C  CA  . LEU A 1 73  ? 16.438  2.656   2.519   1.00 57.85  ? 73  LEU A CA  1 
ATOM   553  C  C   . LEU A 1 73  ? 17.737  1.902   2.344   1.00 57.44  ? 73  LEU A C   1 
ATOM   554  O  O   . LEU A 1 73  ? 17.875  1.170   1.377   1.00 59.10  ? 73  LEU A O   1 
ATOM   555  C  CB  . LEU A 1 73  ? 15.377  1.698   3.081   1.00 55.98  ? 73  LEU A CB  1 
ATOM   556  C  CG  . LEU A 1 73  ? 14.222  2.283   3.898   1.00 55.30  ? 73  LEU A CG  1 
ATOM   557  C  CD1 . LEU A 1 73  ? 13.810  3.689   3.482   1.00 53.15  ? 73  LEU A CD1 1 
ATOM   558  C  CD2 . LEU A 1 73  ? 13.040  1.325   3.860   1.00 56.15  ? 73  LEU A CD2 1 
ATOM   559  N  N   . ASN A 1 74  ? 18.679  2.059   3.268   1.00 61.05  ? 74  ASN A N   1 
ATOM   560  C  CA  . ASN A 1 74  ? 19.908  1.275   3.187   1.00 66.66  ? 74  ASN A CA  1 
ATOM   561  C  C   . ASN A 1 74  ? 19.580  -0.156  3.660   1.00 64.07  ? 74  ASN A C   1 
ATOM   562  O  O   . ASN A 1 74  ? 18.556  -0.376  4.317   1.00 64.94  ? 74  ASN A O   1 
ATOM   563  C  CB  . ASN A 1 74  ? 21.122  2.011   3.835   1.00 71.17  ? 74  ASN A CB  1 
ATOM   564  C  CG  . ASN A 1 74  ? 21.483  1.541   5.234   1.00 74.62  ? 74  ASN A CG  1 
ATOM   565  O  OD1 . ASN A 1 74  ? 20.717  0.879   5.927   1.00 83.41  ? 74  ASN A OD1 1 
ATOM   566  N  ND2 . ASN A 1 74  ? 22.686  1.913   5.662   1.00 76.58  ? 74  ASN A ND2 1 
ATOM   567  N  N   . ALA A 1 75  ? 20.412  -1.118  3.271   1.00 60.17  ? 75  ALA A N   1 
ATOM   568  C  CA  . ALA A 1 75  ? 20.096  -2.540  3.438   1.00 59.30  ? 75  ALA A CA  1 
ATOM   569  C  C   . ALA A 1 75  ? 19.788  -2.982  4.876   1.00 59.76  ? 75  ALA A C   1 
ATOM   570  O  O   . ALA A 1 75  ? 18.987  -3.890  5.076   1.00 63.06  ? 75  ALA A O   1 
ATOM   571  C  CB  . ALA A 1 75  ? 21.221  -3.391  2.865   1.00 59.31  ? 75  ALA A CB  1 
ATOM   572  N  N   . ASN A 1 76  ? 20.411  -2.345  5.864   1.00 61.18  ? 76  ASN A N   1 
ATOM   573  C  CA  . ASN A 1 76  ? 20.266  -2.753  7.273   1.00 62.74  ? 76  ASN A CA  1 
ATOM   574  C  C   . ASN A 1 76  ? 18.973  -2.286  7.937   1.00 61.21  ? 76  ASN A C   1 
ATOM   575  O  O   . ASN A 1 76  ? 18.641  -2.754  9.030   1.00 59.88  ? 76  ASN A O   1 
ATOM   576  C  CB  . ASN A 1 76  ? 21.455  -2.255  8.095   1.00 64.37  ? 76  ASN A CB  1 
ATOM   577  C  CG  . ASN A 1 76  ? 22.767  -2.805  7.594   1.00 67.86  ? 76  ASN A CG  1 
ATOM   578  O  OD1 . ASN A 1 76  ? 23.517  -2.117  6.902   1.00 71.66  ? 76  ASN A OD1 1 
ATOM   579  N  ND2 . ASN A 1 76  ? 23.036  -4.065  7.911   1.00 69.66  ? 76  ASN A ND2 1 
ATOM   580  N  N   . GLN A 1 77  ? 18.257  -1.363  7.296   1.00 58.63  ? 77  GLN A N   1 
ATOM   581  C  CA  . GLN A 1 77  ? 16.998  -0.851  7.840   1.00 57.09  ? 77  GLN A CA  1 
ATOM   582  C  C   . GLN A 1 77  ? 15.885  -1.892  7.711   1.00 55.79  ? 77  GLN A C   1 
ATOM   583  O  O   . GLN A 1 77  ? 15.757  -2.523  6.675   1.00 56.60  ? 77  GLN A O   1 
ATOM   584  C  CB  . GLN A 1 77  ? 16.583  0.429   7.114   1.00 54.45  ? 77  GLN A CB  1 
ATOM   585  C  CG  . GLN A 1 77  ? 17.559  1.577   7.280   1.00 52.52  ? 77  GLN A CG  1 
ATOM   586  C  CD  . GLN A 1 77  ? 16.956  2.906   6.891   1.00 51.16  ? 77  GLN A CD  1 
ATOM   587  O  OE1 . GLN A 1 77  ? 17.325  3.500   5.872   1.00 49.17  ? 77  GLN A OE1 1 
ATOM   588  N  NE2 . GLN A 1 77  ? 16.017  3.381   7.697   1.00 49.49  ? 77  GLN A NE2 1 
ATOM   589  N  N   . ALA A 1 78  ? 15.098  -2.074  8.768   1.00 55.17  ? 78  ALA A N   1 
ATOM   590  C  CA  . ALA A 1 78  ? 13.934  -2.960  8.726   1.00 52.71  ? 78  ALA A CA  1 
ATOM   591  C  C   . ALA A 1 78  ? 12.722  -2.226  8.143   1.00 52.04  ? 78  ALA A C   1 
ATOM   592  O  O   . ALA A 1 78  ? 12.613  -0.996  8.241   1.00 50.08  ? 78  ALA A O   1 
ATOM   593  C  CB  . ALA A 1 78  ? 13.622  -3.487  10.116  1.00 52.18  ? 78  ALA A CB  1 
ATOM   594  N  N   . PHE A 1 79  ? 11.820  -2.991  7.529   1.00 50.50  ? 79  PHE A N   1 
ATOM   595  C  CA  . PHE A 1 79  ? 10.592  -2.445  6.944   1.00 48.51  ? 79  PHE A CA  1 
ATOM   596  C  C   . PHE A 1 79  ? 9.486   -3.485  7.067   1.00 48.29  ? 79  PHE A C   1 
ATOM   597  O  O   . PHE A 1 79  ? 9.577   -4.554  6.461   1.00 48.38  ? 79  PHE A O   1 
ATOM   598  C  CB  . PHE A 1 79  ? 10.811  -2.074  5.470   1.00 48.13  ? 79  PHE A CB  1 
ATOM   599  C  CG  . PHE A 1 79  ? 9.655   -1.331  4.849   1.00 46.17  ? 79  PHE A CG  1 
ATOM   600  C  CD1 . PHE A 1 79  ? 8.580   -2.016  4.299   1.00 45.88  ? 79  PHE A CD1 1 
ATOM   601  C  CD2 . PHE A 1 79  ? 9.642   0.062   4.810   1.00 46.82  ? 79  PHE A CD2 1 
ATOM   602  C  CE1 . PHE A 1 79  ? 7.512   -1.324  3.729   1.00 47.23  ? 79  PHE A CE1 1 
ATOM   603  C  CE2 . PHE A 1 79  ? 8.575   0.760   4.240   1.00 46.42  ? 79  PHE A CE2 1 
ATOM   604  C  CZ  . PHE A 1 79  ? 7.506   0.067   3.700   1.00 45.83  ? 79  PHE A CZ  1 
ATOM   605  N  N   . PHE A 1 80  ? 8.458   -3.163  7.853   1.00 45.86  ? 80  PHE A N   1 
ATOM   606  C  CA  . PHE A 1 80  ? 7.326   -4.050  8.080   1.00 45.80  ? 80  PHE A CA  1 
ATOM   607  C  C   . PHE A 1 80  ? 6.036   -3.380  7.628   1.00 44.66  ? 80  PHE A C   1 
ATOM   608  O  O   . PHE A 1 80  ? 5.896   -2.176  7.759   1.00 43.11  ? 80  PHE A O   1 
ATOM   609  C  CB  . PHE A 1 80  ? 7.224   -4.408  9.567   1.00 48.44  ? 80  PHE A CB  1 
ATOM   610  C  CG  . PHE A 1 80  ? 8.475   -5.012  10.136  1.00 49.99  ? 80  PHE A CG  1 
ATOM   611  C  CD1 . PHE A 1 80  ? 8.749   -6.365  9.969   1.00 51.64  ? 80  PHE A CD1 1 
ATOM   612  C  CD2 . PHE A 1 80  ? 9.386   -4.232  10.841  1.00 50.97  ? 80  PHE A CD2 1 
ATOM   613  C  CE1 . PHE A 1 80  ? 9.910   -6.934  10.493  1.00 50.72  ? 80  PHE A CE1 1 
ATOM   614  C  CE2 . PHE A 1 80  ? 10.546  -4.795  11.367  1.00 51.02  ? 80  PHE A CE2 1 
ATOM   615  C  CZ  . PHE A 1 80  ? 10.808  -6.146  11.189  1.00 51.08  ? 80  PHE A CZ  1 
ATOM   616  N  N   . LEU A 1 81  ? 5.099   -4.174  7.103   1.00 46.73  ? 81  LEU A N   1 
ATOM   617  C  CA  . LEU A 1 81  ? 3.768   -3.695  6.711   1.00 47.65  ? 81  LEU A CA  1 
ATOM   618  C  C   . LEU A 1 81  ? 2.683   -4.338  7.581   1.00 47.98  ? 81  LEU A C   1 
ATOM   619  O  O   . LEU A 1 81  ? 2.636   -5.560  7.707   1.00 52.12  ? 81  LEU A O   1 
ATOM   620  C  CB  . LEU A 1 81  ? 3.494   -4.019  5.240   1.00 47.80  ? 81  LEU A CB  1 
ATOM   621  C  CG  . LEU A 1 81  ? 3.968   -2.998  4.196   1.00 48.70  ? 81  LEU A CG  1 
ATOM   622  C  CD1 . LEU A 1 81  ? 3.996   -3.605  2.798   1.00 50.76  ? 81  LEU A CD1 1 
ATOM   623  C  CD2 . LEU A 1 81  ? 3.096   -1.749  4.186   1.00 47.96  ? 81  LEU A CD2 1 
ATOM   624  N  N   . LEU A 1 82  ? 1.821   -3.511  8.171   1.00 45.59  ? 82  LEU A N   1 
ATOM   625  C  CA  . LEU A 1 82  ? 0.650   -3.979  8.902   1.00 45.00  ? 82  LEU A CA  1 
ATOM   626  C  C   . LEU A 1 82  ? -0.602  -3.632  8.097   1.00 43.50  ? 82  LEU A C   1 
ATOM   627  O  O   . LEU A 1 82  ? -0.824  -2.473  7.771   1.00 41.57  ? 82  LEU A O   1 
ATOM   628  C  CB  . LEU A 1 82  ? 0.579   -3.326  10.279  1.00 45.74  ? 82  LEU A CB  1 
ATOM   629  C  CG  . LEU A 1 82  ? -0.632  -3.728  11.129  1.00 47.27  ? 82  LEU A CG  1 
ATOM   630  C  CD1 . LEU A 1 82  ? -0.500  -5.165  11.596  1.00 46.75  ? 82  LEU A CD1 1 
ATOM   631  C  CD2 . LEU A 1 82  ? -0.823  -2.786  12.310  1.00 48.93  ? 82  LEU A CD2 1 
ATOM   632  N  N   . VAL A 1 83  ? -1.429  -4.638  7.826   1.00 43.14  ? 83  VAL A N   1 
ATOM   633  C  CA  . VAL A 1 83  ? -2.544  -4.515  6.905   1.00 42.65  ? 83  VAL A CA  1 
ATOM   634  C  C   . VAL A 1 83  ? -3.856  -4.518  7.663   1.00 41.01  ? 83  VAL A C   1 
ATOM   635  O  O   . VAL A 1 83  ? -4.037  -5.294  8.592   1.00 43.33  ? 83  VAL A O   1 
ATOM   636  C  CB  . VAL A 1 83  ? -2.528  -5.671  5.893   1.00 44.20  ? 83  VAL A CB  1 
ATOM   637  C  CG1 . VAL A 1 83  ? -3.602  -5.471  4.833   1.00 46.23  ? 83  VAL A CG1 1 
ATOM   638  C  CG2 . VAL A 1 83  ? -1.153  -5.781  5.242   1.00 45.31  ? 83  VAL A CG2 1 
ATOM   639  N  N   . ASN A 1 84  ? -4.761  -3.631  7.273   1.00 40.70  ? 84  ASN A N   1 
ATOM   640  C  CA  . ASN A 1 84  ? -6.104  -3.576  7.847   1.00 43.84  ? 84  ASN A CA  1 
ATOM   641  C  C   . ASN A 1 84  ? -6.099  -3.440  9.379   1.00 44.54  ? 84  ASN A C   1 
ATOM   642  O  O   . ASN A 1 84  ? -7.025  -3.890  10.047  1.00 49.58  ? 84  ASN A O   1 
ATOM   643  C  CB  . ASN A 1 84  ? -6.891  -4.830  7.417   1.00 44.88  ? 84  ASN A CB  1 
ATOM   644  C  CG  . ASN A 1 84  ? -8.411  -4.679  7.560   1.00 43.30  ? 84  ASN A CG  1 
ATOM   645  O  OD1 . ASN A 1 84  ? -8.949  -3.574  7.644   1.00 42.78  ? 84  ASN A OD1 1 
ATOM   646  N  ND2 . ASN A 1 84  ? -9.102  -5.809  7.575   1.00 40.33  ? 84  ASN A ND2 1 
ATOM   647  N  N   . GLY A 1 85  ? -5.055  -2.822  9.930   1.00 45.19  ? 85  GLY A N   1 
ATOM   648  C  CA  . GLY A 1 85  ? -4.917  -2.645  11.371  1.00 43.60  ? 85  GLY A CA  1 
ATOM   649  C  C   . GLY A 1 85  ? -4.506  -3.856  12.191  1.00 43.99  ? 85  GLY A C   1 
ATOM   650  O  O   . GLY A 1 85  ? -4.462  -3.758  13.400  1.00 41.78  ? 85  GLY A O   1 
ATOM   651  N  N   . HIS A 1 86  ? -4.191  -4.993  11.561  1.00 46.83  ? 86  HIS A N   1 
ATOM   652  C  CA  . HIS A 1 86  ? -3.851  -6.221  12.325  1.00 43.37  ? 86  HIS A CA  1 
ATOM   653  C  C   . HIS A 1 86  ? -3.079  -7.340  11.615  1.00 43.75  ? 86  HIS A C   1 
ATOM   654  O  O   . HIS A 1 86  ? -2.508  -8.199  12.294  1.00 43.55  ? 86  HIS A O   1 
ATOM   655  C  CB  . HIS A 1 86  ? -5.133  -6.850  12.890  1.00 41.88  ? 86  HIS A CB  1 
ATOM   656  C  CG  . HIS A 1 86  ? -6.000  -7.488  11.850  1.00 39.67  ? 86  HIS A CG  1 
ATOM   657  N  ND1 . HIS A 1 86  ? -6.981  -6.795  11.178  1.00 40.11  ? 86  HIS A ND1 1 
ATOM   658  C  CD2 . HIS A 1 86  ? -6.028  -8.752  11.362  1.00 38.36  ? 86  HIS A CD2 1 
ATOM   659  C  CE1 . HIS A 1 86  ? -7.587  -7.606  10.330  1.00 39.16  ? 86  HIS A CE1 1 
ATOM   660  N  NE2 . HIS A 1 86  ? -7.024  -8.796  10.417  1.00 38.44  ? 86  HIS A NE2 1 
ATOM   661  N  N   . SER A 1 87  ? -3.081  -7.370  10.284  1.00 44.07  ? 87  SER A N   1 
ATOM   662  C  CA  . SER A 1 87  ? -2.632  -8.546  9.564   1.00 46.14  ? 87  SER A CA  1 
ATOM   663  C  C   . SER A 1 87  ? -1.210  -8.375  9.060   1.00 50.36  ? 87  SER A C   1 
ATOM   664  O  O   . SER A 1 87  ? -0.904  -7.418  8.345   1.00 53.59  ? 87  SER A O   1 
ATOM   665  C  CB  . SER A 1 87  ? -3.571  -8.833  8.404   1.00 46.29  ? 87  SER A CB  1 
ATOM   666  O  OG  . SER A 1 87  ? -3.190  -10.021 7.734   1.00 49.99  ? 87  SER A OG  1 
ATOM   667  N  N   . MET A 1 88  ? -0.353  -9.312  9.455   1.00 56.71  ? 88  MET A N   1 
ATOM   668  C  CA  . MET A 1 88  ? 1.008   -9.431  8.964   1.00 60.32  ? 88  MET A CA  1 
ATOM   669  C  C   . MET A 1 88  ? 1.035   -10.730 8.177   1.00 60.31  ? 88  MET A C   1 
ATOM   670  O  O   . MET A 1 88  ? 1.274   -11.797 8.745   1.00 61.16  ? 88  MET A O   1 
ATOM   671  C  CB  . MET A 1 88  ? 1.988   -9.509  10.138  1.00 65.76  ? 88  MET A CB  1 
ATOM   672  C  CG  . MET A 1 88  ? 1.964   -8.319  11.094  1.00 71.65  ? 88  MET A CG  1 
ATOM   673  S  SD  . MET A 1 88  ? 3.371   -7.203  10.945  1.00 79.08  ? 88  MET A SD  1 
ATOM   674  C  CE  . MET A 1 88  ? 4.736   -8.292  11.361  1.00 78.69  ? 88  MET A CE  1 
ATOM   675  N  N   . VAL A 1 89  ? 0.744   -10.649 6.879   1.00 61.10  ? 89  VAL A N   1 
ATOM   676  C  CA  . VAL A 1 89  ? 0.662   -11.853 6.029   1.00 60.58  ? 89  VAL A CA  1 
ATOM   677  C  C   . VAL A 1 89  ? 2.033   -12.339 5.623   1.00 60.22  ? 89  VAL A C   1 
ATOM   678  O  O   . VAL A 1 89  ? 3.003   -11.587 5.688   1.00 60.23  ? 89  VAL A O   1 
ATOM   679  C  CB  . VAL A 1 89  ? -0.173  -11.637 4.748   1.00 62.28  ? 89  VAL A CB  1 
ATOM   680  C  CG1 . VAL A 1 89  ? -1.588  -11.205 5.109   1.00 66.08  ? 89  VAL A CG1 1 
ATOM   681  C  CG2 . VAL A 1 89  ? 0.483   -10.637 3.798   1.00 60.98  ? 89  VAL A CG2 1 
ATOM   682  N  N   . SER A 1 90  ? 2.097   -13.603 5.209   1.00 58.82  ? 90  SER A N   1 
ATOM   683  C  CA  . SER A 1 90  ? 3.293   -14.164 4.576   1.00 56.13  ? 90  SER A CA  1 
ATOM   684  C  C   . SER A 1 90  ? 3.675   -13.326 3.359   1.00 54.22  ? 90  SER A C   1 
ATOM   685  O  O   . SER A 1 90  ? 2.812   -12.969 2.561   1.00 55.21  ? 90  SER A O   1 
ATOM   686  C  CB  . SER A 1 90  ? 3.030   -15.607 4.138   1.00 57.88  ? 90  SER A CB  1 
ATOM   687  O  OG  . SER A 1 90  ? 3.916   -16.005 3.106   1.00 60.50  ? 90  SER A OG  1 
ATOM   688  N  N   . VAL A 1 91  ? 4.960   -13.024 3.214   1.00 53.75  ? 91  VAL A N   1 
ATOM   689  C  CA  . VAL A 1 91  ? 5.442   -12.190 2.092   1.00 55.05  ? 91  VAL A CA  1 
ATOM   690  C  C   . VAL A 1 91  ? 5.313   -12.866 0.717   1.00 54.69  ? 91  VAL A C   1 
ATOM   691  O  O   . VAL A 1 91  ? 5.311   -12.197 -0.316  1.00 55.63  ? 91  VAL A O   1 
ATOM   692  C  CB  . VAL A 1 91  ? 6.894   -11.690 2.287   1.00 54.71  ? 91  VAL A CB  1 
ATOM   693  C  CG1 . VAL A 1 91  ? 7.016   -10.905 3.586   1.00 53.70  ? 91  VAL A CG1 1 
ATOM   694  C  CG2 . VAL A 1 91  ? 7.904   -12.837 2.224   1.00 55.82  ? 91  VAL A CG2 1 
ATOM   695  N  N   . SER A 1 92  ? 5.217   -14.190 0.722   1.00 56.05  ? 92  SER A N   1 
ATOM   696  C  CA  . SER A 1 92  ? 4.865   -14.980 -0.460  1.00 56.62  ? 92  SER A CA  1 
ATOM   697  C  C   . SER A 1 92  ? 3.442   -14.745 -1.029  1.00 54.01  ? 92  SER A C   1 
ATOM   698  O  O   . SER A 1 92  ? 3.182   -15.101 -2.182  1.00 51.88  ? 92  SER A O   1 
ATOM   699  C  CB  . SER A 1 92  ? 5.020   -16.467 -0.120  1.00 60.32  ? 92  SER A CB  1 
ATOM   700  O  OG  . SER A 1 92  ? 4.840   -17.274 -1.264  1.00 65.98  ? 92  SER A OG  1 
ATOM   701  N  N   . THR A 1 93  ? 2.530   -14.173 -0.232  1.00 50.66  ? 93  THR A N   1 
ATOM   702  C  CA  . THR A 1 93  ? 1.136   -13.968 -0.640  1.00 47.65  ? 93  THR A CA  1 
ATOM   703  C  C   . THR A 1 93  ? 0.968   -12.894 -1.720  1.00 49.14  ? 93  THR A C   1 
ATOM   704  O  O   . THR A 1 93  ? 1.442   -11.771 -1.545  1.00 50.08  ? 93  THR A O   1 
ATOM   705  C  CB  . THR A 1 93  ? 0.270   -13.510 0.545   1.00 45.78  ? 93  THR A CB  1 
ATOM   706  O  OG1 . THR A 1 93  ? 0.588   -14.277 1.708   1.00 46.83  ? 93  THR A OG1 1 
ATOM   707  C  CG2 . THR A 1 93  ? -1.205  -13.650 0.220   1.00 45.61  ? 93  THR A CG2 1 
ATOM   708  N  N   . PRO A 1 94  ? 0.272   -13.216 -2.829  1.00 50.38  ? 94  PRO A N   1 
ATOM   709  C  CA  . PRO A 1 94  ? -0.052  -12.137 -3.772  1.00 50.58  ? 94  PRO A CA  1 
ATOM   710  C  C   . PRO A 1 94  ? -0.990  -11.105 -3.158  1.00 51.27  ? 94  PRO A C   1 
ATOM   711  O  O   . PRO A 1 94  ? -1.795  -11.434 -2.290  1.00 53.31  ? 94  PRO A O   1 
ATOM   712  C  CB  . PRO A 1 94  ? -0.716  -12.858 -4.948  1.00 49.57  ? 94  PRO A CB  1 
ATOM   713  C  CG  . PRO A 1 94  ? -1.066  -14.214 -4.437  1.00 50.55  ? 94  PRO A CG  1 
ATOM   714  C  CD  . PRO A 1 94  ? -0.079  -14.538 -3.374  1.00 49.80  ? 94  PRO A CD  1 
ATOM   715  N  N   . ILE A 1 95  ? -0.870  -9.864  -3.609  1.00 51.51  ? 95  ILE A N   1 
ATOM   716  C  CA  . ILE A 1 95  ? -1.664  -8.765  -3.059  1.00 52.48  ? 95  ILE A CA  1 
ATOM   717  C  C   . ILE A 1 95  ? -3.161  -8.897  -3.375  1.00 50.16  ? 95  ILE A C   1 
ATOM   718  O  O   . ILE A 1 95  ? -3.998  -8.337  -2.663  1.00 48.16  ? 95  ILE A O   1 
ATOM   719  C  CB  . ILE A 1 95  ? -1.113  -7.397  -3.521  1.00 55.74  ? 95  ILE A CB  1 
ATOM   720  C  CG1 . ILE A 1 95  ? -1.713  -6.260  -2.691  1.00 58.46  ? 95  ILE A CG1 1 
ATOM   721  C  CG2 . ILE A 1 95  ? -1.364  -7.169  -5.011  1.00 59.79  ? 95  ILE A CG2 1 
ATOM   722  C  CD1 . ILE A 1 95  ? -0.927  -4.970  -2.761  1.00 60.40  ? 95  ILE A CD1 1 
ATOM   723  N  N   . SER A 1 96  ? -3.486  -9.640  -4.432  1.00 50.45  ? 96  SER A N   1 
ATOM   724  C  CA  . SER A 1 96  ? -4.877  -9.957  -4.774  1.00 50.25  ? 96  SER A CA  1 
ATOM   725  C  C   . SER A 1 96  ? -5.583  -10.801 -3.712  1.00 48.28  ? 96  SER A C   1 
ATOM   726  O  O   . SER A 1 96  ? -6.775  -10.608 -3.464  1.00 47.64  ? 96  SER A O   1 
ATOM   727  C  CB  . SER A 1 96  ? -4.955  -10.673 -6.126  1.00 50.99  ? 96  SER A CB  1 
ATOM   728  O  OG  . SER A 1 96  ? -4.149  -11.840 -6.142  1.00 53.27  ? 96  SER A OG  1 
ATOM   729  N  N   . GLU A 1 97  ? -4.863  -11.739 -3.101  1.00 46.76  ? 97  GLU A N   1 
ATOM   730  C  CA  . GLU A 1 97  ? -5.440  -12.544 -2.021  1.00 47.66  ? 97  GLU A CA  1 
ATOM   731  C  C   . GLU A 1 97  ? -5.592  -11.726 -0.757  1.00 45.43  ? 97  GLU A C   1 
ATOM   732  O  O   . GLU A 1 97  ? -6.566  -11.911 -0.026  1.00 45.47  ? 97  GLU A O   1 
ATOM   733  C  CB  . GLU A 1 97  ? -4.618  -13.803 -1.745  1.00 49.39  ? 97  GLU A CB  1 
ATOM   734  C  CG  . GLU A 1 97  ? -4.610  -14.780 -2.913  1.00 53.12  ? 97  GLU A CG  1 
ATOM   735  C  CD  . GLU A 1 97  ? -5.989  -15.320 -3.267  1.00 55.90  ? 97  GLU A CD  1 
ATOM   736  O  OE1 . GLU A 1 97  ? -6.678  -15.904 -2.385  1.00 54.13  ? 97  GLU A OE1 1 
ATOM   737  O  OE2 . GLU A 1 97  ? -6.395  -15.157 -4.443  1.00 59.52  ? 97  GLU A OE2 1 
ATOM   738  N  N   . VAL A 1 98  ? -4.650  -10.818 -0.511  1.00 42.47  ? 98  VAL A N   1 
ATOM   739  C  CA  . VAL A 1 98  ? -4.756  -9.903  0.621   1.00 42.37  ? 98  VAL A CA  1 
ATOM   740  C  C   . VAL A 1 98  ? -6.004  -9.023  0.474   1.00 41.46  ? 98  VAL A C   1 
ATOM   741  O  O   . VAL A 1 98  ? -6.752  -8.845  1.433   1.00 42.96  ? 98  VAL A O   1 
ATOM   742  C  CB  . VAL A 1 98  ? -3.485  -9.028  0.796   1.00 43.96  ? 98  VAL A CB  1 
ATOM   743  C  CG1 . VAL A 1 98  ? -3.644  -8.058  1.965   1.00 44.04  ? 98  VAL A CG1 1 
ATOM   744  C  CG2 . VAL A 1 98  ? -2.252  -9.905  0.998   1.00 44.56  ? 98  VAL A CG2 1 
ATOM   745  N  N   . TYR A 1 99  ? -6.233  -8.493  -0.722  1.00 40.13  ? 99  TYR A N   1 
ATOM   746  C  CA  . TYR A 1 99  ? -7.421  -7.671  -0.999  1.00 42.43  ? 99  TYR A CA  1 
ATOM   747  C  C   . TYR A 1 99  ? -8.717  -8.449  -0.776  1.00 43.27  ? 99  TYR A C   1 
ATOM   748  O  O   . TYR A 1 99  ? -9.710  -7.915  -0.281  1.00 41.32  ? 99  TYR A O   1 
ATOM   749  C  CB  . TYR A 1 99  ? -7.365  -7.178  -2.440  1.00 42.59  ? 99  TYR A CB  1 
ATOM   750  C  CG  . TYR A 1 99  ? -8.404  -6.149  -2.833  1.00 42.78  ? 99  TYR A CG  1 
ATOM   751  C  CD1 . TYR A 1 99  ? -8.353  -4.843  -2.329  1.00 42.49  ? 99  TYR A CD1 1 
ATOM   752  C  CD2 . TYR A 1 99  ? -9.404  -6.457  -3.758  1.00 42.15  ? 99  TYR A CD2 1 
ATOM   753  C  CE1 . TYR A 1 99  ? -9.283  -3.886  -2.719  1.00 42.51  ? 99  TYR A CE1 1 
ATOM   754  C  CE2 . TYR A 1 99  ? -10.341 -5.509  -4.153  1.00 42.82  ? 99  TYR A CE2 1 
ATOM   755  C  CZ  . TYR A 1 99  ? -10.283 -4.228  -3.636  1.00 43.60  ? 99  TYR A CZ  1 
ATOM   756  O  OH  . TYR A 1 99  ? -11.237 -3.319  -4.048  1.00 45.78  ? 99  TYR A OH  1 
ATOM   757  N  N   . GLU A 1 100 ? -8.687  -9.721  -1.147  1.00 47.12  ? 100 GLU A N   1 
ATOM   758  C  CA  . GLU A 1 100 ? -9.823  -10.624 -0.955  1.00 49.83  ? 100 GLU A CA  1 
ATOM   759  C  C   . GLU A 1 100 ? -10.213 -10.764 0.519   1.00 48.70  ? 100 GLU A C   1 
ATOM   760  O  O   . GLU A 1 100 ? -11.391 -10.713 0.854   1.00 47.66  ? 100 GLU A O   1 
ATOM   761  C  CB  . GLU A 1 100 ? -9.479  -11.990 -1.537  1.00 52.27  ? 100 GLU A CB  1 
ATOM   762  C  CG  . GLU A 1 100 ? -10.649 -12.936 -1.690  1.00 57.30  ? 100 GLU A CG  1 
ATOM   763  C  CD  . GLU A 1 100 ? -10.257 -14.205 -2.425  1.00 61.75  ? 100 GLU A CD  1 
ATOM   764  O  OE1 . GLU A 1 100 ? -10.921 -15.243 -2.225  1.00 64.98  ? 100 GLU A OE1 1 
ATOM   765  O  OE2 . GLU A 1 100 ? -9.276  -14.175 -3.204  1.00 62.05  ? 100 GLU A OE2 1 
ATOM   766  N  N   . SER A 1 101 ? -9.215  -10.921 1.387   1.00 48.20  ? 101 SER A N   1 
ATOM   767  C  CA  . SER A 1 101 ? -9.444  -11.166 2.810   1.00 46.40  ? 101 SER A CA  1 
ATOM   768  C  C   . SER A 1 101 ? -9.362  -9.914  3.696   1.00 44.96  ? 101 SER A C   1 
ATOM   769  O  O   . SER A 1 101 ? -9.967  -9.904  4.766   1.00 43.16  ? 101 SER A O   1 
ATOM   770  C  CB  . SER A 1 101 ? -8.476  -12.239 3.325   1.00 46.75  ? 101 SER A CB  1 
ATOM   771  O  OG  . SER A 1 101 ? -7.149  -11.964 2.926   1.00 46.55  ? 101 SER A OG  1 
ATOM   772  N  N   . GLU A 1 102 ? -8.653  -8.864  3.270   1.00 41.62  ? 102 GLU A N   1 
ATOM   773  C  CA  . GLU A 1 102 ? -8.370  -7.746  4.185   1.00 41.29  ? 102 GLU A CA  1 
ATOM   774  C  C   . GLU A 1 102 ? -8.815  -6.361  3.758   1.00 41.88  ? 102 GLU A C   1 
ATOM   775  O  O   . GLU A 1 102 ? -8.589  -5.413  4.499   1.00 41.73  ? 102 GLU A O   1 
ATOM   776  C  CB  . GLU A 1 102 ? -6.877  -7.719  4.541   1.00 39.33  ? 102 GLU A CB  1 
ATOM   777  C  CG  . GLU A 1 102 ? -6.395  -8.974  5.253   1.00 39.22  ? 102 GLU A CG  1 
ATOM   778  C  CD  . GLU A 1 102 ? -6.990  -9.176  6.650   1.00 38.95  ? 102 GLU A CD  1 
ATOM   779  O  OE1 . GLU A 1 102 ? -7.526  -8.210  7.271   1.00 37.59  ? 102 GLU A OE1 1 
ATOM   780  O  OE2 . GLU A 1 102 ? -6.891  -10.325 7.146   1.00 35.89  ? 102 GLU A OE2 1 
ATOM   781  N  N   . ARG A 1 103 ? -9.482  -6.223  2.617   1.00 45.52  ? 103 ARG A N   1 
ATOM   782  C  CA  . ARG A 1 103 ? -9.898  -4.888  2.172   1.00 47.55  ? 103 ARG A CA  1 
ATOM   783  C  C   . ARG A 1 103 ? -10.857 -4.256  3.179   1.00 47.74  ? 103 ARG A C   1 
ATOM   784  O  O   . ARG A 1 103 ? -11.558 -4.956  3.897   1.00 45.35  ? 103 ARG A O   1 
ATOM   785  C  CB  . ARG A 1 103 ? -10.526 -4.914  0.773   1.00 48.39  ? 103 ARG A CB  1 
ATOM   786  C  CG  . ARG A 1 103 ? -11.997 -5.282  0.739   1.00 50.99  ? 103 ARG A CG  1 
ATOM   787  C  CD  . ARG A 1 103 ? -12.496 -5.472  -0.678  1.00 52.84  ? 103 ARG A CD  1 
ATOM   788  N  NE  . ARG A 1 103 ? -12.676 -6.893  -0.970  1.00 55.51  ? 103 ARG A NE  1 
ATOM   789  C  CZ  . ARG A 1 103 ? -13.834 -7.551  -0.988  1.00 55.54  ? 103 ARG A CZ  1 
ATOM   790  N  NH1 . ARG A 1 103 ? -14.994 -6.941  -0.739  1.00 56.42  ? 103 ARG A NH1 1 
ATOM   791  N  NH2 . ARG A 1 103 ? -13.831 -8.850  -1.283  1.00 59.32  ? 103 ARG A NH2 1 
ATOM   792  N  N   . ASP A 1 104 ? -10.864 -2.927  3.218   1.00 51.96  ? 104 ASP A N   1 
ATOM   793  C  CA  . ASP A 1 104 ? -11.751 -2.163  4.097   1.00 51.38  ? 104 ASP A CA  1 
ATOM   794  C  C   . ASP A 1 104 ? -13.165 -2.105  3.493   1.00 48.37  ? 104 ASP A C   1 
ATOM   795  O  O   . ASP A 1 104 ? -13.359 -2.366  2.315   1.00 42.66  ? 104 ASP A O   1 
ATOM   796  C  CB  . ASP A 1 104 ? -11.148 -0.770  4.318   1.00 54.11  ? 104 ASP A CB  1 
ATOM   797  C  CG  . ASP A 1 104 ? -11.982 0.108   5.225   1.00 58.64  ? 104 ASP A CG  1 
ATOM   798  O  OD1 . ASP A 1 104 ? -12.924 0.778   4.735   1.00 57.02  ? 104 ASP A OD1 1 
ATOM   799  O  OD2 . ASP A 1 104 ? -11.679 0.142   6.434   1.00 67.80  ? 104 ASP A OD2 1 
ATOM   800  N  N   . GLU A 1 105 ? -14.145 -1.797  4.331   1.00 51.17  ? 105 GLU A N   1 
ATOM   801  C  CA  . GLU A 1 105 ? -15.520 -1.547  3.896   1.00 54.57  ? 105 GLU A CA  1 
ATOM   802  C  C   . GLU A 1 105 ? -15.679 -0.505  2.755   1.00 50.72  ? 105 GLU A C   1 
ATOM   803  O  O   . GLU A 1 105 ? -16.659 -0.545  2.020   1.00 49.35  ? 105 GLU A O   1 
ATOM   804  C  CB  . GLU A 1 105 ? -16.418 -1.186  5.109   1.00 61.44  ? 105 GLU A CB  1 
ATOM   805  C  CG  . GLU A 1 105 ? -16.027 0.070   5.913   1.00 68.16  ? 105 GLU A CG  1 
ATOM   806  C  CD  . GLU A 1 105 ? -15.184 -0.193  7.171   1.00 71.65  ? 105 GLU A CD  1 
ATOM   807  O  OE1 . GLU A 1 105 ? -14.487 -1.233  7.243   1.00 74.01  ? 105 GLU A OE1 1 
ATOM   808  O  OE2 . GLU A 1 105 ? -15.206 0.660   8.092   1.00 69.18  ? 105 GLU A OE2 1 
ATOM   809  N  N   . ASP A 1 106 ? -14.733 0.417   2.601   1.00 50.33  ? 106 ASP A N   1 
ATOM   810  C  CA  . ASP A 1 106 ? -14.770 1.384   1.477   1.00 50.11  ? 106 ASP A CA  1 
ATOM   811  C  C   . ASP A 1 106 ? -14.208 0.873   0.125   1.00 47.64  ? 106 ASP A C   1 
ATOM   812  O  O   . ASP A 1 106 ? -14.361 1.538   -0.902  1.00 49.23  ? 106 ASP A O   1 
ATOM   813  C  CB  . ASP A 1 106 ? -14.114 2.726   1.873   1.00 50.22  ? 106 ASP A CB  1 
ATOM   814  C  CG  . ASP A 1 106 ? -12.622 2.615   2.156   1.00 50.91  ? 106 ASP A CG  1 
ATOM   815  O  OD1 . ASP A 1 106 ? -12.011 1.564   1.874   1.00 53.55  ? 106 ASP A OD1 1 
ATOM   816  O  OD2 . ASP A 1 106 ? -12.052 3.595   2.668   1.00 50.89  ? 106 ASP A OD2 1 
ATOM   817  N  N   . GLY A 1 107 ? -13.548 -0.281  0.131   1.00 45.49  ? 107 GLY A N   1 
ATOM   818  C  CA  . GLY A 1 107 ? -12.950 -0.851  -1.075  1.00 44.56  ? 107 GLY A CA  1 
ATOM   819  C  C   . GLY A 1 107 ? -11.443 -0.676  -1.208  1.00 44.67  ? 107 GLY A C   1 
ATOM   820  O  O   . GLY A 1 107 ? -10.836 -1.296  -2.082  1.00 45.03  ? 107 GLY A O   1 
ATOM   821  N  N   . PHE A 1 108 ? -10.836 0.169   -0.367  1.00 43.26  ? 108 PHE A N   1 
ATOM   822  C  CA  . PHE A 1 108 ? -9.376  0.309   -0.320  1.00 40.40  ? 108 PHE A CA  1 
ATOM   823  C  C   . PHE A 1 108 ? -8.760  -0.738  0.575   1.00 39.28  ? 108 PHE A C   1 
ATOM   824  O  O   . PHE A 1 108 ? -9.394  -1.221  1.512   1.00 38.17  ? 108 PHE A O   1 
ATOM   825  C  CB  . PHE A 1 108 ? -8.960  1.662   0.245   1.00 40.51  ? 108 PHE A CB  1 
ATOM   826  C  CG  . PHE A 1 108 ? -9.081  2.787   -0.717  1.00 39.66  ? 108 PHE A CG  1 
ATOM   827  C  CD1 . PHE A 1 108 ? -8.057  3.053   -1.616  1.00 39.39  ? 108 PHE A CD1 1 
ATOM   828  C  CD2 . PHE A 1 108 ? -10.206 3.610   -0.707  1.00 39.19  ? 108 PHE A CD2 1 
ATOM   829  C  CE1 . PHE A 1 108 ? -8.149  4.117   -2.500  1.00 39.21  ? 108 PHE A CE1 1 
ATOM   830  C  CE2 . PHE A 1 108 ? -10.305 4.674   -1.588  1.00 38.66  ? 108 PHE A CE2 1 
ATOM   831  C  CZ  . PHE A 1 108 ? -9.276  4.927   -2.486  1.00 38.54  ? 108 PHE A CZ  1 
ATOM   832  N  N   . LEU A 1 109 ? -7.497  -1.042  0.296   1.00 39.72  ? 109 LEU A N   1 
ATOM   833  C  CA  . LEU A 1 109 ? -6.684  -1.889  1.141   1.00 40.22  ? 109 LEU A CA  1 
ATOM   834  C  C   . LEU A 1 109 ? -5.732  -0.994  1.924   1.00 40.56  ? 109 LEU A C   1 
ATOM   835  O  O   . LEU A 1 109 ? -4.809  -0.417  1.343   1.00 42.07  ? 109 LEU A O   1 
ATOM   836  C  CB  . LEU A 1 109 ? -5.900  -2.875  0.281   1.00 40.04  ? 109 LEU A CB  1 
ATOM   837  C  CG  . LEU A 1 109 ? -5.078  -3.932  1.013   1.00 42.03  ? 109 LEU A CG  1 
ATOM   838  C  CD1 . LEU A 1 109 ? -5.928  -4.649  2.055   1.00 44.16  ? 109 LEU A CD1 1 
ATOM   839  C  CD2 . LEU A 1 109 ? -4.516  -4.935  0.021   1.00 42.44  ? 109 LEU A CD2 1 
ATOM   840  N  N   . TYR A 1 110 ? -5.964  -0.868  3.231   1.00 40.26  ? 110 TYR A N   1 
ATOM   841  C  CA  . TYR A 1 110 ? -5.136  -0.006  4.088   1.00 40.75  ? 110 TYR A CA  1 
ATOM   842  C  C   . TYR A 1 110 ? -3.915  -0.726  4.652   1.00 39.99  ? 110 TYR A C   1 
ATOM   843  O  O   . TYR A 1 110 ? -3.999  -1.858  5.116   1.00 39.57  ? 110 TYR A O   1 
ATOM   844  C  CB  . TYR A 1 110 ? -5.961  0.599   5.219   1.00 40.64  ? 110 TYR A CB  1 
ATOM   845  C  CG  . TYR A 1 110 ? -6.966  1.593   4.710   1.00 41.71  ? 110 TYR A CG  1 
ATOM   846  C  CD1 . TYR A 1 110 ? -8.202  1.170   4.228   1.00 43.62  ? 110 TYR A CD1 1 
ATOM   847  C  CD2 . TYR A 1 110 ? -6.681  2.949   4.680   1.00 42.94  ? 110 TYR A CD2 1 
ATOM   848  C  CE1 . TYR A 1 110 ? -9.135  2.070   3.745   1.00 42.84  ? 110 TYR A CE1 1 
ATOM   849  C  CE2 . TYR A 1 110 ? -7.610  3.863   4.195   1.00 43.72  ? 110 TYR A CE2 1 
ATOM   850  C  CZ  . TYR A 1 110 ? -8.834  3.415   3.728   1.00 43.64  ? 110 TYR A CZ  1 
ATOM   851  O  OH  . TYR A 1 110 ? -9.760  4.304   3.248   1.00 45.42  ? 110 TYR A OH  1 
ATOM   852  N  N   . MET A 1 111 ? -2.776  -0.052  4.581   1.00 39.75  ? 111 MET A N   1 
ATOM   853  C  CA  . MET A 1 111 ? -1.551  -0.537  5.169   1.00 42.18  ? 111 MET A CA  1 
ATOM   854  C  C   . MET A 1 111 ? -0.874  0.601   5.911   1.00 43.31  ? 111 MET A C   1 
ATOM   855  O  O   . MET A 1 111 ? -1.103  1.778   5.616   1.00 42.77  ? 111 MET A O   1 
ATOM   856  C  CB  . MET A 1 111 ? -0.620  -1.074  4.090   1.00 44.36  ? 111 MET A CB  1 
ATOM   857  C  CG  . MET A 1 111 ? -1.254  -2.154  3.228   1.00 47.66  ? 111 MET A CG  1 
ATOM   858  S  SD  . MET A 1 111 ? -0.196  -2.677  1.878   1.00 49.94  ? 111 MET A SD  1 
ATOM   859  C  CE  . MET A 1 111 ? 0.467   -4.196  2.517   1.00 56.04  ? 111 MET A CE  1 
ATOM   860  N  N   . VAL A 1 112 ? -0.064  0.241   6.899   1.00 42.99  ? 112 VAL A N   1 
ATOM   861  C  CA  . VAL A 1 112 ? 0.854   1.178   7.528   1.00 43.34  ? 112 VAL A CA  1 
ATOM   862  C  C   . VAL A 1 112 ? 2.193   0.497   7.624   1.00 43.12  ? 112 VAL A C   1 
ATOM   863  O  O   . VAL A 1 112 ? 2.249   -0.722  7.776   1.00 42.65  ? 112 VAL A O   1 
ATOM   864  C  CB  . VAL A 1 112 ? 0.404   1.650   8.926   1.00 44.94  ? 112 VAL A CB  1 
ATOM   865  C  CG1 . VAL A 1 112 ? -0.871  2.479   8.828   1.00 46.43  ? 112 VAL A CG1 1 
ATOM   866  C  CG2 . VAL A 1 112 ? 0.210   0.479   9.876   1.00 45.34  ? 112 VAL A CG2 1 
ATOM   867  N  N   . TYR A 1 113 ? 3.263   1.282   7.531   1.00 44.41  ? 113 TYR A N   1 
ATOM   868  C  CA  . TYR A 1 113 ? 4.615   0.745   7.612   1.00 45.49  ? 113 TYR A CA  1 
ATOM   869  C  C   . TYR A 1 113 ? 5.374   1.303   8.799   1.00 45.70  ? 113 TYR A C   1 
ATOM   870  O  O   . TYR A 1 113 ? 5.048   2.377   9.333   1.00 45.06  ? 113 TYR A O   1 
ATOM   871  C  CB  . TYR A 1 113 ? 5.417   0.970   6.314   1.00 48.33  ? 113 TYR A CB  1 
ATOM   872  C  CG  . TYR A 1 113 ? 5.558   2.406   5.874   1.00 47.41  ? 113 TYR A CG  1 
ATOM   873  C  CD1 . TYR A 1 113 ? 4.606   2.987   5.044   1.00 49.58  ? 113 TYR A CD1 1 
ATOM   874  C  CD2 . TYR A 1 113 ? 6.643   3.178   6.270   1.00 47.15  ? 113 TYR A CD2 1 
ATOM   875  C  CE1 . TYR A 1 113 ? 4.711   4.308   4.633   1.00 50.20  ? 113 TYR A CE1 1 
ATOM   876  C  CE2 . TYR A 1 113 ? 6.767   4.502   5.858   1.00 49.67  ? 113 TYR A CE2 1 
ATOM   877  C  CZ  . TYR A 1 113 ? 5.794   5.062   5.041   1.00 49.96  ? 113 TYR A CZ  1 
ATOM   878  O  OH  . TYR A 1 113 ? 5.889   6.363   4.622   1.00 49.66  ? 113 TYR A OH  1 
ATOM   879  N  N   . ALA A 1 114 ? 6.396   0.545   9.183   1.00 44.38  ? 114 ALA A N   1 
ATOM   880  C  CA  . ALA A 1 114 ? 7.267   0.873   10.295  1.00 45.03  ? 114 ALA A CA  1 
ATOM   881  C  C   . ALA A 1 114 ? 8.535   0.041   10.204  1.00 45.54  ? 114 ALA A C   1 
ATOM   882  O  O   . ALA A 1 114 ? 8.634   -0.866  9.379   1.00 46.98  ? 114 ALA A O   1 
ATOM   883  C  CB  . ALA A 1 114 ? 6.558   0.595   11.613  1.00 44.62  ? 114 ALA A CB  1 
ATOM   884  N  N   . SER A 1 115 ? 9.489   0.351   11.071  1.00 48.46  ? 115 SER A N   1 
ATOM   885  C  CA  . SER A 1 115 ? 10.745  -0.384  11.189  1.00 49.54  ? 115 SER A CA  1 
ATOM   886  C  C   . SER A 1 115 ? 10.806  -1.243  12.474  1.00 52.03  ? 115 SER A C   1 
ATOM   887  O  O   . SER A 1 115 ? 11.823  -1.898  12.727  1.00 54.72  ? 115 SER A O   1 
ATOM   888  C  CB  . SER A 1 115 ? 11.911  0.608   11.136  1.00 50.42  ? 115 SER A CB  1 
ATOM   889  O  OG  . SER A 1 115 ? 11.739  1.641   12.095  1.00 49.81  ? 115 SER A OG  1 
ATOM   890  N  N   . GLN A 1 116 ? 9.732   -1.238  13.273  1.00 53.97  ? 116 GLN A N   1 
ATOM   891  C  CA  . GLN A 1 116 ? 9.570   -2.146  14.414  1.00 55.94  ? 116 GLN A CA  1 
ATOM   892  C  C   . GLN A 1 116 ? 8.365   -3.070  14.133  1.00 60.73  ? 116 GLN A C   1 
ATOM   893  O  O   . GLN A 1 116 ? 7.352   -2.628  13.572  1.00 55.77  ? 116 GLN A O   1 
ATOM   894  C  CB  . GLN A 1 116 ? 9.361   -1.346  15.707  1.00 53.34  ? 116 GLN A CB  1 
ATOM   895  N  N   . GLU A 1 117 ? 8.491   -4.349  14.513  1.00 67.29  ? 117 GLU A N   1 
ATOM   896  C  CA  . GLU A 1 117 ? 7.423   -5.356  14.321  1.00 67.88  ? 117 GLU A CA  1 
ATOM   897  C  C   . GLU A 1 117 ? 6.191   -5.165  15.229  1.00 70.24  ? 117 GLU A C   1 
ATOM   898  O  O   . GLU A 1 117 ? 5.125   -5.693  14.920  1.00 74.31  ? 117 GLU A O   1 
ATOM   899  C  CB  . GLU A 1 117 ? 7.979   -6.777  14.496  1.00 66.14  ? 117 GLU A CB  1 
ATOM   900  N  N   . THR A 1 118 ? 6.343   -4.436  16.339  1.00 71.68  ? 118 THR A N   1 
ATOM   901  C  CA  . THR A 1 118 ? 5.211   -4.037  17.192  1.00 73.73  ? 118 THR A CA  1 
ATOM   902  C  C   . THR A 1 118 ? 4.515   -2.816  16.609  1.00 70.90  ? 118 THR A C   1 
ATOM   903  O  O   . THR A 1 118 ? 5.127   -2.037  15.882  1.00 76.07  ? 118 THR A O   1 
ATOM   904  C  CB  . THR A 1 118 ? 5.658   -3.673  18.623  1.00 79.72  ? 118 THR A CB  1 
ATOM   905  O  OG1 . THR A 1 118 ? 6.501   -2.509  18.595  1.00 78.49  ? 118 THR A OG1 1 
ATOM   906  C  CG2 . THR A 1 118 ? 6.400   -4.839  19.274  1.00 82.49  ? 118 THR A CG2 1 
ATOM   907  N  N   . PHE A 1 119 ? 3.250   -2.631  16.957  1.00 69.32  ? 119 PHE A N   1 
ATOM   908  C  CA  . PHE A 1 119 ? 2.445   -1.551  16.376  1.00 68.77  ? 119 PHE A CA  1 
ATOM   909  C  C   . PHE A 1 119 ? 1.418   -1.050  17.384  1.00 68.87  ? 119 PHE A C   1 
ATOM   910  O  O   . PHE A 1 119 ? 1.707   -0.163  18.175  1.00 71.46  ? 119 PHE A O   1 
ATOM   911  C  CB  . PHE A 1 119 ? 1.711   -2.057  15.129  1.00 64.64  ? 119 PHE A CB  1 
ATOM   912  C  CG  . PHE A 1 119 ? 2.541   -2.071  13.855  1.00 59.90  ? 119 PHE A CG  1 
ATOM   913  C  CD1 . PHE A 1 119 ? 2.511   -0.985  12.970  1.00 56.26  ? 119 PHE A CD1 1 
ATOM   914  C  CD2 . PHE A 1 119 ? 3.286   -3.199  13.492  1.00 57.45  ? 119 PHE A CD2 1 
ATOM   915  C  CE1 . PHE A 1 119 ? 3.230   -1.014  11.776  1.00 52.13  ? 119 PHE A CE1 1 
ATOM   916  C  CE2 . PHE A 1 119 ? 4.011   -3.228  12.302  1.00 53.24  ? 119 PHE A CE2 1 
ATOM   917  C  CZ  . PHE A 1 119 ? 3.979   -2.136  11.442  1.00 51.57  ? 119 PHE A CZ  1 
ATOM   918  N  N   . GLU B 2 2   ? 0.368   17.083  -8.522  1.00 102.42 ? 121 GLU D N   1 
ATOM   919  C  CA  . GLU B 2 2   ? -0.602  16.996  -7.384  1.00 101.57 ? 121 GLU D CA  1 
ATOM   920  C  C   . GLU B 2 2   ? -1.824  16.147  -7.752  1.00 96.66  ? 121 GLU D C   1 
ATOM   921  O  O   . GLU B 2 2   ? -2.971  16.568  -7.556  1.00 92.53  ? 121 GLU D O   1 
ATOM   922  C  CB  . GLU B 2 2   ? -1.033  18.401  -6.940  1.00 102.94 ? 121 GLU D CB  1 
ATOM   923  N  N   . ASP B 2 3   ? -1.552  14.961  -8.298  1.00 94.24  ? 122 ASP D N   1 
ATOM   924  C  CA  . ASP B 2 3   ? -2.568  13.944  -8.592  1.00 93.41  ? 122 ASP D CA  1 
ATOM   925  C  C   . ASP B 2 3   ? -2.340  12.757  -7.650  1.00 90.30  ? 122 ASP D C   1 
ATOM   926  O  O   . ASP B 2 3   ? -1.200  12.324  -7.461  1.00 92.68  ? 122 ASP D O   1 
ATOM   927  C  CB  . ASP B 2 3   ? -2.470  13.491  -10.050 1.00 91.71  ? 122 ASP D CB  1 
ATOM   928  N  N   . ASP B 2 4   ? -3.421  12.231  -7.073  1.00 82.54  ? 123 ASP D N   1 
ATOM   929  C  CA  . ASP B 2 4   ? -3.320  11.253  -5.987  1.00 74.02  ? 123 ASP D CA  1 
ATOM   930  C  C   . ASP B 2 4   ? -2.926  9.836   -6.442  1.00 67.90  ? 123 ASP D C   1 
ATOM   931  O  O   . ASP B 2 4   ? -2.090  9.222   -5.783  1.00 76.09  ? 123 ASP D O   1 
ATOM   932  C  CB  . ASP B 2 4   ? -4.610  11.208  -5.146  1.00 78.26  ? 123 ASP D CB  1 
ATOM   933  C  CG  . ASP B 2 4   ? -4.633  12.248  -4.010  1.00 82.12  ? 123 ASP D CG  1 
ATOM   934  O  OD1 . ASP B 2 4   ? -4.865  13.447  -4.277  1.00 85.10  ? 123 ASP D OD1 1 
ATOM   935  O  OD2 . ASP B 2 4   ? -4.447  11.855  -2.835  1.00 82.84  ? 123 ASP D OD2 1 
ATOM   936  N  N   . TRP B 2 5   ? -3.498  9.313   -7.533  1.00 58.95  ? 124 TRP D N   1 
ATOM   937  C  CA  . TRP B 2 5   ? -3.259  7.894   -7.937  1.00 53.36  ? 124 TRP D CA  1 
ATOM   938  C  C   . TRP B 2 5   ? -1.858  7.638   -8.449  1.00 50.93  ? 124 TRP D C   1 
ATOM   939  O  O   . TRP B 2 5   ? -1.479  8.198   -9.451  1.00 51.19  ? 124 TRP D O   1 
ATOM   940  C  CB  . TRP B 2 5   ? -4.221  7.421   -9.034  1.00 49.91  ? 124 TRP D CB  1 
ATOM   941  C  CG  . TRP B 2 5   ? -5.573  7.152   -8.552  1.00 49.05  ? 124 TRP D CG  1 
ATOM   942  C  CD1 . TRP B 2 5   ? -6.701  7.858   -8.843  1.00 48.13  ? 124 TRP D CD1 1 
ATOM   943  C  CD2 . TRP B 2 5   ? -5.969  6.099   -7.670  1.00 47.92  ? 124 TRP D CD2 1 
ATOM   944  N  NE1 . TRP B 2 5   ? -7.783  7.303   -8.201  1.00 48.29  ? 124 TRP D NE1 1 
ATOM   945  C  CE2 . TRP B 2 5   ? -7.361  6.224   -7.470  1.00 47.24  ? 124 TRP D CE2 1 
ATOM   946  C  CE3 . TRP B 2 5   ? -5.284  5.062   -7.027  1.00 47.66  ? 124 TRP D CE3 1 
ATOM   947  C  CZ2 . TRP B 2 5   ? -8.083  5.352   -6.652  1.00 47.00  ? 124 TRP D CZ2 1 
ATOM   948  C  CZ3 . TRP B 2 5   ? -6.000  4.192   -6.208  1.00 47.53  ? 124 TRP D CZ3 1 
ATOM   949  C  CH2 . TRP B 2 5   ? -7.387  4.346   -6.026  1.00 47.96  ? 124 TRP D CH2 1 
ATOM   950  N  N   . THR B 2 6   ? -1.121  6.754   -7.782  1.00 51.09  ? 125 THR D N   1 
ATOM   951  C  CA  . THR B 2 6   ? 0.239   6.400   -8.171  1.00 51.02  ? 125 THR D CA  1 
ATOM   952  C  C   . THR B 2 6   ? 0.306   4.945   -8.611  1.00 50.06  ? 125 THR D C   1 
ATOM   953  O  O   . THR B 2 6   ? 0.148   4.035   -7.811  1.00 49.83  ? 125 THR D O   1 
ATOM   954  C  CB  . THR B 2 6   ? 1.214   6.606   -7.001  1.00 52.74  ? 125 THR D CB  1 
ATOM   955  O  OG1 . THR B 2 6   ? 1.147   7.968   -6.572  1.00 56.66  ? 125 THR D OG1 1 
ATOM   956  C  CG2 . THR B 2 6   ? 2.648   6.272   -7.410  1.00 52.46  ? 125 THR D CG2 1 
ATOM   957  N  N   . GLU B 2 7   ? 0.559   4.742   -9.890  1.00 49.18  ? 126 GLU D N   1 
ATOM   958  C  CA  . GLU B 2 7   ? 0.684   3.418   -10.445 1.00 50.53  ? 126 GLU D CA  1 
ATOM   959  C  C   . GLU B 2 7   ? 2.157   3.102   -10.551 1.00 53.18  ? 126 GLU D C   1 
ATOM   960  O  O   . GLU B 2 7   ? 2.964   3.985   -10.805 1.00 56.62  ? 126 GLU D O   1 
ATOM   961  C  CB  . GLU B 2 7   ? -0.001  3.365   -11.804 1.00 49.67  ? 126 GLU D CB  1 
ATOM   962  C  CG  . GLU B 2 7   ? -1.494  3.626   -11.686 1.00 48.84  ? 126 GLU D CG  1 
ATOM   963  C  CD  . GLU B 2 7   ? -2.169  3.915   -13.005 1.00 47.42  ? 126 GLU D CD  1 
ATOM   964  O  OE1 . GLU B 2 7   ? -2.338  5.109   -13.321 1.00 48.63  ? 126 GLU D OE1 1 
ATOM   965  O  OE2 . GLU B 2 7   ? -2.548  2.950   -13.705 1.00 44.57  ? 126 GLU D OE2 1 
ATOM   966  N  N   . PHE B 2 8   ? 2.509   1.847   -10.313 1.00 56.31  ? 127 PHE D N   1 
ATOM   967  C  CA  . PHE B 2 8   ? 3.874   1.399   -10.479 1.00 58.19  ? 127 PHE D CA  1 
ATOM   968  C  C   . PHE B 2 8   ? 4.038   0.953   -11.918 1.00 59.15  ? 127 PHE D C   1 
ATOM   969  O  O   . PHE B 2 8   ? 3.235   0.167   -12.421 1.00 65.23  ? 127 PHE D O   1 
ATOM   970  C  CB  . PHE B 2 8   ? 4.166   0.234   -9.553  1.00 59.14  ? 127 PHE D CB  1 
ATOM   971  C  CG  . PHE B 2 8   ? 3.931   0.538   -8.110  1.00 61.76  ? 127 PHE D CG  1 
ATOM   972  C  CD1 . PHE B 2 8   ? 4.570   1.610   -7.501  1.00 65.22  ? 127 PHE D CD1 1 
ATOM   973  C  CD2 . PHE B 2 8   ? 3.088   -0.259  -7.347  1.00 65.13  ? 127 PHE D CD2 1 
ATOM   974  C  CE1 . PHE B 2 8   ? 4.366   1.887   -6.156  1.00 66.59  ? 127 PHE D CE1 1 
ATOM   975  C  CE2 . PHE B 2 8   ? 2.879   0.013   -6.004  1.00 66.18  ? 127 PHE D CE2 1 
ATOM   976  C  CZ  . PHE B 2 8   ? 3.518   1.085   -5.406  1.00 65.47  ? 127 PHE D CZ  1 
ATOM   977  N  N   . SER B 2 9   ? 5.073   1.452   -12.581 1.00 58.76  ? 128 SER D N   1 
ATOM   978  C  CA  . SER B 2 9   ? 5.406   0.998   -13.927 1.00 59.01  ? 128 SER D CA  1 
ATOM   979  C  C   . SER B 2 9   ? 5.954   -0.426  -13.885 1.00 59.68  ? 128 SER D C   1 
ATOM   980  O  O   . SER B 2 9   ? 6.300   -0.953  -12.820 1.00 57.95  ? 128 SER D O   1 
ATOM   981  C  CB  . SER B 2 9   ? 6.446   1.924   -14.561 1.00 59.77  ? 128 SER D CB  1 
ATOM   982  O  OG  . SER B 2 9   ? 7.624   1.978   -13.772 1.00 58.83  ? 128 SER D OG  1 
ATOM   983  N  N   . SER B 2 10  ? 6.022   -1.045  -15.055 1.00 60.56  ? 129 SER D N   1 
ATOM   984  C  CA  . SER B 2 10  ? 6.651   -2.351  -15.192 1.00 61.04  ? 129 SER D CA  1 
ATOM   985  C  C   . SER B 2 10  ? 8.137   -2.250  -14.905 1.00 58.23  ? 129 SER D C   1 
ATOM   986  O  O   . SER B 2 10  ? 8.689   -3.109  -14.234 1.00 53.32  ? 129 SER D O   1 
ATOM   987  C  CB  . SER B 2 10  ? 6.423   -2.897  -16.590 1.00 62.95  ? 129 SER D CB  1 
ATOM   988  O  OG  . SER B 2 10  ? 5.040   -2.899  -16.875 1.00 65.63  ? 129 SER D OG  1 
ATOM   989  N  N   . GLU B 2 11  ? 8.765   -1.188  -15.408 1.00 62.30  ? 130 GLU D N   1 
ATOM   990  C  CA  . GLU B 2 11  ? 10.158  -0.864  -15.084 1.00 68.41  ? 130 GLU D CA  1 
ATOM   991  C  C   . GLU B 2 11  ? 10.384  -0.992  -13.583 1.00 64.51  ? 130 GLU D C   1 
ATOM   992  O  O   . GLU B 2 11  ? 11.243  -1.746  -13.149 1.00 64.56  ? 130 GLU D O   1 
ATOM   993  C  CB  . GLU B 2 11  ? 10.516  0.560   -15.557 1.00 76.48  ? 130 GLU D CB  1 
ATOM   994  C  CG  . GLU B 2 11  ? 11.994  0.946   -15.414 1.00 83.03  ? 130 GLU D CG  1 
ATOM   995  C  CD  . GLU B 2 11  ? 12.283  2.417   -15.746 1.00 90.64  ? 130 GLU D CD  1 
ATOM   996  O  OE1 . GLU B 2 11  ? 13.357  2.911   -15.331 1.00 92.33  ? 130 GLU D OE1 1 
ATOM   997  O  OE2 . GLU B 2 11  ? 11.454  3.090   -16.412 1.00 92.76  ? 130 GLU D OE2 1 
ATOM   998  N  N   . GLU B 2 12  ? 9.574   -0.282  -12.806 1.00 62.77  ? 131 GLU D N   1 
ATOM   999  C  CA  . GLU B 2 12  ? 9.687   -0.302  -11.349 1.00 63.42  ? 131 GLU D CA  1 
ATOM   1000 C  C   . GLU B 2 12  ? 9.484   -1.701  -10.751 1.00 60.78  ? 131 GLU D C   1 
ATOM   1001 O  O   . GLU B 2 12  ? 10.236  -2.108  -9.859  1.00 60.56  ? 131 GLU D O   1 
ATOM   1002 C  CB  . GLU B 2 12  ? 8.709   0.706   -10.727 1.00 64.90  ? 131 GLU D CB  1 
ATOM   1003 C  CG  . GLU B 2 12  ? 8.678   0.693   -9.204  1.00 67.76  ? 131 GLU D CG  1 
ATOM   1004 C  CD  . GLU B 2 12  ? 8.521   2.071   -8.594  1.00 68.95  ? 131 GLU D CD  1 
ATOM   1005 O  OE1 . GLU B 2 12  ? 9.384   2.433   -7.768  1.00 72.25  ? 131 GLU D OE1 1 
ATOM   1006 O  OE2 . GLU B 2 12  ? 7.556   2.784   -8.939  1.00 68.97  ? 131 GLU D OE2 1 
ATOM   1007 N  N   . ILE B 2 13  ? 8.481   -2.422  -11.249 1.00 59.84  ? 132 ILE D N   1 
ATOM   1008 C  CA  . ILE B 2 13  ? 8.138   -3.757  -10.744 1.00 60.71  ? 132 ILE D CA  1 
ATOM   1009 C  C   . ILE B 2 13  ? 9.219   -4.793  -11.064 1.00 61.76  ? 132 ILE D C   1 
ATOM   1010 O  O   . ILE B 2 13  ? 9.568   -5.603  -10.204 1.00 57.78  ? 132 ILE D O   1 
ATOM   1011 C  CB  . ILE B 2 13  ? 6.766   -4.218  -11.277 1.00 60.11  ? 132 ILE D CB  1 
ATOM   1012 C  CG1 . ILE B 2 13  ? 5.656   -3.346  -10.681 1.00 61.29  ? 132 ILE D CG1 1 
ATOM   1013 C  CG2 . ILE B 2 13  ? 6.498   -5.677  -10.929 1.00 61.15  ? 132 ILE D CG2 1 
ATOM   1014 C  CD1 . ILE B 2 13  ? 4.358   -3.379  -11.460 1.00 61.88  ? 132 ILE D CD1 1 
ATOM   1015 N  N   . ARG B 2 14  ? 9.726   -4.762  -12.297 1.00 67.30  ? 133 ARG D N   1 
ATOM   1016 C  CA  . ARG B 2 14  ? 10.869  -5.591  -12.713 1.00 71.37  ? 133 ARG D CA  1 
ATOM   1017 C  C   . ARG B 2 14  ? 12.098  -5.376  -11.821 1.00 73.95  ? 133 ARG D C   1 
ATOM   1018 O  O   . ARG B 2 14  ? 12.698  -6.338  -11.330 1.00 71.63  ? 133 ARG D O   1 
ATOM   1019 C  CB  . ARG B 2 14  ? 11.265  -5.291  -14.166 1.00 72.75  ? 133 ARG D CB  1 
ATOM   1020 C  CG  . ARG B 2 14  ? 10.296  -5.794  -15.224 1.00 75.68  ? 133 ARG D CG  1 
ATOM   1021 C  CD  . ARG B 2 14  ? 10.776  -5.447  -16.632 1.00 78.59  ? 133 ARG D CD  1 
ATOM   1022 N  NE  . ARG B 2 14  ? 9.659   -5.360  -17.592 1.00 81.03  ? 133 ARG D NE  1 
ATOM   1023 C  CZ  . ARG B 2 14  ? 9.221   -4.253  -18.210 1.00 79.81  ? 133 ARG D CZ  1 
ATOM   1024 N  NH1 . ARG B 2 14  ? 9.786   -3.056  -18.013 1.00 80.36  ? 133 ARG D NH1 1 
ATOM   1025 N  NH2 . ARG B 2 14  ? 8.192   -4.347  -19.056 1.00 77.07  ? 133 ARG D NH2 1 
ATOM   1026 N  N   . GLU B 2 15  ? 12.460  -4.110  -11.625 1.00 78.43  ? 134 GLU D N   1 
ATOM   1027 C  CA  . GLU B 2 15  ? 13.627  -3.739  -10.810 1.00 84.33  ? 134 GLU D CA  1 
ATOM   1028 C  C   . GLU B 2 15  ? 13.542  -4.213  -9.351  1.00 84.72  ? 134 GLU D C   1 
ATOM   1029 O  O   . GLU B 2 15  ? 14.573  -4.439  -8.721  1.00 84.98  ? 134 GLU D O   1 
ATOM   1030 C  CB  . GLU B 2 15  ? 13.896  -2.225  -10.894 1.00 87.90  ? 134 GLU D CB  1 
ATOM   1031 C  CG  . GLU B 2 15  ? 14.447  -1.812  -12.259 1.00 93.18  ? 134 GLU D CG  1 
ATOM   1032 C  CD  . GLU B 2 15  ? 14.537  -0.306  -12.476 1.00 97.16  ? 134 GLU D CD  1 
ATOM   1033 O  OE1 . GLU B 2 15  ? 13.584  0.425   -12.119 1.00 100.15 ? 134 GLU D OE1 1 
ATOM   1034 O  OE2 . GLU B 2 15  ? 15.561  0.145   -13.036 1.00 98.22  ? 134 GLU D OE2 1 
ATOM   1035 N  N   . ALA B 2 16  ? 12.326  -4.379  -8.830  1.00 87.29  ? 135 ALA D N   1 
ATOM   1036 C  CA  . ALA B 2 16  ? 12.127  -5.033  -7.536  1.00 90.31  ? 135 ALA D CA  1 
ATOM   1037 C  C   . ALA B 2 16  ? 12.677  -6.471  -7.570  1.00 92.62  ? 135 ALA D C   1 
ATOM   1038 O  O   . ALA B 2 16  ? 13.496  -6.846  -6.724  1.00 95.17  ? 135 ALA D O   1 
ATOM   1039 C  CB  . ALA B 2 16  ? 10.653  -5.022  -7.140  1.00 88.98  ? 135 ALA D CB  1 
ATOM   1040 N  N   . ARG B 2 17  ? 12.245  -7.252  -8.562  1.00 91.42  ? 136 ARG D N   1 
ATOM   1041 C  CA  . ARG B 2 17  ? 12.745  -8.621  -8.767  1.00 90.51  ? 136 ARG D CA  1 
ATOM   1042 C  C   . ARG B 2 17  ? 14.161  -8.614  -9.355  1.00 89.52  ? 136 ARG D C   1 
ATOM   1043 O  O   . ARG B 2 17  ? 15.133  -8.249  -8.693  1.00 86.16  ? 136 ARG D O   1 
ATOM   1044 C  CB  . ARG B 2 17  ? 11.830  -9.393  -9.720  1.00 90.26  ? 136 ARG D CB  1 
ATOM   1045 C  CG  . ARG B 2 17  ? 10.396  -9.591  -9.251  1.00 89.82  ? 136 ARG D CG  1 
ATOM   1046 C  CD  . ARG B 2 17  ? 9.435   -9.599  -10.435 1.00 89.72  ? 136 ARG D CD  1 
ATOM   1047 N  NE  . ARG B 2 17  ? 8.088   -10.035 -10.060 1.00 93.51  ? 136 ARG D NE  1 
ATOM   1048 C  CZ  . ARG B 2 17  ? 6.968   -9.792  -10.753 1.00 94.56  ? 136 ARG D CZ  1 
ATOM   1049 N  NH1 . ARG B 2 17  ? 6.990   -9.105  -11.898 1.00 94.34  ? 136 ARG D NH1 1 
ATOM   1050 N  NH2 . ARG B 2 17  ? 5.800   -10.246 -10.291 1.00 93.15  ? 136 ARG D NH2 1 
HETATM 1051 ZN ZN  . ZN  C 3 .   ? -7.437  -10.187 9.208   1.00 39.39  ? 201 ZN  A ZN  1 
HETATM 1052 ZN ZN  . ZN  D 3 .   ? -13.160 3.254   -19.256 1.00 80.15  ? 202 ZN  A ZN  1 
HETATM 1053 ZN ZN  . ZN  E 3 .   ? -8.539  -15.729 -3.883  1.00 67.82  ? 203 ZN  A ZN  1 
HETATM 1054 ZN ZN  . ZN  F 3 .   ? 14.318  3.043   -13.077 1.00 148.88 ? 201 ZN  D ZN  1 
HETATM 1055 O  O   . HOH G 4 .   ? -11.617 4.265   -20.008 1.00 50.88  ? 301 HOH A O   1 
HETATM 1056 O  O   . HOH G 4 .   ? -3.968  -6.867  -12.336 1.00 52.08  ? 302 HOH A O   1 
HETATM 1057 O  O   . HOH G 4 .   ? 3.639   -6.815  -13.409 1.00 49.07  ? 303 HOH A O   1 
HETATM 1058 O  O   . HOH G 4 .   ? -11.676 -0.074  9.015   1.00 56.60  ? 304 HOH A O   1 
HETATM 1059 O  O   . HOH G 4 .   ? -2.833  -1.266  8.900   1.00 36.76  ? 305 HOH A O   1 
HETATM 1060 O  O   . HOH G 4 .   ? -14.786 -3.783  8.035   1.00 56.08  ? 306 HOH A O   1 
HETATM 1061 O  O   . HOH G 4 .   ? 15.484  6.370   7.594   0.47 40.12  ? 307 HOH A O   1 
HETATM 1062 O  O   . HOH G 4 .   ? -7.743  -2.522  4.565   1.00 32.59  ? 308 HOH A O   1 
HETATM 1063 O  O   . HOH G 4 .   ? -6.735  -3.934  -15.156 1.00 28.60  ? 309 HOH A O   1 
# 
loop_
_pdbx_poly_seq_scheme.asym_id 
_pdbx_poly_seq_scheme.entity_id 
_pdbx_poly_seq_scheme.seq_id 
_pdbx_poly_seq_scheme.mon_id 
_pdbx_poly_seq_scheme.ndb_seq_num 
_pdbx_poly_seq_scheme.pdb_seq_num 
_pdbx_poly_seq_scheme.auth_seq_num 
_pdbx_poly_seq_scheme.pdb_mon_id 
_pdbx_poly_seq_scheme.auth_mon_id 
_pdbx_poly_seq_scheme.pdb_strand_id 
_pdbx_poly_seq_scheme.pdb_ins_code 
_pdbx_poly_seq_scheme.hetero 
A 1 1   MET 1   1   ?   ?   ?   A . n 
A 1 2   PRO 2   2   ?   ?   ?   A . n 
A 1 3   SER 3   3   ?   ?   ?   A . n 
A 1 4   GLU 4   4   ?   ?   ?   A . n 
A 1 5   LYS 5   5   5   LYS LYS A . n 
A 1 6   THR 6   6   6   THR THR A . n 
A 1 7   PHE 7   7   7   PHE PHE A . n 
A 1 8   LYS 8   8   8   LYS LYS A . n 
A 1 9   GLN 9   9   9   GLN GLN A . n 
A 1 10  ARG 10  10  10  ARG ARG A . n 
A 1 11  ARG 11  11  11  ARG ARG A . n 
A 1 12  SER 12  12  12  SER SER A . n 
A 1 13  PHE 13  13  13  PHE PHE A . n 
A 1 14  GLU 14  14  14  GLU GLU A . n 
A 1 15  GLN 15  15  15  GLN GLN A . n 
A 1 16  ARG 16  16  16  ARG ARG A . n 
A 1 17  VAL 17  17  17  VAL VAL A . n 
A 1 18  GLU 18  18  18  GLU GLU A . n 
A 1 19  ASP 19  19  19  ASP ASP A . n 
A 1 20  VAL 20  20  20  VAL VAL A . n 
A 1 21  ARG 21  21  21  ARG ARG A . n 
A 1 22  LEU 22  22  22  LEU LEU A . n 
A 1 23  ILE 23  23  23  ILE ILE A . n 
A 1 24  ARG 24  24  24  ARG ARG A . n 
A 1 25  GLU 25  25  25  GLU GLU A . n 
A 1 26  GLN 26  26  26  GLN GLN A . n 
A 1 27  HIS 27  27  27  HIS HIS A . n 
A 1 28  PRO 28  28  28  PRO PRO A . n 
A 1 29  THR 29  29  29  THR THR A . n 
A 1 30  LYS 30  30  30  LYS LYS A . n 
A 1 31  ILE 31  31  31  ILE ILE A . n 
A 1 32  PRO 32  32  32  PRO PRO A . n 
A 1 33  VAL 33  33  33  VAL VAL A . n 
A 1 34  ILE 34  34  34  ILE ILE A . n 
A 1 35  ILE 35  35  35  ILE ILE A . n 
A 1 36  GLU 36  36  36  GLU GLU A . n 
A 1 37  ARG 37  37  37  ARG ARG A . n 
A 1 38  TYR 38  38  38  TYR TYR A . n 
A 1 39  LYS 39  39  39  LYS LYS A . n 
A 1 40  GLY 40  40  40  GLY GLY A . n 
A 1 41  GLU 41  41  41  GLU GLU A . n 
A 1 42  LYS 42  42  42  LYS LYS A . n 
A 1 43  GLN 43  43  43  GLN GLN A . n 
A 1 44  LEU 44  44  44  LEU LEU A . n 
A 1 45  PRO 45  45  45  PRO PRO A . n 
A 1 46  VAL 46  46  46  VAL VAL A . n 
A 1 47  LEU 47  47  47  LEU LEU A . n 
A 1 48  ASP 48  48  48  ASP ASP A . n 
A 1 49  LYS 49  49  49  LYS LYS A . n 
A 1 50  THR 50  50  50  THR THR A . n 
A 1 51  LYS 51  51  51  LYS LYS A . n 
A 1 52  PHE 52  52  52  PHE PHE A . n 
A 1 53  LEU 53  53  53  LEU LEU A . n 
A 1 54  VAL 54  54  54  VAL VAL A . n 
A 1 55  PRO 55  55  55  PRO PRO A . n 
A 1 56  ASP 56  56  56  ASP ASP A . n 
A 1 57  HIS 57  57  57  HIS HIS A . n 
A 1 58  VAL 58  58  58  VAL VAL A . n 
A 1 59  ASN 59  59  59  ASN ASN A . n 
A 1 60  MET 60  60  60  MET MET A . n 
A 1 61  SER 61  61  61  SER SER A . n 
A 1 62  GLU 62  62  62  GLU GLU A . n 
A 1 63  LEU 63  63  63  LEU LEU A . n 
A 1 64  ILE 64  64  64  ILE ILE A . n 
A 1 65  LYS 65  65  65  LYS LYS A . n 
A 1 66  ILE 66  66  66  ILE ILE A . n 
A 1 67  ILE 67  67  67  ILE ILE A . n 
A 1 68  ARG 68  68  68  ARG ARG A . n 
A 1 69  ARG 69  69  69  ARG ARG A . n 
A 1 70  ARG 70  70  70  ARG ARG A . n 
A 1 71  LEU 71  71  71  LEU LEU A . n 
A 1 72  GLN 72  72  72  GLN GLN A . n 
A 1 73  LEU 73  73  73  LEU LEU A . n 
A 1 74  ASN 74  74  74  ASN ASN A . n 
A 1 75  ALA 75  75  75  ALA ALA A . n 
A 1 76  ASN 76  76  76  ASN ASN A . n 
A 1 77  GLN 77  77  77  GLN GLN A . n 
A 1 78  ALA 78  78  78  ALA ALA A . n 
A 1 79  PHE 79  79  79  PHE PHE A . n 
A 1 80  PHE 80  80  80  PHE PHE A . n 
A 1 81  LEU 81  81  81  LEU LEU A . n 
A 1 82  LEU 82  82  82  LEU LEU A . n 
A 1 83  VAL 83  83  83  VAL VAL A . n 
A 1 84  ASN 84  84  84  ASN ASN A . n 
A 1 85  GLY 85  85  85  GLY GLY A . n 
A 1 86  HIS 86  86  86  HIS HIS A . n 
A 1 87  SER 87  87  87  SER SER A . n 
A 1 88  MET 88  88  88  MET MET A . n 
A 1 89  VAL 89  89  89  VAL VAL A . n 
A 1 90  SER 90  90  90  SER SER A . n 
A 1 91  VAL 91  91  91  VAL VAL A . n 
A 1 92  SER 92  92  92  SER SER A . n 
A 1 93  THR 93  93  93  THR THR A . n 
A 1 94  PRO 94  94  94  PRO PRO A . n 
A 1 95  ILE 95  95  95  ILE ILE A . n 
A 1 96  SER 96  96  96  SER SER A . n 
A 1 97  GLU 97  97  97  GLU GLU A . n 
A 1 98  VAL 98  98  98  VAL VAL A . n 
A 1 99  TYR 99  99  99  TYR TYR A . n 
A 1 100 GLU 100 100 100 GLU GLU A . n 
A 1 101 SER 101 101 101 SER SER A . n 
A 1 102 GLU 102 102 102 GLU GLU A . n 
A 1 103 ARG 103 103 103 ARG ARG A . n 
A 1 104 ASP 104 104 104 ASP ASP A . n 
A 1 105 GLU 105 105 105 GLU GLU A . n 
A 1 106 ASP 106 106 106 ASP ASP A . n 
A 1 107 GLY 107 107 107 GLY GLY A . n 
A 1 108 PHE 108 108 108 PHE PHE A . n 
A 1 109 LEU 109 109 109 LEU LEU A . n 
A 1 110 TYR 110 110 110 TYR TYR A . n 
A 1 111 MET 111 111 111 MET MET A . n 
A 1 112 VAL 112 112 112 VAL VAL A . n 
A 1 113 TYR 113 113 113 TYR TYR A . n 
A 1 114 ALA 114 114 114 ALA ALA A . n 
A 1 115 SER 115 115 115 SER SER A . n 
A 1 116 GLN 116 116 116 GLN GLN A . n 
A 1 117 GLU 117 117 117 GLU GLU A . n 
A 1 118 THR 118 118 118 THR THR A . n 
A 1 119 PHE 119 119 119 PHE PHE A . n 
A 1 120 GLY 120 120 ?   ?   ?   A . n 
A 1 121 THR 121 121 ?   ?   ?   A . n 
A 1 122 ALA 122 122 ?   ?   ?   A . n 
A 1 123 MET 123 123 ?   ?   ?   A . n 
A 1 124 ALA 124 124 ?   ?   ?   A . n 
A 1 125 VAL 125 125 ?   ?   ?   A . n 
B 2 1   PRO 1   120 ?   ?   ?   D . n 
B 2 2   GLU 2   121 121 GLU GLU D . n 
B 2 3   ASP 3   122 122 ASP ASP D . n 
B 2 4   ASP 4   123 123 ASP ASP D . n 
B 2 5   TRP 5   124 124 TRP TRP D . n 
B 2 6   THR 6   125 125 THR THR D . n 
B 2 7   GLU 7   126 126 GLU GLU D . n 
B 2 8   PHE 8   127 127 PHE PHE D . n 
B 2 9   SER 9   128 128 SER SER D . n 
B 2 10  SER 10  129 129 SER SER D . n 
B 2 11  GLU 11  130 130 GLU GLU D . n 
B 2 12  GLU 12  131 131 GLU GLU D . n 
B 2 13  ILE 13  132 132 ILE ILE D . n 
B 2 14  ARG 14  133 133 ARG ARG D . n 
B 2 15  GLU 15  134 134 GLU GLU D . n 
B 2 16  ALA 16  135 135 ALA ALA D . n 
B 2 17  ARG 17  136 136 ARG ARG D . n 
B 2 18  GLN 18  137 ?   ?   ?   D . n 
B 2 19  ALA 19  138 ?   ?   ?   D . n 
B 2 20  ALA 20  139 ?   ?   ?   D . n 
B 2 21  ALA 21  140 ?   ?   ?   D . n 
B 2 22  SER 22  141 ?   ?   ?   D . n 
B 2 23  HIS 23  142 ?   ?   ?   D . n 
B 2 24  ALA 24  143 ?   ?   ?   D . n 
B 2 25  PRO 25  144 ?   ?   ?   D . n 
B 2 26  SER 26  145 ?   ?   ?   D . n 
# 
loop_
_pdbx_nonpoly_scheme.asym_id 
_pdbx_nonpoly_scheme.entity_id 
_pdbx_nonpoly_scheme.mon_id 
_pdbx_nonpoly_scheme.ndb_seq_num 
_pdbx_nonpoly_scheme.pdb_seq_num 
_pdbx_nonpoly_scheme.auth_seq_num 
_pdbx_nonpoly_scheme.pdb_mon_id 
_pdbx_nonpoly_scheme.auth_mon_id 
_pdbx_nonpoly_scheme.pdb_strand_id 
_pdbx_nonpoly_scheme.pdb_ins_code 
C 3 ZN  1 201 1 ZN  ZN  A . 
D 3 ZN  1 202 2 ZN  ZN  A . 
E 3 ZN  1 203 3 ZN  ZN  A . 
F 3 ZN  1 201 4 ZN  ZN  D . 
G 4 HOH 1 301 7 HOH HOH A . 
G 4 HOH 2 302 8 HOH HOH A . 
G 4 HOH 3 303 2 HOH HOH A . 
G 4 HOH 4 304 6 HOH HOH A . 
G 4 HOH 5 305 9 HOH HOH A . 
G 4 HOH 6 306 5 HOH HOH A . 
G 4 HOH 7 307 1 HOH HOH A . 
G 4 HOH 8 308 3 HOH HOH A . 
G 4 HOH 9 309 4 HOH HOH A . 
# 
_pdbx_struct_assembly.id                   1 
_pdbx_struct_assembly.details              author_and_software_defined_assembly 
_pdbx_struct_assembly.method_details       PISA 
_pdbx_struct_assembly.oligomeric_details   dimeric 
_pdbx_struct_assembly.oligomeric_count     2 
# 
_pdbx_struct_assembly_gen.assembly_id       1 
_pdbx_struct_assembly_gen.oper_expression   1 
_pdbx_struct_assembly_gen.asym_id_list      A,B,C,D,E,F,G 
# 
loop_
_pdbx_struct_assembly_prop.biol_id 
_pdbx_struct_assembly_prop.type 
_pdbx_struct_assembly_prop.value 
_pdbx_struct_assembly_prop.details 
1 'ABSA (A^2)' 1740 ? 
1 MORE         -86  ? 
1 'SSA (A^2)'  7390 ? 
# 
_pdbx_struct_oper_list.id                   1 
_pdbx_struct_oper_list.type                 'identity operation' 
_pdbx_struct_oper_list.name                 1_555 
_pdbx_struct_oper_list.symmetry_operation   x,y,z 
_pdbx_struct_oper_list.matrix[1][1]         1.0000000000 
_pdbx_struct_oper_list.matrix[1][2]         0.0000000000 
_pdbx_struct_oper_list.matrix[1][3]         0.0000000000 
_pdbx_struct_oper_list.vector[1]            0.0000000000 
_pdbx_struct_oper_list.matrix[2][1]         0.0000000000 
_pdbx_struct_oper_list.matrix[2][2]         1.0000000000 
_pdbx_struct_oper_list.matrix[2][3]         0.0000000000 
_pdbx_struct_oper_list.vector[2]            0.0000000000 
_pdbx_struct_oper_list.matrix[3][1]         0.0000000000 
_pdbx_struct_oper_list.matrix[3][2]         0.0000000000 
_pdbx_struct_oper_list.matrix[3][3]         1.0000000000 
_pdbx_struct_oper_list.vector[3]            0.0000000000 
# 
_pdbx_struct_special_symmetry.id              1 
_pdbx_struct_special_symmetry.PDB_model_num   1 
_pdbx_struct_special_symmetry.auth_asym_id    A 
_pdbx_struct_special_symmetry.auth_comp_id    HOH 
_pdbx_struct_special_symmetry.auth_seq_id     307 
_pdbx_struct_special_symmetry.PDB_ins_code    ? 
_pdbx_struct_special_symmetry.label_asym_id   G 
_pdbx_struct_special_symmetry.label_comp_id   HOH 
_pdbx_struct_special_symmetry.label_seq_id    . 
# 
loop_
_pdbx_struct_conn_angle.id 
_pdbx_struct_conn_angle.ptnr1_label_atom_id 
_pdbx_struct_conn_angle.ptnr1_label_alt_id 
_pdbx_struct_conn_angle.ptnr1_label_asym_id 
_pdbx_struct_conn_angle.ptnr1_label_comp_id 
_pdbx_struct_conn_angle.ptnr1_label_seq_id 
_pdbx_struct_conn_angle.ptnr1_auth_atom_id 
_pdbx_struct_conn_angle.ptnr1_auth_asym_id 
_pdbx_struct_conn_angle.ptnr1_auth_comp_id 
_pdbx_struct_conn_angle.ptnr1_auth_seq_id 
_pdbx_struct_conn_angle.ptnr1_PDB_ins_code 
_pdbx_struct_conn_angle.ptnr1_symmetry 
_pdbx_struct_conn_angle.ptnr2_label_atom_id 
_pdbx_struct_conn_angle.ptnr2_label_alt_id 
_pdbx_struct_conn_angle.ptnr2_label_asym_id 
_pdbx_struct_conn_angle.ptnr2_label_comp_id 
_pdbx_struct_conn_angle.ptnr2_label_seq_id 
_pdbx_struct_conn_angle.ptnr2_auth_atom_id 
_pdbx_struct_conn_angle.ptnr2_auth_asym_id 
_pdbx_struct_conn_angle.ptnr2_auth_comp_id 
_pdbx_struct_conn_angle.ptnr2_auth_seq_id 
_pdbx_struct_conn_angle.ptnr2_PDB_ins_code 
_pdbx_struct_conn_angle.ptnr2_symmetry 
_pdbx_struct_conn_angle.ptnr3_label_atom_id 
_pdbx_struct_conn_angle.ptnr3_label_alt_id 
_pdbx_struct_conn_angle.ptnr3_label_asym_id 
_pdbx_struct_conn_angle.ptnr3_label_comp_id 
_pdbx_struct_conn_angle.ptnr3_label_seq_id 
_pdbx_struct_conn_angle.ptnr3_auth_atom_id 
_pdbx_struct_conn_angle.ptnr3_auth_asym_id 
_pdbx_struct_conn_angle.ptnr3_auth_comp_id 
_pdbx_struct_conn_angle.ptnr3_auth_seq_id 
_pdbx_struct_conn_angle.ptnr3_PDB_ins_code 
_pdbx_struct_conn_angle.ptnr3_symmetry 
_pdbx_struct_conn_angle.value 
_pdbx_struct_conn_angle.value_esd 
1  NE2 ? A HIS 27  ? A HIS 27  ? 1_555 ZN ? C ZN . ? A ZN 201 ? 6_554  NE2 ? A HIS 86  ? A HIS 86  ? 1_555 79.5  ? 
2  NE2 ? A HIS 27  ? A HIS 27  ? 1_555 ZN ? C ZN . ? A ZN 201 ? 6_554  OE2 ? A GLU 102 ? A GLU 102 ? 1_555 74.6  ? 
3  NE2 ? A HIS 86  ? A HIS 86  ? 1_555 ZN ? C ZN . ? A ZN 201 ? 6_554  OE2 ? A GLU 102 ? A GLU 102 ? 1_555 6.2   ? 
4  NE2 ? A HIS 27  ? A HIS 27  ? 1_555 ZN ? C ZN . ? A ZN 201 ? 6_554  OE1 ? B GLU 7   ? D GLU 126 ? 1_555 156.7 ? 
5  NE2 ? A HIS 86  ? A HIS 86  ? 1_555 ZN ? C ZN . ? A ZN 201 ? 6_554  OE1 ? B GLU 7   ? D GLU 126 ? 1_555 79.6  ? 
6  OE2 ? A GLU 102 ? A GLU 102 ? 1_555 ZN ? C ZN . ? A ZN 201 ? 6_554  OE1 ? B GLU 7   ? D GLU 126 ? 1_555 83.8  ? 
7  NE2 ? A HIS 27  ? A HIS 27  ? 1_555 ZN ? C ZN . ? A ZN 201 ? 6_554  OE2 ? B GLU 7   ? D GLU 126 ? 1_555 106.9 ? 
8  NE2 ? A HIS 86  ? A HIS 86  ? 1_555 ZN ? C ZN . ? A ZN 201 ? 6_554  OE2 ? B GLU 7   ? D GLU 126 ? 1_555 59.3  ? 
9  OE2 ? A GLU 102 ? A GLU 102 ? 1_555 ZN ? C ZN . ? A ZN 201 ? 6_554  OE2 ? B GLU 7   ? D GLU 126 ? 1_555 58.3  ? 
10 OE1 ? B GLU 7   ? D GLU 126 ? 1_555 ZN ? C ZN . ? A ZN 201 ? 6_554  OE2 ? B GLU 7   ? D GLU 126 ? 1_555 52.6  ? 
11 OD1 ? A ASP 56  ? A ASP 56  ? 1_555 ZN ? E ZN . ? A ZN 203 ? 12_554 ND1 ? A HIS 57  ? A HIS 57  ? 1_555 95.5  ? 
12 OD1 ? A ASP 56  ? A ASP 56  ? 1_555 ZN ? E ZN . ? A ZN 203 ? 12_554 OE1 ? A GLU 97  ? A GLU 97  ? 1_555 54.6  ? 
13 ND1 ? A HIS 57  ? A HIS 57  ? 1_555 ZN ? E ZN . ? A ZN 203 ? 12_554 OE1 ? A GLU 97  ? A GLU 97  ? 1_555 113.5 ? 
14 OD1 ? A ASP 56  ? A ASP 56  ? 1_555 ZN ? E ZN . ? A ZN 203 ? 12_554 OE2 ? A GLU 97  ? A GLU 97  ? 1_555 55.3  ? 
15 ND1 ? A HIS 57  ? A HIS 57  ? 1_555 ZN ? E ZN . ? A ZN 203 ? 12_554 OE2 ? A GLU 97  ? A GLU 97  ? 1_555 116.9 ? 
16 OE1 ? A GLU 97  ? A GLU 97  ? 1_555 ZN ? E ZN . ? A ZN 203 ? 12_554 OE2 ? A GLU 97  ? A GLU 97  ? 1_555 3.4   ? 
17 OD1 ? A ASP 56  ? A ASP 56  ? 1_555 ZN ? E ZN . ? A ZN 203 ? 12_554 OE2 ? A GLU 100 ? A GLU 100 ? 1_555 46.7  ? 
18 ND1 ? A HIS 57  ? A HIS 57  ? 1_555 ZN ? E ZN . ? A ZN 203 ? 12_554 OE2 ? A GLU 100 ? A GLU 100 ? 1_555 122.6 ? 
19 OE1 ? A GLU 97  ? A GLU 97  ? 1_555 ZN ? E ZN . ? A ZN 203 ? 12_554 OE2 ? A GLU 100 ? A GLU 100 ? 1_555 14.5  ? 
20 OE2 ? A GLU 97  ? A GLU 97  ? 1_555 ZN ? E ZN . ? A ZN 203 ? 12_554 OE2 ? A GLU 100 ? A GLU 100 ? 1_555 12.6  ? 
21 OE1 ? A GLU 105 ? A GLU 105 ? 1_555 ZN ? D ZN . ? A ZN 202 ? 5_555  O   ? G HOH .   ? A HOH 301 ? 1_555 40.8  ? 
22 OE1 ? A GLU 105 ? A GLU 105 ? 1_555 ZN ? D ZN . ? A ZN 202 ? 5_555  O   ? G HOH .   ? A HOH 306 ? 6_554 42.2  ? 
23 O   ? G HOH .   ? A HOH 301 ? 1_555 ZN ? D ZN . ? A ZN 202 ? 5_555  O   ? G HOH .   ? A HOH 306 ? 6_554 6.2   ? 
# 
loop_
_pdbx_audit_revision_history.ordinal 
_pdbx_audit_revision_history.data_content_type 
_pdbx_audit_revision_history.major_revision 
_pdbx_audit_revision_history.minor_revision 
_pdbx_audit_revision_history.revision_date 
1 'Structure model' 1 0 2018-05-23 
2 'Structure model' 1 1 2018-07-04 
3 'Structure model' 1 2 2018-08-01 
4 'Structure model' 1 3 2023-11-22 
# 
_pdbx_audit_revision_details.ordinal             1 
_pdbx_audit_revision_details.revision_ordinal    1 
_pdbx_audit_revision_details.data_content_type   'Structure model' 
_pdbx_audit_revision_details.provider            repository 
_pdbx_audit_revision_details.type                'Initial release' 
_pdbx_audit_revision_details.description         ? 
_pdbx_audit_revision_details.details             ? 
# 
loop_
_pdbx_audit_revision_group.ordinal 
_pdbx_audit_revision_group.revision_ordinal 
_pdbx_audit_revision_group.data_content_type 
_pdbx_audit_revision_group.group 
1 2 'Structure model' 'Data collection'        
2 2 'Structure model' 'Database references'    
3 2 'Structure model' 'Derived calculations'   
4 3 'Structure model' 'Data collection'        
5 3 'Structure model' 'Database references'    
6 4 'Structure model' 'Data collection'        
7 4 'Structure model' 'Database references'    
8 4 'Structure model' 'Derived calculations'   
9 4 'Structure model' 'Refinement description' 
# 
loop_
_pdbx_audit_revision_category.ordinal 
_pdbx_audit_revision_category.revision_ordinal 
_pdbx_audit_revision_category.data_content_type 
_pdbx_audit_revision_category.category 
1  2 'Structure model' citation                      
2  2 'Structure model' pdbx_struct_special_symmetry  
3  3 'Structure model' citation                      
4  3 'Structure model' citation_author               
5  4 'Structure model' chem_comp_atom                
6  4 'Structure model' chem_comp_bond                
7  4 'Structure model' database_2                    
8  4 'Structure model' pdbx_initial_refinement_model 
9  4 'Structure model' pdbx_struct_conn_angle        
10 4 'Structure model' struct_conn                   
# 
loop_
_pdbx_audit_revision_item.ordinal 
_pdbx_audit_revision_item.revision_ordinal 
_pdbx_audit_revision_item.data_content_type 
_pdbx_audit_revision_item.item 
1  2 'Structure model' '_citation.journal_abbrev'                    
2  2 'Structure model' '_citation.pdbx_database_id_DOI'              
3  2 'Structure model' '_citation.pdbx_database_id_PubMed'           
4  2 'Structure model' '_citation.title'                             
5  3 'Structure model' '_citation.journal_volume'                    
6  3 'Structure model' '_citation.page_first'                        
7  3 'Structure model' '_citation.page_last'                         
8  3 'Structure model' '_citation_author.identifier_ORCID'           
9  4 'Structure model' '_database_2.pdbx_DOI'                        
10 4 'Structure model' '_database_2.pdbx_database_accession'         
11 4 'Structure model' '_pdbx_struct_conn_angle.ptnr1_auth_comp_id'  
12 4 'Structure model' '_pdbx_struct_conn_angle.ptnr1_auth_seq_id'   
13 4 'Structure model' '_pdbx_struct_conn_angle.ptnr1_label_asym_id' 
14 4 'Structure model' '_pdbx_struct_conn_angle.ptnr1_label_atom_id' 
15 4 'Structure model' '_pdbx_struct_conn_angle.ptnr1_label_comp_id' 
16 4 'Structure model' '_pdbx_struct_conn_angle.ptnr1_label_seq_id'  
17 4 'Structure model' '_pdbx_struct_conn_angle.ptnr2_symmetry'      
18 4 'Structure model' '_pdbx_struct_conn_angle.ptnr3_auth_comp_id'  
19 4 'Structure model' '_pdbx_struct_conn_angle.ptnr3_auth_seq_id'   
20 4 'Structure model' '_pdbx_struct_conn_angle.ptnr3_label_asym_id' 
21 4 'Structure model' '_pdbx_struct_conn_angle.ptnr3_label_atom_id' 
22 4 'Structure model' '_pdbx_struct_conn_angle.ptnr3_label_comp_id' 
23 4 'Structure model' '_pdbx_struct_conn_angle.ptnr3_label_seq_id'  
24 4 'Structure model' '_pdbx_struct_conn_angle.value'               
25 4 'Structure model' '_struct_conn.pdbx_dist_value'                
26 4 'Structure model' '_struct_conn.ptnr1_auth_asym_id'             
27 4 'Structure model' '_struct_conn.ptnr1_auth_comp_id'             
28 4 'Structure model' '_struct_conn.ptnr1_auth_seq_id'              
29 4 'Structure model' '_struct_conn.ptnr1_label_asym_id'            
30 4 'Structure model' '_struct_conn.ptnr1_label_atom_id'            
31 4 'Structure model' '_struct_conn.ptnr1_label_comp_id'            
32 4 'Structure model' '_struct_conn.ptnr1_label_seq_id'             
33 4 'Structure model' '_struct_conn.ptnr1_symmetry'                 
34 4 'Structure model' '_struct_conn.ptnr2_auth_asym_id'             
35 4 'Structure model' '_struct_conn.ptnr2_auth_comp_id'             
36 4 'Structure model' '_struct_conn.ptnr2_auth_seq_id'              
37 4 'Structure model' '_struct_conn.ptnr2_label_asym_id'            
38 4 'Structure model' '_struct_conn.ptnr2_label_atom_id'            
39 4 'Structure model' '_struct_conn.ptnr2_label_comp_id'            
40 4 'Structure model' '_struct_conn.ptnr2_label_seq_id'             
41 4 'Structure model' '_struct_conn.ptnr2_symmetry'                 
# 
loop_
_software.citation_id 
_software.classification 
_software.compiler_name 
_software.compiler_version 
_software.contact_author 
_software.contact_author_email 
_software.date 
_software.description 
_software.dependencies 
_software.hardware 
_software.language 
_software.location 
_software.mods 
_software.name 
_software.os 
_software.os_version 
_software.type 
_software.version 
_software.pdbx_ordinal 
? 'data collection' ? ? ? ? ? ? ? ? ? ? ? DENZO       ? ? ? .        1 
? 'data scaling'    ? ? ? ? ? ? ? ? ? ? ? SCALEPACK   ? ? ? .        2 
? refinement        ? ? ? ? ? ? ? ? ? ? ? REFMAC      ? ? ? 5.8.0158 3 
? 'data extraction' ? ? ? ? ? ? ? ? ? ? ? PDB_EXTRACT ? ? ? 3.22     4 
? phasing           ? ? ? ? ? ? ? ? ? ? ? PHASER      ? ? ? .        5 
# 
_pdbx_validate_close_contact.id               1 
_pdbx_validate_close_contact.PDB_model_num    1 
_pdbx_validate_close_contact.auth_atom_id_1   NH2 
_pdbx_validate_close_contact.auth_asym_id_1   A 
_pdbx_validate_close_contact.auth_comp_id_1   ARG 
_pdbx_validate_close_contact.auth_seq_id_1    68 
_pdbx_validate_close_contact.PDB_ins_code_1   ? 
_pdbx_validate_close_contact.label_alt_id_1   ? 
_pdbx_validate_close_contact.auth_atom_id_2   O 
_pdbx_validate_close_contact.auth_asym_id_2   A 
_pdbx_validate_close_contact.auth_comp_id_2   GLN 
_pdbx_validate_close_contact.auth_seq_id_2    77 
_pdbx_validate_close_contact.PDB_ins_code_2   ? 
_pdbx_validate_close_contact.label_alt_id_2   ? 
_pdbx_validate_close_contact.dist             2.18 
# 
_pdbx_validate_torsion.id              1 
_pdbx_validate_torsion.PDB_model_num   1 
_pdbx_validate_torsion.auth_comp_id    HIS 
_pdbx_validate_torsion.auth_asym_id    A 
_pdbx_validate_torsion.auth_seq_id     86 
_pdbx_validate_torsion.PDB_ins_code    ? 
_pdbx_validate_torsion.label_alt_id    ? 
_pdbx_validate_torsion.phi             -160.69 
_pdbx_validate_torsion.psi             -19.54 
# 
loop_
_pdbx_unobs_or_zero_occ_atoms.id 
_pdbx_unobs_or_zero_occ_atoms.PDB_model_num 
_pdbx_unobs_or_zero_occ_atoms.polymer_flag 
_pdbx_unobs_or_zero_occ_atoms.occupancy_flag 
_pdbx_unobs_or_zero_occ_atoms.auth_asym_id 
_pdbx_unobs_or_zero_occ_atoms.auth_comp_id 
_pdbx_unobs_or_zero_occ_atoms.auth_seq_id 
_pdbx_unobs_or_zero_occ_atoms.PDB_ins_code 
_pdbx_unobs_or_zero_occ_atoms.auth_atom_id 
_pdbx_unobs_or_zero_occ_atoms.label_alt_id 
_pdbx_unobs_or_zero_occ_atoms.label_asym_id 
_pdbx_unobs_or_zero_occ_atoms.label_comp_id 
_pdbx_unobs_or_zero_occ_atoms.label_seq_id 
_pdbx_unobs_or_zero_occ_atoms.label_atom_id 
1  1 Y 1 A LYS 5   ? CG  ? A LYS 5   CG  
2  1 Y 1 A LYS 5   ? CD  ? A LYS 5   CD  
3  1 Y 1 A LYS 5   ? CE  ? A LYS 5   CE  
4  1 Y 1 A LYS 5   ? NZ  ? A LYS 5   NZ  
5  1 Y 1 A GLU 14  ? CG  ? A GLU 14  CG  
6  1 Y 1 A GLU 14  ? CD  ? A GLU 14  CD  
7  1 Y 1 A GLU 14  ? OE1 ? A GLU 14  OE1 
8  1 Y 1 A GLU 14  ? OE2 ? A GLU 14  OE2 
9  1 Y 1 A GLN 15  ? CG  ? A GLN 15  CG  
10 1 Y 1 A GLN 15  ? CD  ? A GLN 15  CD  
11 1 Y 1 A GLN 15  ? OE1 ? A GLN 15  OE1 
12 1 Y 1 A GLN 15  ? NE2 ? A GLN 15  NE2 
13 1 Y 1 A ARG 21  ? CG  ? A ARG 21  CG  
14 1 Y 1 A ARG 21  ? CD  ? A ARG 21  CD  
15 1 Y 1 A ARG 21  ? NE  ? A ARG 21  NE  
16 1 Y 1 A ARG 21  ? CZ  ? A ARG 21  CZ  
17 1 Y 1 A ARG 21  ? NH1 ? A ARG 21  NH1 
18 1 Y 1 A ARG 21  ? NH2 ? A ARG 21  NH2 
19 1 Y 1 A GLU 25  ? CG  ? A GLU 25  CG  
20 1 Y 1 A GLU 25  ? CD  ? A GLU 25  CD  
21 1 Y 1 A GLU 25  ? OE1 ? A GLU 25  OE1 
22 1 Y 1 A GLU 25  ? OE2 ? A GLU 25  OE2 
23 1 Y 1 A LYS 39  ? CE  ? A LYS 39  CE  
24 1 Y 1 A LYS 39  ? NZ  ? A LYS 39  NZ  
25 1 Y 1 A LYS 42  ? CE  ? A LYS 42  CE  
26 1 Y 1 A LYS 42  ? NZ  ? A LYS 42  NZ  
27 1 Y 1 A LYS 49  ? CE  ? A LYS 49  CE  
28 1 Y 1 A LYS 49  ? NZ  ? A LYS 49  NZ  
29 1 Y 1 A LYS 65  ? CE  ? A LYS 65  CE  
30 1 Y 1 A LYS 65  ? NZ  ? A LYS 65  NZ  
31 1 Y 1 A ARG 69  ? CG  ? A ARG 69  CG  
32 1 Y 1 A ARG 69  ? CD  ? A ARG 69  CD  
33 1 Y 1 A ARG 69  ? NE  ? A ARG 69  NE  
34 1 Y 1 A ARG 69  ? CZ  ? A ARG 69  CZ  
35 1 Y 1 A ARG 69  ? NH1 ? A ARG 69  NH1 
36 1 Y 1 A ARG 69  ? NH2 ? A ARG 69  NH2 
37 1 Y 1 A GLN 116 ? CG  ? A GLN 116 CG  
38 1 Y 1 A GLN 116 ? CD  ? A GLN 116 CD  
39 1 Y 1 A GLN 116 ? OE1 ? A GLN 116 OE1 
40 1 Y 1 A GLN 116 ? NE2 ? A GLN 116 NE2 
41 1 Y 1 A GLU 117 ? CG  ? A GLU 117 CG  
42 1 Y 1 A GLU 117 ? CD  ? A GLU 117 CD  
43 1 Y 1 A GLU 117 ? OE1 ? A GLU 117 OE1 
44 1 Y 1 A GLU 117 ? OE2 ? A GLU 117 OE2 
45 1 Y 1 D GLU 121 ? CG  ? B GLU 2   CG  
46 1 Y 1 D GLU 121 ? CD  ? B GLU 2   CD  
47 1 Y 1 D GLU 121 ? OE1 ? B GLU 2   OE1 
48 1 Y 1 D GLU 121 ? OE2 ? B GLU 2   OE2 
49 1 Y 1 D ASP 122 ? CG  ? B ASP 3   CG  
50 1 Y 1 D ASP 122 ? OD1 ? B ASP 3   OD1 
51 1 Y 1 D ASP 122 ? OD2 ? B ASP 3   OD2 
# 
loop_
_pdbx_unobs_or_zero_occ_residues.id 
_pdbx_unobs_or_zero_occ_residues.PDB_model_num 
_pdbx_unobs_or_zero_occ_residues.polymer_flag 
_pdbx_unobs_or_zero_occ_residues.occupancy_flag 
_pdbx_unobs_or_zero_occ_residues.auth_asym_id 
_pdbx_unobs_or_zero_occ_residues.auth_comp_id 
_pdbx_unobs_or_zero_occ_residues.auth_seq_id 
_pdbx_unobs_or_zero_occ_residues.PDB_ins_code 
_pdbx_unobs_or_zero_occ_residues.label_asym_id 
_pdbx_unobs_or_zero_occ_residues.label_comp_id 
_pdbx_unobs_or_zero_occ_residues.label_seq_id 
1  1 Y 1 A MET 1   ? A MET 1   
2  1 Y 1 A PRO 2   ? A PRO 2   
3  1 Y 1 A SER 3   ? A SER 3   
4  1 Y 1 A GLU 4   ? A GLU 4   
5  1 Y 1 A GLY 120 ? A GLY 120 
6  1 Y 1 A THR 121 ? A THR 121 
7  1 Y 1 A ALA 122 ? A ALA 122 
8  1 Y 1 A MET 123 ? A MET 123 
9  1 Y 1 A ALA 124 ? A ALA 124 
10 1 Y 1 A VAL 125 ? A VAL 125 
11 1 Y 1 D PRO 120 ? B PRO 1   
12 1 Y 1 D GLN 137 ? B GLN 18  
13 1 Y 1 D ALA 138 ? B ALA 19  
14 1 Y 1 D ALA 139 ? B ALA 20  
15 1 Y 1 D ALA 140 ? B ALA 21  
16 1 Y 1 D SER 141 ? B SER 22  
17 1 Y 1 D HIS 142 ? B HIS 23  
18 1 Y 1 D ALA 143 ? B ALA 24  
19 1 Y 1 D PRO 144 ? B PRO 25  
20 1 Y 1 D SER 145 ? B SER 26  
# 
loop_
_chem_comp_atom.comp_id 
_chem_comp_atom.atom_id 
_chem_comp_atom.type_symbol 
_chem_comp_atom.pdbx_aromatic_flag 
_chem_comp_atom.pdbx_stereo_config 
_chem_comp_atom.pdbx_ordinal 
ALA N    N  N N 1   
ALA CA   C  N S 2   
ALA C    C  N N 3   
ALA O    O  N N 4   
ALA CB   C  N N 5   
ALA OXT  O  N N 6   
ALA H    H  N N 7   
ALA H2   H  N N 8   
ALA HA   H  N N 9   
ALA HB1  H  N N 10  
ALA HB2  H  N N 11  
ALA HB3  H  N N 12  
ALA HXT  H  N N 13  
ARG N    N  N N 14  
ARG CA   C  N S 15  
ARG C    C  N N 16  
ARG O    O  N N 17  
ARG CB   C  N N 18  
ARG CG   C  N N 19  
ARG CD   C  N N 20  
ARG NE   N  N N 21  
ARG CZ   C  N N 22  
ARG NH1  N  N N 23  
ARG NH2  N  N N 24  
ARG OXT  O  N N 25  
ARG H    H  N N 26  
ARG H2   H  N N 27  
ARG HA   H  N N 28  
ARG HB2  H  N N 29  
ARG HB3  H  N N 30  
ARG HG2  H  N N 31  
ARG HG3  H  N N 32  
ARG HD2  H  N N 33  
ARG HD3  H  N N 34  
ARG HE   H  N N 35  
ARG HH11 H  N N 36  
ARG HH12 H  N N 37  
ARG HH21 H  N N 38  
ARG HH22 H  N N 39  
ARG HXT  H  N N 40  
ASN N    N  N N 41  
ASN CA   C  N S 42  
ASN C    C  N N 43  
ASN O    O  N N 44  
ASN CB   C  N N 45  
ASN CG   C  N N 46  
ASN OD1  O  N N 47  
ASN ND2  N  N N 48  
ASN OXT  O  N N 49  
ASN H    H  N N 50  
ASN H2   H  N N 51  
ASN HA   H  N N 52  
ASN HB2  H  N N 53  
ASN HB3  H  N N 54  
ASN HD21 H  N N 55  
ASN HD22 H  N N 56  
ASN HXT  H  N N 57  
ASP N    N  N N 58  
ASP CA   C  N S 59  
ASP C    C  N N 60  
ASP O    O  N N 61  
ASP CB   C  N N 62  
ASP CG   C  N N 63  
ASP OD1  O  N N 64  
ASP OD2  O  N N 65  
ASP OXT  O  N N 66  
ASP H    H  N N 67  
ASP H2   H  N N 68  
ASP HA   H  N N 69  
ASP HB2  H  N N 70  
ASP HB3  H  N N 71  
ASP HD2  H  N N 72  
ASP HXT  H  N N 73  
GLN N    N  N N 74  
GLN CA   C  N S 75  
GLN C    C  N N 76  
GLN O    O  N N 77  
GLN CB   C  N N 78  
GLN CG   C  N N 79  
GLN CD   C  N N 80  
GLN OE1  O  N N 81  
GLN NE2  N  N N 82  
GLN OXT  O  N N 83  
GLN H    H  N N 84  
GLN H2   H  N N 85  
GLN HA   H  N N 86  
GLN HB2  H  N N 87  
GLN HB3  H  N N 88  
GLN HG2  H  N N 89  
GLN HG3  H  N N 90  
GLN HE21 H  N N 91  
GLN HE22 H  N N 92  
GLN HXT  H  N N 93  
GLU N    N  N N 94  
GLU CA   C  N S 95  
GLU C    C  N N 96  
GLU O    O  N N 97  
GLU CB   C  N N 98  
GLU CG   C  N N 99  
GLU CD   C  N N 100 
GLU OE1  O  N N 101 
GLU OE2  O  N N 102 
GLU OXT  O  N N 103 
GLU H    H  N N 104 
GLU H2   H  N N 105 
GLU HA   H  N N 106 
GLU HB2  H  N N 107 
GLU HB3  H  N N 108 
GLU HG2  H  N N 109 
GLU HG3  H  N N 110 
GLU HE2  H  N N 111 
GLU HXT  H  N N 112 
GLY N    N  N N 113 
GLY CA   C  N N 114 
GLY C    C  N N 115 
GLY O    O  N N 116 
GLY OXT  O  N N 117 
GLY H    H  N N 118 
GLY H2   H  N N 119 
GLY HA2  H  N N 120 
GLY HA3  H  N N 121 
GLY HXT  H  N N 122 
HIS N    N  N N 123 
HIS CA   C  N S 124 
HIS C    C  N N 125 
HIS O    O  N N 126 
HIS CB   C  N N 127 
HIS CG   C  Y N 128 
HIS ND1  N  Y N 129 
HIS CD2  C  Y N 130 
HIS CE1  C  Y N 131 
HIS NE2  N  Y N 132 
HIS OXT  O  N N 133 
HIS H    H  N N 134 
HIS H2   H  N N 135 
HIS HA   H  N N 136 
HIS HB2  H  N N 137 
HIS HB3  H  N N 138 
HIS HD1  H  N N 139 
HIS HD2  H  N N 140 
HIS HE1  H  N N 141 
HIS HE2  H  N N 142 
HIS HXT  H  N N 143 
HOH O    O  N N 144 
HOH H1   H  N N 145 
HOH H2   H  N N 146 
ILE N    N  N N 147 
ILE CA   C  N S 148 
ILE C    C  N N 149 
ILE O    O  N N 150 
ILE CB   C  N S 151 
ILE CG1  C  N N 152 
ILE CG2  C  N N 153 
ILE CD1  C  N N 154 
ILE OXT  O  N N 155 
ILE H    H  N N 156 
ILE H2   H  N N 157 
ILE HA   H  N N 158 
ILE HB   H  N N 159 
ILE HG12 H  N N 160 
ILE HG13 H  N N 161 
ILE HG21 H  N N 162 
ILE HG22 H  N N 163 
ILE HG23 H  N N 164 
ILE HD11 H  N N 165 
ILE HD12 H  N N 166 
ILE HD13 H  N N 167 
ILE HXT  H  N N 168 
LEU N    N  N N 169 
LEU CA   C  N S 170 
LEU C    C  N N 171 
LEU O    O  N N 172 
LEU CB   C  N N 173 
LEU CG   C  N N 174 
LEU CD1  C  N N 175 
LEU CD2  C  N N 176 
LEU OXT  O  N N 177 
LEU H    H  N N 178 
LEU H2   H  N N 179 
LEU HA   H  N N 180 
LEU HB2  H  N N 181 
LEU HB3  H  N N 182 
LEU HG   H  N N 183 
LEU HD11 H  N N 184 
LEU HD12 H  N N 185 
LEU HD13 H  N N 186 
LEU HD21 H  N N 187 
LEU HD22 H  N N 188 
LEU HD23 H  N N 189 
LEU HXT  H  N N 190 
LYS N    N  N N 191 
LYS CA   C  N S 192 
LYS C    C  N N 193 
LYS O    O  N N 194 
LYS CB   C  N N 195 
LYS CG   C  N N 196 
LYS CD   C  N N 197 
LYS CE   C  N N 198 
LYS NZ   N  N N 199 
LYS OXT  O  N N 200 
LYS H    H  N N 201 
LYS H2   H  N N 202 
LYS HA   H  N N 203 
LYS HB2  H  N N 204 
LYS HB3  H  N N 205 
LYS HG2  H  N N 206 
LYS HG3  H  N N 207 
LYS HD2  H  N N 208 
LYS HD3  H  N N 209 
LYS HE2  H  N N 210 
LYS HE3  H  N N 211 
LYS HZ1  H  N N 212 
LYS HZ2  H  N N 213 
LYS HZ3  H  N N 214 
LYS HXT  H  N N 215 
MET N    N  N N 216 
MET CA   C  N S 217 
MET C    C  N N 218 
MET O    O  N N 219 
MET CB   C  N N 220 
MET CG   C  N N 221 
MET SD   S  N N 222 
MET CE   C  N N 223 
MET OXT  O  N N 224 
MET H    H  N N 225 
MET H2   H  N N 226 
MET HA   H  N N 227 
MET HB2  H  N N 228 
MET HB3  H  N N 229 
MET HG2  H  N N 230 
MET HG3  H  N N 231 
MET HE1  H  N N 232 
MET HE2  H  N N 233 
MET HE3  H  N N 234 
MET HXT  H  N N 235 
PHE N    N  N N 236 
PHE CA   C  N S 237 
PHE C    C  N N 238 
PHE O    O  N N 239 
PHE CB   C  N N 240 
PHE CG   C  Y N 241 
PHE CD1  C  Y N 242 
PHE CD2  C  Y N 243 
PHE CE1  C  Y N 244 
PHE CE2  C  Y N 245 
PHE CZ   C  Y N 246 
PHE OXT  O  N N 247 
PHE H    H  N N 248 
PHE H2   H  N N 249 
PHE HA   H  N N 250 
PHE HB2  H  N N 251 
PHE HB3  H  N N 252 
PHE HD1  H  N N 253 
PHE HD2  H  N N 254 
PHE HE1  H  N N 255 
PHE HE2  H  N N 256 
PHE HZ   H  N N 257 
PHE HXT  H  N N 258 
PRO N    N  N N 259 
PRO CA   C  N S 260 
PRO C    C  N N 261 
PRO O    O  N N 262 
PRO CB   C  N N 263 
PRO CG   C  N N 264 
PRO CD   C  N N 265 
PRO OXT  O  N N 266 
PRO H    H  N N 267 
PRO HA   H  N N 268 
PRO HB2  H  N N 269 
PRO HB3  H  N N 270 
PRO HG2  H  N N 271 
PRO HG3  H  N N 272 
PRO HD2  H  N N 273 
PRO HD3  H  N N 274 
PRO HXT  H  N N 275 
SER N    N  N N 276 
SER CA   C  N S 277 
SER C    C  N N 278 
SER O    O  N N 279 
SER CB   C  N N 280 
SER OG   O  N N 281 
SER OXT  O  N N 282 
SER H    H  N N 283 
SER H2   H  N N 284 
SER HA   H  N N 285 
SER HB2  H  N N 286 
SER HB3  H  N N 287 
SER HG   H  N N 288 
SER HXT  H  N N 289 
THR N    N  N N 290 
THR CA   C  N S 291 
THR C    C  N N 292 
THR O    O  N N 293 
THR CB   C  N R 294 
THR OG1  O  N N 295 
THR CG2  C  N N 296 
THR OXT  O  N N 297 
THR H    H  N N 298 
THR H2   H  N N 299 
THR HA   H  N N 300 
THR HB   H  N N 301 
THR HG1  H  N N 302 
THR HG21 H  N N 303 
THR HG22 H  N N 304 
THR HG23 H  N N 305 
THR HXT  H  N N 306 
TRP N    N  N N 307 
TRP CA   C  N S 308 
TRP C    C  N N 309 
TRP O    O  N N 310 
TRP CB   C  N N 311 
TRP CG   C  Y N 312 
TRP CD1  C  Y N 313 
TRP CD2  C  Y N 314 
TRP NE1  N  Y N 315 
TRP CE2  C  Y N 316 
TRP CE3  C  Y N 317 
TRP CZ2  C  Y N 318 
TRP CZ3  C  Y N 319 
TRP CH2  C  Y N 320 
TRP OXT  O  N N 321 
TRP H    H  N N 322 
TRP H2   H  N N 323 
TRP HA   H  N N 324 
TRP HB2  H  N N 325 
TRP HB3  H  N N 326 
TRP HD1  H  N N 327 
TRP HE1  H  N N 328 
TRP HE3  H  N N 329 
TRP HZ2  H  N N 330 
TRP HZ3  H  N N 331 
TRP HH2  H  N N 332 
TRP HXT  H  N N 333 
TYR N    N  N N 334 
TYR CA   C  N S 335 
TYR C    C  N N 336 
TYR O    O  N N 337 
TYR CB   C  N N 338 
TYR CG   C  Y N 339 
TYR CD1  C  Y N 340 
TYR CD2  C  Y N 341 
TYR CE1  C  Y N 342 
TYR CE2  C  Y N 343 
TYR CZ   C  Y N 344 
TYR OH   O  N N 345 
TYR OXT  O  N N 346 
TYR H    H  N N 347 
TYR H2   H  N N 348 
TYR HA   H  N N 349 
TYR HB2  H  N N 350 
TYR HB3  H  N N 351 
TYR HD1  H  N N 352 
TYR HD2  H  N N 353 
TYR HE1  H  N N 354 
TYR HE2  H  N N 355 
TYR HH   H  N N 356 
TYR HXT  H  N N 357 
VAL N    N  N N 358 
VAL CA   C  N S 359 
VAL C    C  N N 360 
VAL O    O  N N 361 
VAL CB   C  N N 362 
VAL CG1  C  N N 363 
VAL CG2  C  N N 364 
VAL OXT  O  N N 365 
VAL H    H  N N 366 
VAL H2   H  N N 367 
VAL HA   H  N N 368 
VAL HB   H  N N 369 
VAL HG11 H  N N 370 
VAL HG12 H  N N 371 
VAL HG13 H  N N 372 
VAL HG21 H  N N 373 
VAL HG22 H  N N 374 
VAL HG23 H  N N 375 
VAL HXT  H  N N 376 
ZN  ZN   ZN N N 377 
# 
loop_
_chem_comp_bond.comp_id 
_chem_comp_bond.atom_id_1 
_chem_comp_bond.atom_id_2 
_chem_comp_bond.value_order 
_chem_comp_bond.pdbx_aromatic_flag 
_chem_comp_bond.pdbx_stereo_config 
_chem_comp_bond.pdbx_ordinal 
ALA N   CA   sing N N 1   
ALA N   H    sing N N 2   
ALA N   H2   sing N N 3   
ALA CA  C    sing N N 4   
ALA CA  CB   sing N N 5   
ALA CA  HA   sing N N 6   
ALA C   O    doub N N 7   
ALA C   OXT  sing N N 8   
ALA CB  HB1  sing N N 9   
ALA CB  HB2  sing N N 10  
ALA CB  HB3  sing N N 11  
ALA OXT HXT  sing N N 12  
ARG N   CA   sing N N 13  
ARG N   H    sing N N 14  
ARG N   H2   sing N N 15  
ARG CA  C    sing N N 16  
ARG CA  CB   sing N N 17  
ARG CA  HA   sing N N 18  
ARG C   O    doub N N 19  
ARG C   OXT  sing N N 20  
ARG CB  CG   sing N N 21  
ARG CB  HB2  sing N N 22  
ARG CB  HB3  sing N N 23  
ARG CG  CD   sing N N 24  
ARG CG  HG2  sing N N 25  
ARG CG  HG3  sing N N 26  
ARG CD  NE   sing N N 27  
ARG CD  HD2  sing N N 28  
ARG CD  HD3  sing N N 29  
ARG NE  CZ   sing N N 30  
ARG NE  HE   sing N N 31  
ARG CZ  NH1  sing N N 32  
ARG CZ  NH2  doub N N 33  
ARG NH1 HH11 sing N N 34  
ARG NH1 HH12 sing N N 35  
ARG NH2 HH21 sing N N 36  
ARG NH2 HH22 sing N N 37  
ARG OXT HXT  sing N N 38  
ASN N   CA   sing N N 39  
ASN N   H    sing N N 40  
ASN N   H2   sing N N 41  
ASN CA  C    sing N N 42  
ASN CA  CB   sing N N 43  
ASN CA  HA   sing N N 44  
ASN C   O    doub N N 45  
ASN C   OXT  sing N N 46  
ASN CB  CG   sing N N 47  
ASN CB  HB2  sing N N 48  
ASN CB  HB3  sing N N 49  
ASN CG  OD1  doub N N 50  
ASN CG  ND2  sing N N 51  
ASN ND2 HD21 sing N N 52  
ASN ND2 HD22 sing N N 53  
ASN OXT HXT  sing N N 54  
ASP N   CA   sing N N 55  
ASP N   H    sing N N 56  
ASP N   H2   sing N N 57  
ASP CA  C    sing N N 58  
ASP CA  CB   sing N N 59  
ASP CA  HA   sing N N 60  
ASP C   O    doub N N 61  
ASP C   OXT  sing N N 62  
ASP CB  CG   sing N N 63  
ASP CB  HB2  sing N N 64  
ASP CB  HB3  sing N N 65  
ASP CG  OD1  doub N N 66  
ASP CG  OD2  sing N N 67  
ASP OD2 HD2  sing N N 68  
ASP OXT HXT  sing N N 69  
GLN N   CA   sing N N 70  
GLN N   H    sing N N 71  
GLN N   H2   sing N N 72  
GLN CA  C    sing N N 73  
GLN CA  CB   sing N N 74  
GLN CA  HA   sing N N 75  
GLN C   O    doub N N 76  
GLN C   OXT  sing N N 77  
GLN CB  CG   sing N N 78  
GLN CB  HB2  sing N N 79  
GLN CB  HB3  sing N N 80  
GLN CG  CD   sing N N 81  
GLN CG  HG2  sing N N 82  
GLN CG  HG3  sing N N 83  
GLN CD  OE1  doub N N 84  
GLN CD  NE2  sing N N 85  
GLN NE2 HE21 sing N N 86  
GLN NE2 HE22 sing N N 87  
GLN OXT HXT  sing N N 88  
GLU N   CA   sing N N 89  
GLU N   H    sing N N 90  
GLU N   H2   sing N N 91  
GLU CA  C    sing N N 92  
GLU CA  CB   sing N N 93  
GLU CA  HA   sing N N 94  
GLU C   O    doub N N 95  
GLU C   OXT  sing N N 96  
GLU CB  CG   sing N N 97  
GLU CB  HB2  sing N N 98  
GLU CB  HB3  sing N N 99  
GLU CG  CD   sing N N 100 
GLU CG  HG2  sing N N 101 
GLU CG  HG3  sing N N 102 
GLU CD  OE1  doub N N 103 
GLU CD  OE2  sing N N 104 
GLU OE2 HE2  sing N N 105 
GLU OXT HXT  sing N N 106 
GLY N   CA   sing N N 107 
GLY N   H    sing N N 108 
GLY N   H2   sing N N 109 
GLY CA  C    sing N N 110 
GLY CA  HA2  sing N N 111 
GLY CA  HA3  sing N N 112 
GLY C   O    doub N N 113 
GLY C   OXT  sing N N 114 
GLY OXT HXT  sing N N 115 
HIS N   CA   sing N N 116 
HIS N   H    sing N N 117 
HIS N   H2   sing N N 118 
HIS CA  C    sing N N 119 
HIS CA  CB   sing N N 120 
HIS CA  HA   sing N N 121 
HIS C   O    doub N N 122 
HIS C   OXT  sing N N 123 
HIS CB  CG   sing N N 124 
HIS CB  HB2  sing N N 125 
HIS CB  HB3  sing N N 126 
HIS CG  ND1  sing Y N 127 
HIS CG  CD2  doub Y N 128 
HIS ND1 CE1  doub Y N 129 
HIS ND1 HD1  sing N N 130 
HIS CD2 NE2  sing Y N 131 
HIS CD2 HD2  sing N N 132 
HIS CE1 NE2  sing Y N 133 
HIS CE1 HE1  sing N N 134 
HIS NE2 HE2  sing N N 135 
HIS OXT HXT  sing N N 136 
HOH O   H1   sing N N 137 
HOH O   H2   sing N N 138 
ILE N   CA   sing N N 139 
ILE N   H    sing N N 140 
ILE N   H2   sing N N 141 
ILE CA  C    sing N N 142 
ILE CA  CB   sing N N 143 
ILE CA  HA   sing N N 144 
ILE C   O    doub N N 145 
ILE C   OXT  sing N N 146 
ILE CB  CG1  sing N N 147 
ILE CB  CG2  sing N N 148 
ILE CB  HB   sing N N 149 
ILE CG1 CD1  sing N N 150 
ILE CG1 HG12 sing N N 151 
ILE CG1 HG13 sing N N 152 
ILE CG2 HG21 sing N N 153 
ILE CG2 HG22 sing N N 154 
ILE CG2 HG23 sing N N 155 
ILE CD1 HD11 sing N N 156 
ILE CD1 HD12 sing N N 157 
ILE CD1 HD13 sing N N 158 
ILE OXT HXT  sing N N 159 
LEU N   CA   sing N N 160 
LEU N   H    sing N N 161 
LEU N   H2   sing N N 162 
LEU CA  C    sing N N 163 
LEU CA  CB   sing N N 164 
LEU CA  HA   sing N N 165 
LEU C   O    doub N N 166 
LEU C   OXT  sing N N 167 
LEU CB  CG   sing N N 168 
LEU CB  HB2  sing N N 169 
LEU CB  HB3  sing N N 170 
LEU CG  CD1  sing N N 171 
LEU CG  CD2  sing N N 172 
LEU CG  HG   sing N N 173 
LEU CD1 HD11 sing N N 174 
LEU CD1 HD12 sing N N 175 
LEU CD1 HD13 sing N N 176 
LEU CD2 HD21 sing N N 177 
LEU CD2 HD22 sing N N 178 
LEU CD2 HD23 sing N N 179 
LEU OXT HXT  sing N N 180 
LYS N   CA   sing N N 181 
LYS N   H    sing N N 182 
LYS N   H2   sing N N 183 
LYS CA  C    sing N N 184 
LYS CA  CB   sing N N 185 
LYS CA  HA   sing N N 186 
LYS C   O    doub N N 187 
LYS C   OXT  sing N N 188 
LYS CB  CG   sing N N 189 
LYS CB  HB2  sing N N 190 
LYS CB  HB3  sing N N 191 
LYS CG  CD   sing N N 192 
LYS CG  HG2  sing N N 193 
LYS CG  HG3  sing N N 194 
LYS CD  CE   sing N N 195 
LYS CD  HD2  sing N N 196 
LYS CD  HD3  sing N N 197 
LYS CE  NZ   sing N N 198 
LYS CE  HE2  sing N N 199 
LYS CE  HE3  sing N N 200 
LYS NZ  HZ1  sing N N 201 
LYS NZ  HZ2  sing N N 202 
LYS NZ  HZ3  sing N N 203 
LYS OXT HXT  sing N N 204 
MET N   CA   sing N N 205 
MET N   H    sing N N 206 
MET N   H2   sing N N 207 
MET CA  C    sing N N 208 
MET CA  CB   sing N N 209 
MET CA  HA   sing N N 210 
MET C   O    doub N N 211 
MET C   OXT  sing N N 212 
MET CB  CG   sing N N 213 
MET CB  HB2  sing N N 214 
MET CB  HB3  sing N N 215 
MET CG  SD   sing N N 216 
MET CG  HG2  sing N N 217 
MET CG  HG3  sing N N 218 
MET SD  CE   sing N N 219 
MET CE  HE1  sing N N 220 
MET CE  HE2  sing N N 221 
MET CE  HE3  sing N N 222 
MET OXT HXT  sing N N 223 
PHE N   CA   sing N N 224 
PHE N   H    sing N N 225 
PHE N   H2   sing N N 226 
PHE CA  C    sing N N 227 
PHE CA  CB   sing N N 228 
PHE CA  HA   sing N N 229 
PHE C   O    doub N N 230 
PHE C   OXT  sing N N 231 
PHE CB  CG   sing N N 232 
PHE CB  HB2  sing N N 233 
PHE CB  HB3  sing N N 234 
PHE CG  CD1  doub Y N 235 
PHE CG  CD2  sing Y N 236 
PHE CD1 CE1  sing Y N 237 
PHE CD1 HD1  sing N N 238 
PHE CD2 CE2  doub Y N 239 
PHE CD2 HD2  sing N N 240 
PHE CE1 CZ   doub Y N 241 
PHE CE1 HE1  sing N N 242 
PHE CE2 CZ   sing Y N 243 
PHE CE2 HE2  sing N N 244 
PHE CZ  HZ   sing N N 245 
PHE OXT HXT  sing N N 246 
PRO N   CA   sing N N 247 
PRO N   CD   sing N N 248 
PRO N   H    sing N N 249 
PRO CA  C    sing N N 250 
PRO CA  CB   sing N N 251 
PRO CA  HA   sing N N 252 
PRO C   O    doub N N 253 
PRO C   OXT  sing N N 254 
PRO CB  CG   sing N N 255 
PRO CB  HB2  sing N N 256 
PRO CB  HB3  sing N N 257 
PRO CG  CD   sing N N 258 
PRO CG  HG2  sing N N 259 
PRO CG  HG3  sing N N 260 
PRO CD  HD2  sing N N 261 
PRO CD  HD3  sing N N 262 
PRO OXT HXT  sing N N 263 
SER N   CA   sing N N 264 
SER N   H    sing N N 265 
SER N   H2   sing N N 266 
SER CA  C    sing N N 267 
SER CA  CB   sing N N 268 
SER CA  HA   sing N N 269 
SER C   O    doub N N 270 
SER C   OXT  sing N N 271 
SER CB  OG   sing N N 272 
SER CB  HB2  sing N N 273 
SER CB  HB3  sing N N 274 
SER OG  HG   sing N N 275 
SER OXT HXT  sing N N 276 
THR N   CA   sing N N 277 
THR N   H    sing N N 278 
THR N   H2   sing N N 279 
THR CA  C    sing N N 280 
THR CA  CB   sing N N 281 
THR CA  HA   sing N N 282 
THR C   O    doub N N 283 
THR C   OXT  sing N N 284 
THR CB  OG1  sing N N 285 
THR CB  CG2  sing N N 286 
THR CB  HB   sing N N 287 
THR OG1 HG1  sing N N 288 
THR CG2 HG21 sing N N 289 
THR CG2 HG22 sing N N 290 
THR CG2 HG23 sing N N 291 
THR OXT HXT  sing N N 292 
TRP N   CA   sing N N 293 
TRP N   H    sing N N 294 
TRP N   H2   sing N N 295 
TRP CA  C    sing N N 296 
TRP CA  CB   sing N N 297 
TRP CA  HA   sing N N 298 
TRP C   O    doub N N 299 
TRP C   OXT  sing N N 300 
TRP CB  CG   sing N N 301 
TRP CB  HB2  sing N N 302 
TRP CB  HB3  sing N N 303 
TRP CG  CD1  doub Y N 304 
TRP CG  CD2  sing Y N 305 
TRP CD1 NE1  sing Y N 306 
TRP CD1 HD1  sing N N 307 
TRP CD2 CE2  doub Y N 308 
TRP CD2 CE3  sing Y N 309 
TRP NE1 CE2  sing Y N 310 
TRP NE1 HE1  sing N N 311 
TRP CE2 CZ2  sing Y N 312 
TRP CE3 CZ3  doub Y N 313 
TRP CE3 HE3  sing N N 314 
TRP CZ2 CH2  doub Y N 315 
TRP CZ2 HZ2  sing N N 316 
TRP CZ3 CH2  sing Y N 317 
TRP CZ3 HZ3  sing N N 318 
TRP CH2 HH2  sing N N 319 
TRP OXT HXT  sing N N 320 
TYR N   CA   sing N N 321 
TYR N   H    sing N N 322 
TYR N   H2   sing N N 323 
TYR CA  C    sing N N 324 
TYR CA  CB   sing N N 325 
TYR CA  HA   sing N N 326 
TYR C   O    doub N N 327 
TYR C   OXT  sing N N 328 
TYR CB  CG   sing N N 329 
TYR CB  HB2  sing N N 330 
TYR CB  HB3  sing N N 331 
TYR CG  CD1  doub Y N 332 
TYR CG  CD2  sing Y N 333 
TYR CD1 CE1  sing Y N 334 
TYR CD1 HD1  sing N N 335 
TYR CD2 CE2  doub Y N 336 
TYR CD2 HD2  sing N N 337 
TYR CE1 CZ   doub Y N 338 
TYR CE1 HE1  sing N N 339 
TYR CE2 CZ   sing Y N 340 
TYR CE2 HE2  sing N N 341 
TYR CZ  OH   sing N N 342 
TYR OH  HH   sing N N 343 
TYR OXT HXT  sing N N 344 
VAL N   CA   sing N N 345 
VAL N   H    sing N N 346 
VAL N   H2   sing N N 347 
VAL CA  C    sing N N 348 
VAL CA  CB   sing N N 349 
VAL CA  HA   sing N N 350 
VAL C   O    doub N N 351 
VAL C   OXT  sing N N 352 
VAL CB  CG1  sing N N 353 
VAL CB  CG2  sing N N 354 
VAL CB  HB   sing N N 355 
VAL CG1 HG11 sing N N 356 
VAL CG1 HG12 sing N N 357 
VAL CG1 HG13 sing N N 358 
VAL CG2 HG21 sing N N 359 
VAL CG2 HG22 sing N N 360 
VAL CG2 HG23 sing N N 361 
VAL OXT HXT  sing N N 362 
# 
_pdbx_audit_support.funding_organization   'Research Grants Council (RGC)' 
_pdbx_audit_support.country                'Hong Kong' 
_pdbx_audit_support.grant_number           AoE-M09-12 
_pdbx_audit_support.ordinal                1 
# 
loop_
_pdbx_entity_nonpoly.entity_id 
_pdbx_entity_nonpoly.name 
_pdbx_entity_nonpoly.comp_id 
3 'ZINC ION' ZN  
4 water      HOH 
# 
_pdbx_initial_refinement_model.id               1 
_pdbx_initial_refinement_model.entity_id_list   ? 
_pdbx_initial_refinement_model.type             'experimental model' 
_pdbx_initial_refinement_model.source_name      PDB 
_pdbx_initial_refinement_model.accession_code   1UGM 
_pdbx_initial_refinement_model.details          ? 
# 
_pdbx_struct_assembly_auth_evidence.id                     1 
_pdbx_struct_assembly_auth_evidence.assembly_id            1 
_pdbx_struct_assembly_auth_evidence.experimental_support   'isothermal titration calorimetry' 
_pdbx_struct_assembly_auth_evidence.details                ? 
# 
